data_9HSA
#
_entry.id   9HSA
#
_entity_poly.entity_id   1
_entity_poly.type   'polypeptide(L)'
_entity_poly.pdbx_seq_one_letter_code
;SMDKEWISKLPKSPEPWTPEQEEAFLKRFAEKVDPEETLKKLEEWIKENIKKYPEYKDELEVAYNSAKLFLESPLVEGPG
KVRAIGRVLWTIKRLNIDSPFV
;
_entity_poly.pdbx_strand_id   A
#
# COMPACT_ATOMS: atom_id res chain seq x y z
N SER A 1 15.34 12.32 -22.62
CA SER A 1 15.73 11.12 -21.90
C SER A 1 14.69 10.01 -22.08
N MET A 2 13.49 10.24 -21.54
CA MET A 2 12.42 9.27 -21.65
C MET A 2 11.07 9.92 -21.32
N ASP A 3 9.99 9.29 -21.76
CA ASP A 3 8.64 9.80 -21.51
C ASP A 3 8.18 9.44 -20.10
N LYS A 4 7.23 10.21 -19.58
CA LYS A 4 6.70 9.98 -18.25
C LYS A 4 7.81 10.04 -17.19
N GLU A 5 8.21 11.26 -16.85
CA GLU A 5 9.26 11.46 -15.86
C GLU A 5 8.68 11.57 -14.46
N TRP A 6 7.84 10.59 -14.10
CA TRP A 6 7.21 10.58 -12.78
C TRP A 6 8.21 10.18 -11.71
N ILE A 7 9.08 9.23 -12.03
CA ILE A 7 10.10 8.77 -11.09
C ILE A 7 11.21 9.79 -10.94
N SER A 8 11.09 10.64 -9.92
CA SER A 8 12.10 11.67 -9.65
C SER A 8 11.81 12.38 -8.34
N LYS A 9 12.77 13.17 -7.88
CA LYS A 9 12.63 13.91 -6.63
C LYS A 9 12.70 15.42 -6.88
N LEU A 10 12.03 15.88 -7.93
CA LEU A 10 12.02 17.29 -8.29
C LEU A 10 11.16 18.09 -7.30
N PRO A 11 11.42 19.40 -7.21
CA PRO A 11 10.69 20.29 -6.32
C PRO A 11 9.25 20.51 -6.77
N LYS A 12 8.31 20.39 -5.84
CA LYS A 12 6.90 20.57 -6.14
C LYS A 12 6.44 19.60 -7.23
N SER A 13 5.90 18.46 -6.82
CA SER A 13 5.43 17.45 -7.76
C SER A 13 4.06 17.83 -8.32
N PRO A 14 3.69 17.23 -9.46
CA PRO A 14 2.40 17.48 -10.11
C PRO A 14 1.24 16.89 -9.32
N GLU A 15 0.02 17.24 -9.72
CA GLU A 15 -1.18 16.75 -9.06
C GLU A 15 -1.23 17.23 -7.61
N PRO A 16 -2.43 17.19 -7.02
CA PRO A 16 -2.65 17.62 -5.63
C PRO A 16 -2.02 16.66 -4.63
N TRP A 17 -0.78 16.94 -4.23
CA TRP A 17 -0.07 16.10 -3.28
C TRP A 17 0.16 16.85 -1.97
N THR A 18 -0.42 16.35 -0.89
CA THR A 18 -0.27 16.96 0.42
C THR A 18 -0.26 15.91 1.53
N PRO A 19 0.28 16.29 2.70
CA PRO A 19 0.36 15.40 3.86
C PRO A 19 -1.01 15.12 4.47
N GLU A 20 -1.92 16.09 4.35
CA GLU A 20 -3.26 15.94 4.90
C GLU A 20 -3.98 14.75 4.26
N GLN A 21 -3.98 14.70 2.93
CA GLN A 21 -4.63 13.62 2.20
C GLN A 21 -3.88 12.31 2.40
N GLU A 22 -2.55 12.40 2.45
CA GLU A 22 -1.71 11.22 2.63
C GLU A 22 -1.98 10.56 3.99
N GLU A 23 -1.86 11.35 5.04
CA GLU A 23 -2.08 10.84 6.40
C GLU A 23 -3.48 10.26 6.54
N ALA A 24 -4.45 10.88 5.86
CA ALA A 24 -5.83 10.43 5.91
C ALA A 24 -5.96 9.00 5.41
N PHE A 25 -5.29 8.71 4.29
CA PHE A 25 -5.33 7.38 3.70
C PHE A 25 -4.78 6.33 4.68
N LEU A 26 -3.59 6.61 5.21
CA LEU A 26 -2.96 5.70 6.16
C LEU A 26 -3.77 5.59 7.45
N LYS A 27 -4.40 6.69 7.84
CA LYS A 27 -5.22 6.72 9.05
C LYS A 27 -6.45 5.84 8.89
N ARG A 28 -6.97 5.77 7.67
CA ARG A 28 -8.15 4.96 7.40
C ARG A 28 -7.79 3.47 7.31
N PHE A 29 -6.68 3.18 6.64
CA PHE A 29 -6.22 1.80 6.49
C PHE A 29 -5.72 1.25 7.82
N ALA A 30 -4.92 2.05 8.52
CA ALA A 30 -4.38 1.64 9.81
C ALA A 30 -5.48 1.47 10.85
N GLU A 31 -6.61 2.12 10.60
CA GLU A 31 -7.74 2.05 11.52
C GLU A 31 -8.04 0.60 11.90
N LYS A 32 -7.84 -0.31 10.95
CA LYS A 32 -8.08 -1.73 11.19
C LYS A 32 -7.77 -2.55 9.94
N VAL A 33 -6.58 -3.15 9.91
CA VAL A 33 -6.16 -3.95 8.77
C VAL A 33 -5.42 -5.21 9.24
N ASP A 34 -5.37 -6.21 8.38
CA ASP A 34 -4.69 -7.46 8.69
C ASP A 34 -3.55 -7.73 7.72
N PRO A 35 -2.33 -7.83 8.25
CA PRO A 35 -1.13 -8.09 7.44
C PRO A 35 -1.12 -9.50 6.85
N GLU A 36 -1.59 -10.46 7.64
CA GLU A 36 -1.62 -11.85 7.20
C GLU A 36 -2.51 -12.01 5.97
N GLU A 37 -3.70 -11.43 6.03
CA GLU A 37 -4.64 -11.52 4.92
C GLU A 37 -4.21 -10.62 3.76
N THR A 38 -3.78 -9.39 4.10
CA THR A 38 -3.34 -8.44 3.10
C THR A 38 -2.12 -8.96 2.34
N LEU A 39 -1.27 -9.70 3.04
CA LEU A 39 -0.07 -10.26 2.43
C LEU A 39 -0.43 -11.18 1.26
N LYS A 40 -1.49 -11.94 1.43
CA LYS A 40 -1.94 -12.87 0.39
C LYS A 40 -2.47 -12.11 -0.82
N LYS A 41 -3.36 -11.15 -0.57
CA LYS A 41 -3.94 -10.34 -1.63
C LYS A 41 -2.88 -9.51 -2.33
N LEU A 42 -1.95 -8.97 -1.54
CA LEU A 42 -0.87 -8.15 -2.08
C LEU A 42 0.13 -9.00 -2.85
N GLU A 43 0.48 -10.16 -2.29
CA GLU A 43 1.42 -11.06 -2.93
C GLU A 43 0.88 -11.58 -4.25
N GLU A 44 -0.40 -11.94 -4.26
CA GLU A 44 -1.04 -12.45 -5.47
C GLU A 44 -1.18 -11.34 -6.53
N TRP A 45 -1.45 -10.12 -6.06
CA TRP A 45 -1.60 -8.98 -6.96
C TRP A 45 -0.30 -8.66 -7.65
N ILE A 46 0.77 -8.53 -6.87
CA ILE A 46 2.09 -8.22 -7.41
C ILE A 46 2.56 -9.32 -8.35
N LYS A 47 2.32 -10.57 -7.96
CA LYS A 47 2.73 -11.71 -8.76
C LYS A 47 2.12 -11.64 -10.16
N GLU A 48 0.82 -11.39 -10.23
CA GLU A 48 0.11 -11.29 -11.49
C GLU A 48 0.48 -10.00 -12.23
N ASN A 49 0.48 -8.90 -11.49
CA ASN A 49 0.81 -7.59 -12.06
C ASN A 49 2.20 -7.61 -12.68
N ILE A 50 3.12 -8.35 -12.06
CA ILE A 50 4.49 -8.46 -12.55
C ILE A 50 4.52 -9.11 -13.93
N LYS A 51 3.68 -10.12 -14.12
CA LYS A 51 3.61 -10.83 -15.38
C LYS A 51 3.09 -9.92 -16.50
N LYS A 52 2.21 -8.99 -16.14
CA LYS A 52 1.65 -8.06 -17.10
C LYS A 52 2.58 -6.87 -17.31
N TYR A 53 3.22 -6.43 -16.23
CA TYR A 53 4.14 -5.29 -16.30
C TYR A 53 5.47 -5.63 -15.63
N PRO A 54 6.36 -6.26 -16.40
CA PRO A 54 7.70 -6.65 -15.90
C PRO A 54 8.60 -5.45 -15.67
N GLU A 55 8.31 -4.35 -16.36
CA GLU A 55 9.10 -3.14 -16.22
C GLU A 55 8.95 -2.54 -14.82
N TYR A 56 7.80 -2.78 -14.21
CA TYR A 56 7.53 -2.27 -12.87
C TYR A 56 7.83 -3.32 -11.81
N LYS A 57 8.11 -4.55 -12.26
CA LYS A 57 8.43 -5.64 -11.35
C LYS A 57 9.49 -5.22 -10.34
N ASP A 58 10.49 -4.49 -10.81
CA ASP A 58 11.58 -4.02 -9.95
C ASP A 58 11.02 -3.21 -8.78
N GLU A 59 10.17 -2.24 -9.09
CA GLU A 59 9.57 -1.40 -8.06
C GLU A 59 8.61 -2.20 -7.18
N LEU A 60 7.85 -3.08 -7.81
CA LEU A 60 6.89 -3.91 -7.11
C LEU A 60 7.58 -4.82 -6.09
N GLU A 61 8.71 -5.39 -6.50
CA GLU A 61 9.46 -6.28 -5.62
C GLU A 61 9.95 -5.53 -4.39
N VAL A 62 10.36 -4.29 -4.58
CA VAL A 62 10.85 -3.46 -3.48
C VAL A 62 9.78 -3.29 -2.41
N ALA A 63 8.57 -2.92 -2.83
CA ALA A 63 7.46 -2.73 -1.91
C ALA A 63 7.16 -4.01 -1.14
N TYR A 64 7.07 -5.13 -1.86
CA TYR A 64 6.78 -6.42 -1.25
C TYR A 64 7.88 -6.82 -0.28
N ASN A 65 9.13 -6.53 -0.67
CA ASN A 65 10.28 -6.87 0.16
C ASN A 65 10.17 -6.21 1.53
N SER A 66 9.67 -4.98 1.57
CA SER A 66 9.51 -4.24 2.81
C SER A 66 8.38 -4.84 3.66
N ALA A 67 7.23 -5.04 3.04
CA ALA A 67 6.08 -5.61 3.74
C ALA A 67 6.38 -7.02 4.24
N LYS A 68 7.08 -7.79 3.43
CA LYS A 68 7.44 -9.15 3.79
C LYS A 68 8.46 -9.17 4.93
N LEU A 69 9.38 -8.21 4.90
CA LEU A 69 10.40 -8.11 5.93
C LEU A 69 9.78 -7.98 7.32
N PHE A 70 8.81 -7.08 7.45
CA PHE A 70 8.13 -6.86 8.72
C PHE A 70 7.21 -8.04 9.05
N LEU A 71 6.52 -8.55 8.03
CA LEU A 71 5.61 -9.67 8.22
C LEU A 71 6.36 -10.91 8.68
N GLU A 72 7.64 -11.00 8.32
CA GLU A 72 8.47 -12.13 8.70
C GLU A 72 8.73 -12.13 10.20
N SER A 73 8.68 -10.95 10.81
CA SER A 73 8.92 -10.81 12.24
C SER A 73 7.64 -10.39 12.96
N PRO A 74 6.72 -11.35 13.13
CA PRO A 74 5.44 -11.11 13.81
C PRO A 74 5.61 -10.87 15.30
N LEU A 75 6.04 -9.67 15.67
CA LEU A 75 6.25 -9.32 17.06
C LEU A 75 6.42 -7.81 17.24
N VAL A 76 7.12 -7.19 16.29
CA VAL A 76 7.36 -5.75 16.33
C VAL A 76 6.06 -4.98 16.12
N GLU A 77 5.35 -4.72 17.22
CA GLU A 77 4.09 -3.99 17.15
C GLU A 77 4.33 -2.49 17.26
N GLY A 78 4.71 -1.87 16.14
CA GLY A 78 4.96 -0.44 16.12
C GLY A 78 4.60 0.20 14.80
N PRO A 79 5.13 1.40 14.56
CA PRO A 79 4.87 2.15 13.33
C PRO A 79 5.54 1.51 12.11
N GLY A 80 6.56 0.70 12.37
CA GLY A 80 7.26 0.03 11.28
C GLY A 80 6.38 -0.94 10.53
N LYS A 81 5.52 -1.64 11.25
CA LYS A 81 4.62 -2.62 10.65
C LYS A 81 3.58 -1.92 9.77
N VAL A 82 2.94 -0.90 10.33
CA VAL A 82 1.93 -0.15 9.60
C VAL A 82 2.53 0.57 8.40
N ARG A 83 3.74 1.09 8.58
CA ARG A 83 4.43 1.81 7.51
C ARG A 83 4.82 0.85 6.38
N ALA A 84 5.17 -0.38 6.75
CA ALA A 84 5.56 -1.38 5.76
C ALA A 84 4.42 -1.69 4.80
N ILE A 85 3.22 -1.91 5.35
CA ILE A 85 2.06 -2.20 4.53
C ILE A 85 1.58 -0.97 3.78
N GLY A 86 1.50 0.16 4.48
CA GLY A 86 1.06 1.39 3.87
C GLY A 86 1.99 1.86 2.77
N ARG A 87 3.29 1.62 2.96
CA ARG A 87 4.29 2.02 1.98
C ARG A 87 4.04 1.33 0.64
N VAL A 88 3.64 0.06 0.69
CA VAL A 88 3.36 -0.70 -0.52
C VAL A 88 2.16 -0.14 -1.26
N LEU A 89 1.08 0.12 -0.53
CA LEU A 89 -0.14 0.65 -1.12
C LEU A 89 0.11 2.01 -1.76
N TRP A 90 0.98 2.81 -1.13
CA TRP A 90 1.31 4.13 -1.64
C TRP A 90 2.14 4.03 -2.91
N THR A 91 3.04 3.05 -2.95
CA THR A 91 3.90 2.84 -4.11
C THR A 91 3.07 2.60 -5.38
N ILE A 92 2.09 1.70 -5.27
CA ILE A 92 1.22 1.39 -6.40
C ILE A 92 0.38 2.58 -6.80
N LYS A 93 -0.05 3.36 -5.81
CA LYS A 93 -0.87 4.54 -6.05
C LYS A 93 -0.18 5.49 -7.04
N ARG A 94 1.09 5.77 -6.78
CA ARG A 94 1.85 6.66 -7.65
C ARG A 94 2.05 6.04 -9.03
N LEU A 95 2.24 4.73 -9.07
CA LEU A 95 2.43 4.02 -10.33
C LEU A 95 1.26 4.26 -11.27
N ASN A 96 0.11 4.59 -10.70
CA ASN A 96 -1.09 4.85 -11.49
C ASN A 96 -1.58 3.57 -12.16
N ILE A 97 -1.78 2.53 -11.36
CA ILE A 97 -2.26 1.25 -11.88
C ILE A 97 -3.54 0.81 -11.18
N ASP A 98 -4.62 0.74 -11.94
CA ASP A 98 -5.91 0.33 -11.40
C ASP A 98 -5.80 -0.99 -10.65
N SER A 99 -5.77 -0.92 -9.33
CA SER A 99 -5.65 -2.12 -8.50
C SER A 99 -6.79 -2.20 -7.49
N PRO A 100 -7.13 -3.43 -7.07
CA PRO A 100 -8.20 -3.66 -6.10
C PRO A 100 -7.83 -3.19 -4.70
N PHE A 101 -7.86 -1.87 -4.50
CA PHE A 101 -7.53 -1.29 -3.20
C PHE A 101 -8.20 0.07 -3.02
N VAL A 102 -8.06 0.92 -4.04
CA VAL A 102 -8.65 2.26 -4.00
C VAL A 102 -10.04 2.26 -4.62
N SER A 1 11.89 6.10 15.20
CA SER A 1 10.98 7.18 14.85
C SER A 1 9.64 7.01 15.56
N MET A 2 9.53 7.57 16.77
CA MET A 2 8.31 7.48 17.55
C MET A 2 7.29 8.50 17.08
N ASP A 3 6.40 8.07 16.18
CA ASP A 3 5.37 8.94 15.65
C ASP A 3 4.05 8.73 16.39
N LYS A 4 3.62 9.75 17.11
CA LYS A 4 2.37 9.68 17.87
C LYS A 4 1.30 10.58 17.25
N GLU A 5 0.46 10.00 16.40
CA GLU A 5 -0.60 10.74 15.74
C GLU A 5 -1.95 10.49 16.41
N TRP A 6 -1.99 10.65 17.72
CA TRP A 6 -3.21 10.43 18.49
C TRP A 6 -4.28 11.45 18.10
N ILE A 7 -3.87 12.70 17.97
CA ILE A 7 -4.79 13.78 17.61
C ILE A 7 -4.49 14.31 16.22
N SER A 8 -5.53 14.68 15.48
CA SER A 8 -5.38 15.21 14.13
C SER A 8 -6.61 16.00 13.72
N LYS A 9 -6.38 17.18 13.12
CA LYS A 9 -7.47 18.03 12.67
C LYS A 9 -7.44 18.20 11.16
N LEU A 10 -7.80 17.14 10.45
CA LEU A 10 -7.82 17.16 8.99
C LEU A 10 -8.86 18.16 8.48
N PRO A 11 -8.66 18.64 7.24
CA PRO A 11 -9.56 19.60 6.61
C PRO A 11 -10.91 18.98 6.25
N LYS A 12 -11.73 19.73 5.53
CA LYS A 12 -13.05 19.24 5.12
C LYS A 12 -12.98 18.62 3.72
N SER A 13 -12.41 19.35 2.78
CA SER A 13 -12.28 18.87 1.40
C SER A 13 -10.83 18.60 1.05
N PRO A 14 -10.61 17.80 0.00
CA PRO A 14 -9.27 17.44 -0.47
C PRO A 14 -8.55 18.62 -1.11
N GLU A 15 -7.40 18.36 -1.72
CA GLU A 15 -6.62 19.40 -2.37
C GLU A 15 -5.63 18.80 -3.36
N PRO A 16 -5.14 19.63 -4.30
CA PRO A 16 -4.19 19.21 -5.33
C PRO A 16 -2.81 18.91 -4.73
N TRP A 17 -2.50 17.63 -4.59
CA TRP A 17 -1.20 17.22 -4.04
C TRP A 17 -0.94 17.91 -2.72
N THR A 18 -1.55 17.40 -1.65
CA THR A 18 -1.37 17.98 -0.32
C THR A 18 -1.09 16.90 0.72
N PRO A 19 -0.50 17.30 1.85
CA PRO A 19 -0.17 16.38 2.94
C PRO A 19 -1.41 15.85 3.65
N GLU A 20 -2.45 16.68 3.71
CA GLU A 20 -3.69 16.30 4.37
C GLU A 20 -4.28 15.04 3.72
N GLN A 21 -4.38 15.05 2.40
CA GLN A 21 -4.92 13.92 1.67
C GLN A 21 -4.10 12.66 1.93
N GLU A 22 -2.78 12.81 1.92
CA GLU A 22 -1.89 11.67 2.15
C GLU A 22 -2.18 11.02 3.51
N GLU A 23 -2.13 11.83 4.56
CA GLU A 23 -2.37 11.33 5.91
C GLU A 23 -3.73 10.65 5.99
N ALA A 24 -4.70 11.17 5.26
CA ALA A 24 -6.05 10.60 5.24
C ALA A 24 -6.04 9.18 4.68
N PHE A 25 -5.26 8.99 3.62
CA PHE A 25 -5.16 7.67 2.98
C PHE A 25 -4.65 6.62 3.96
N LEU A 26 -3.60 6.97 4.69
CA LEU A 26 -3.01 6.06 5.67
C LEU A 26 -3.89 5.96 6.92
N LYS A 27 -4.55 7.06 7.26
CA LYS A 27 -5.42 7.10 8.43
C LYS A 27 -6.53 6.06 8.31
N ARG A 28 -7.13 5.98 7.12
CA ARG A 28 -8.21 5.03 6.88
C ARG A 28 -7.67 3.61 6.79
N PHE A 29 -6.48 3.47 6.23
CA PHE A 29 -5.84 2.15 6.09
C PHE A 29 -5.47 1.57 7.45
N ALA A 30 -4.78 2.38 8.26
CA ALA A 30 -4.37 1.95 9.58
C ALA A 30 -5.58 1.72 10.48
N GLU A 31 -6.69 2.36 10.16
CA GLU A 31 -7.92 2.22 10.94
C GLU A 31 -8.23 0.76 11.22
N LYS A 32 -7.89 -0.12 10.27
CA LYS A 32 -8.12 -1.54 10.41
C LYS A 32 -7.53 -2.31 9.24
N VAL A 33 -6.29 -2.76 9.40
CA VAL A 33 -5.60 -3.51 8.36
C VAL A 33 -4.86 -4.71 8.94
N ASP A 34 -4.91 -5.83 8.21
CA ASP A 34 -4.24 -7.05 8.66
C ASP A 34 -3.12 -7.43 7.70
N PRO A 35 -1.93 -7.71 8.26
CA PRO A 35 -0.75 -8.10 7.49
C PRO A 35 -0.89 -9.48 6.86
N GLU A 36 -1.53 -10.40 7.59
CA GLU A 36 -1.74 -11.75 7.11
C GLU A 36 -2.59 -11.76 5.84
N GLU A 37 -3.70 -11.03 5.88
CA GLU A 37 -4.60 -10.95 4.74
C GLU A 37 -4.02 -10.07 3.63
N THR A 38 -3.46 -8.93 4.03
CA THR A 38 -2.86 -8.00 3.09
C THR A 38 -1.69 -8.64 2.35
N LEU A 39 -0.96 -9.50 3.05
CA LEU A 39 0.19 -10.18 2.48
C LEU A 39 -0.22 -11.05 1.30
N LYS A 40 -1.35 -11.74 1.45
CA LYS A 40 -1.86 -12.61 0.39
C LYS A 40 -2.33 -11.80 -0.80
N LYS A 41 -3.15 -10.79 -0.54
CA LYS A 41 -3.68 -9.92 -1.60
C LYS A 41 -2.55 -9.16 -2.28
N LEU A 42 -1.57 -8.71 -1.49
CA LEU A 42 -0.44 -7.96 -2.02
C LEU A 42 0.50 -8.88 -2.80
N GLU A 43 0.76 -10.06 -2.24
CA GLU A 43 1.63 -11.03 -2.89
C GLU A 43 1.01 -11.56 -4.18
N GLU A 44 -0.28 -11.89 -4.11
CA GLU A 44 -1.00 -12.40 -5.28
C GLU A 44 -1.16 -11.33 -6.34
N TRP A 45 -1.38 -10.10 -5.90
CA TRP A 45 -1.55 -8.98 -6.82
C TRP A 45 -0.25 -8.67 -7.56
N ILE A 46 0.83 -8.53 -6.81
CA ILE A 46 2.13 -8.25 -7.39
C ILE A 46 2.57 -9.37 -8.32
N LYS A 47 2.32 -10.61 -7.91
CA LYS A 47 2.69 -11.77 -8.71
C LYS A 47 2.06 -11.70 -10.10
N GLU A 48 0.75 -11.44 -10.13
CA GLU A 48 0.03 -11.34 -11.40
C GLU A 48 0.39 -10.06 -12.13
N ASN A 49 0.40 -8.94 -11.41
CA ASN A 49 0.72 -7.66 -12.00
C ASN A 49 2.11 -7.67 -12.64
N ILE A 50 3.02 -8.42 -12.02
CA ILE A 50 4.39 -8.53 -12.53
C ILE A 50 4.41 -9.19 -13.91
N LYS A 51 3.55 -10.19 -14.09
CA LYS A 51 3.47 -10.90 -15.36
C LYS A 51 2.92 -9.99 -16.47
N LYS A 52 2.04 -9.07 -16.08
CA LYS A 52 1.44 -8.14 -17.03
C LYS A 52 2.36 -6.95 -17.27
N TYR A 53 3.04 -6.50 -16.21
CA TYR A 53 3.96 -5.37 -16.32
C TYR A 53 5.30 -5.71 -15.67
N PRO A 54 6.19 -6.35 -16.45
CA PRO A 54 7.52 -6.73 -15.98
C PRO A 54 8.43 -5.52 -15.78
N GLU A 55 8.13 -4.43 -16.47
CA GLU A 55 8.92 -3.21 -16.36
C GLU A 55 8.79 -2.60 -14.97
N TYR A 56 7.66 -2.87 -14.31
CA TYR A 56 7.41 -2.34 -12.97
C TYR A 56 7.71 -3.39 -11.91
N LYS A 57 8.00 -4.60 -12.35
CA LYS A 57 8.32 -5.70 -11.44
C LYS A 57 9.36 -5.27 -10.41
N ASP A 58 10.39 -4.57 -10.88
CA ASP A 58 11.45 -4.10 -9.99
C ASP A 58 10.88 -3.27 -8.85
N GLU A 59 10.02 -2.31 -9.18
CA GLU A 59 9.40 -1.45 -8.19
C GLU A 59 8.49 -2.25 -7.26
N LEU A 60 7.69 -3.14 -7.84
CA LEU A 60 6.77 -3.97 -7.06
C LEU A 60 7.54 -4.84 -6.07
N GLU A 61 8.66 -5.41 -6.52
CA GLU A 61 9.48 -6.25 -5.67
C GLU A 61 9.97 -5.48 -4.44
N VAL A 62 10.29 -4.20 -4.65
CA VAL A 62 10.79 -3.35 -3.57
C VAL A 62 9.73 -3.21 -2.47
N ALA A 63 8.51 -2.87 -2.87
CA ALA A 63 7.42 -2.71 -1.91
C ALA A 63 7.17 -3.99 -1.14
N TYR A 64 7.10 -5.10 -1.85
CA TYR A 64 6.85 -6.40 -1.23
C TYR A 64 8.00 -6.77 -0.29
N ASN A 65 9.22 -6.45 -0.69
CA ASN A 65 10.40 -6.74 0.12
C ASN A 65 10.29 -6.08 1.49
N SER A 66 9.75 -4.87 1.53
CA SER A 66 9.59 -4.14 2.78
C SER A 66 8.51 -4.77 3.65
N ALA A 67 7.34 -5.00 3.05
CA ALA A 67 6.22 -5.60 3.76
C ALA A 67 6.58 -7.00 4.27
N LYS A 68 7.28 -7.76 3.44
CA LYS A 68 7.68 -9.11 3.80
C LYS A 68 8.70 -9.09 4.92
N LEU A 69 9.59 -8.11 4.90
CA LEU A 69 10.62 -7.98 5.92
C LEU A 69 10.00 -7.87 7.31
N PHE A 70 9.00 -6.99 7.44
CA PHE A 70 8.33 -6.79 8.71
C PHE A 70 7.44 -7.99 9.05
N LEU A 71 6.84 -8.58 8.02
CA LEU A 71 5.97 -9.74 8.20
C LEU A 71 6.77 -10.95 8.68
N GLU A 72 8.05 -10.98 8.33
CA GLU A 72 8.92 -12.09 8.73
C GLU A 72 9.15 -12.10 10.23
N SER A 73 8.98 -10.93 10.85
CA SER A 73 9.17 -10.81 12.29
C SER A 73 7.85 -10.53 13.00
N PRO A 74 7.01 -11.57 13.14
CA PRO A 74 5.70 -11.46 13.79
C PRO A 74 5.83 -11.23 15.30
N LEU A 75 6.02 -9.97 15.68
CA LEU A 75 6.15 -9.61 17.09
C LEU A 75 6.25 -8.10 17.26
N VAL A 76 6.92 -7.45 16.31
CA VAL A 76 7.10 -6.00 16.36
C VAL A 76 5.78 -5.28 16.15
N GLU A 77 5.03 -5.07 17.24
CA GLU A 77 3.75 -4.40 17.17
C GLU A 77 3.92 -2.89 17.29
N GLY A 78 4.56 -2.29 16.28
CA GLY A 78 4.78 -0.86 16.29
C GLY A 78 4.37 -0.20 14.98
N PRO A 79 4.87 1.03 14.76
CA PRO A 79 4.58 1.79 13.53
C PRO A 79 5.24 1.18 12.30
N GLY A 80 6.28 0.39 12.52
CA GLY A 80 6.99 -0.24 11.43
C GLY A 80 6.11 -1.20 10.64
N LYS A 81 5.24 -1.92 11.36
CA LYS A 81 4.34 -2.87 10.72
C LYS A 81 3.29 -2.16 9.88
N VAL A 82 2.65 -1.15 10.46
CA VAL A 82 1.63 -0.39 9.76
C VAL A 82 2.23 0.38 8.59
N ARG A 83 3.43 0.91 8.79
CA ARG A 83 4.12 1.67 7.75
C ARG A 83 4.54 0.77 6.61
N ALA A 84 4.91 -0.47 6.94
CA ALA A 84 5.34 -1.43 5.94
C ALA A 84 4.23 -1.72 4.93
N ILE A 85 3.02 -1.97 5.44
CA ILE A 85 1.88 -2.26 4.59
C ILE A 85 1.42 -1.00 3.85
N GLY A 86 1.31 0.10 4.59
CA GLY A 86 0.87 1.35 3.98
C GLY A 86 1.83 1.85 2.93
N ARG A 87 3.12 1.57 3.13
CA ARG A 87 4.14 2.00 2.18
C ARG A 87 3.90 1.39 0.81
N VAL A 88 3.64 0.09 0.78
CA VAL A 88 3.39 -0.63 -0.47
C VAL A 88 2.18 -0.06 -1.19
N LEU A 89 1.10 0.19 -0.44
CA LEU A 89 -0.12 0.73 -1.00
C LEU A 89 0.14 2.06 -1.70
N TRP A 90 1.04 2.86 -1.13
CA TRP A 90 1.38 4.15 -1.71
C TRP A 90 2.21 3.98 -2.98
N THR A 91 3.06 2.97 -2.99
CA THR A 91 3.91 2.69 -4.14
C THR A 91 3.07 2.45 -5.40
N ILE A 92 2.06 1.59 -5.26
CA ILE A 92 1.18 1.28 -6.39
C ILE A 92 0.34 2.49 -6.78
N LYS A 93 -0.07 3.27 -5.79
CA LYS A 93 -0.88 4.46 -6.04
C LYS A 93 -0.17 5.42 -6.98
N ARG A 94 1.10 5.69 -6.70
CA ARG A 94 1.89 6.59 -7.53
C ARG A 94 2.09 6.01 -8.93
N LEU A 95 2.29 4.70 -9.00
CA LEU A 95 2.49 4.02 -10.27
C LEU A 95 1.31 4.26 -11.22
N ASN A 96 0.17 4.59 -10.63
CA ASN A 96 -1.04 4.85 -11.42
C ASN A 96 -1.53 3.57 -12.10
N ILE A 97 -1.83 2.57 -11.30
CA ILE A 97 -2.32 1.30 -11.83
C ILE A 97 -3.59 0.85 -11.10
N ASP A 98 -4.68 0.77 -11.85
CA ASP A 98 -5.96 0.35 -11.28
C ASP A 98 -5.82 -0.98 -10.54
N SER A 99 -5.77 -0.90 -9.21
CA SER A 99 -5.63 -2.10 -8.39
C SER A 99 -6.75 -2.17 -7.35
N PRO A 100 -7.07 -3.40 -6.92
CA PRO A 100 -8.12 -3.64 -5.92
C PRO A 100 -7.72 -3.16 -4.53
N PHE A 101 -7.77 -1.84 -4.34
CA PHE A 101 -7.42 -1.24 -3.06
C PHE A 101 -8.10 0.11 -2.87
N VAL A 102 -7.79 1.04 -3.77
CA VAL A 102 -8.38 2.38 -3.71
C VAL A 102 -9.90 2.32 -3.84
N SER A 1 19.89 0.23 2.60
CA SER A 1 19.81 1.27 3.62
C SER A 1 20.01 2.65 3.00
N MET A 2 19.34 3.64 3.57
CA MET A 2 19.44 5.02 3.08
C MET A 2 19.31 6.01 4.22
N ASP A 3 18.21 5.91 4.96
CA ASP A 3 17.96 6.81 6.08
C ASP A 3 17.30 6.06 7.24
N LYS A 4 17.11 6.76 8.35
CA LYS A 4 16.49 6.17 9.54
C LYS A 4 16.00 7.26 10.49
N GLU A 5 15.32 8.26 9.94
CA GLU A 5 14.80 9.35 10.75
C GLU A 5 13.62 10.02 10.05
N TRP A 6 12.63 9.23 9.66
CA TRP A 6 11.45 9.76 8.97
C TRP A 6 10.39 10.17 9.98
N ILE A 7 10.28 9.41 11.06
CA ILE A 7 9.29 9.70 12.10
C ILE A 7 9.38 11.15 12.55
N SER A 8 8.24 11.72 12.92
CA SER A 8 8.18 13.11 13.37
C SER A 8 6.84 13.41 14.02
N LYS A 9 5.76 13.20 13.28
CA LYS A 9 4.41 13.44 13.78
C LYS A 9 4.24 14.91 14.17
N LEU A 10 4.69 15.80 13.29
CA LEU A 10 4.58 17.23 13.52
C LEU A 10 3.17 17.73 13.23
N PRO A 11 2.81 18.88 13.83
CA PRO A 11 1.50 19.49 13.64
C PRO A 11 1.30 20.04 12.24
N LYS A 12 0.05 20.14 11.81
CA LYS A 12 -0.27 20.65 10.47
C LYS A 12 -1.56 21.48 10.51
N SER A 13 -1.77 22.25 9.45
CA SER A 13 -2.96 23.10 9.36
C SER A 13 -3.89 22.60 8.25
N PRO A 14 -5.17 23.02 8.33
CA PRO A 14 -6.18 22.64 7.35
C PRO A 14 -5.94 23.28 5.99
N GLU A 15 -5.68 22.45 4.98
CA GLU A 15 -5.45 22.94 3.63
C GLU A 15 -5.20 21.79 2.67
N PRO A 16 -5.46 22.04 1.38
CA PRO A 16 -5.28 21.02 0.33
C PRO A 16 -3.80 20.72 0.07
N TRP A 17 -3.54 19.55 -0.49
CA TRP A 17 -2.17 19.13 -0.78
C TRP A 17 -1.28 19.28 0.45
N THR A 18 -1.51 18.43 1.45
CA THR A 18 -0.73 18.47 2.67
C THR A 18 -0.39 17.06 3.15
N PRO A 19 0.65 16.95 4.00
CA PRO A 19 1.09 15.67 4.54
C PRO A 19 0.09 15.09 5.54
N GLU A 20 -0.61 15.97 6.24
CA GLU A 20 -1.60 15.53 7.23
C GLU A 20 -2.66 14.66 6.58
N GLN A 21 -3.02 14.97 5.34
CA GLN A 21 -4.03 14.22 4.61
C GLN A 21 -3.61 12.76 4.45
N GLU A 22 -2.38 12.56 4.02
CA GLU A 22 -1.85 11.21 3.82
C GLU A 22 -1.86 10.43 5.14
N GLU A 23 -1.58 11.13 6.23
CA GLU A 23 -1.56 10.50 7.55
C GLU A 23 -2.94 9.96 7.93
N ALA A 24 -3.98 10.70 7.54
CA ALA A 24 -5.35 10.30 7.84
C ALA A 24 -5.71 9.02 7.11
N PHE A 25 -5.38 8.96 5.82
CA PHE A 25 -5.69 7.78 5.01
C PHE A 25 -4.98 6.54 5.57
N LEU A 26 -3.70 6.68 5.86
CA LEU A 26 -2.91 5.57 6.39
C LEU A 26 -3.38 5.22 7.80
N LYS A 27 -3.69 6.24 8.60
CA LYS A 27 -4.15 6.02 9.97
C LYS A 27 -5.52 5.35 9.99
N ARG A 28 -6.36 5.69 9.02
CA ARG A 28 -7.69 5.11 8.92
C ARG A 28 -7.63 3.70 8.36
N PHE A 29 -6.82 3.51 7.32
CA PHE A 29 -6.68 2.20 6.69
C PHE A 29 -5.95 1.23 7.62
N ALA A 30 -4.90 1.71 8.28
CA ALA A 30 -4.13 0.90 9.20
C ALA A 30 -5.00 0.37 10.33
N GLU A 31 -6.07 1.10 10.64
CA GLU A 31 -6.98 0.71 11.71
C GLU A 31 -8.13 -0.13 11.16
N LYS A 32 -7.85 -0.91 10.12
CA LYS A 32 -8.87 -1.76 9.50
C LYS A 32 -8.26 -2.63 8.41
N VAL A 33 -7.00 -3.02 8.60
CA VAL A 33 -6.30 -3.85 7.63
C VAL A 33 -5.48 -4.93 8.33
N ASP A 34 -5.48 -6.13 7.75
CA ASP A 34 -4.73 -7.25 8.32
C ASP A 34 -3.51 -7.57 7.46
N PRO A 35 -2.35 -7.72 8.12
CA PRO A 35 -1.10 -8.03 7.43
C PRO A 35 -1.08 -9.45 6.88
N GLU A 36 -1.75 -10.36 7.57
CA GLU A 36 -1.81 -11.76 7.15
C GLU A 36 -2.63 -11.91 5.88
N GLU A 37 -3.80 -11.27 5.85
CA GLU A 37 -4.67 -11.33 4.69
C GLU A 37 -4.14 -10.46 3.56
N THR A 38 -3.71 -9.25 3.90
CA THR A 38 -3.18 -8.32 2.92
C THR A 38 -1.96 -8.90 2.21
N LEU A 39 -1.18 -9.69 2.94
CA LEU A 39 0.02 -10.30 2.39
C LEU A 39 -0.32 -11.20 1.20
N LYS A 40 -1.47 -11.87 1.28
CA LYS A 40 -1.92 -12.75 0.22
C LYS A 40 -2.39 -11.94 -1.00
N LYS A 41 -3.26 -10.97 -0.75
CA LYS A 41 -3.77 -10.13 -1.82
C LYS A 41 -2.65 -9.33 -2.48
N LEU A 42 -1.72 -8.85 -1.66
CA LEU A 42 -0.59 -8.07 -2.16
C LEU A 42 0.38 -8.96 -2.93
N GLU A 43 0.66 -10.13 -2.38
CA GLU A 43 1.58 -11.07 -3.01
C GLU A 43 1.02 -11.58 -4.32
N GLU A 44 -0.26 -11.95 -4.31
CA GLU A 44 -0.93 -12.46 -5.51
C GLU A 44 -1.09 -11.36 -6.54
N TRP A 45 -1.36 -10.14 -6.09
CA TRP A 45 -1.54 -9.00 -6.98
C TRP A 45 -0.24 -8.67 -7.70
N ILE A 46 0.84 -8.52 -6.93
CA ILE A 46 2.14 -8.20 -7.50
C ILE A 46 2.63 -9.31 -8.42
N LYS A 47 2.40 -10.55 -8.01
CA LYS A 47 2.81 -11.70 -8.81
C LYS A 47 2.17 -11.66 -10.19
N GLU A 48 0.86 -11.44 -10.22
CA GLU A 48 0.13 -11.38 -11.48
C GLU A 48 0.47 -10.10 -12.25
N ASN A 49 0.42 -8.97 -11.55
CA ASN A 49 0.73 -7.68 -12.16
C ASN A 49 2.13 -7.69 -12.77
N ILE A 50 3.05 -8.37 -12.12
CA ILE A 50 4.43 -8.45 -12.60
C ILE A 50 4.49 -9.09 -13.97
N LYS A 51 3.66 -10.12 -14.18
CA LYS A 51 3.61 -10.81 -15.46
C LYS A 51 3.13 -9.89 -16.58
N LYS A 52 2.23 -8.97 -16.22
CA LYS A 52 1.69 -8.03 -17.19
C LYS A 52 2.61 -6.84 -17.37
N TYR A 53 3.25 -6.42 -16.28
CA TYR A 53 4.16 -5.29 -16.33
C TYR A 53 5.50 -5.64 -15.66
N PRO A 54 6.39 -6.27 -16.43
CA PRO A 54 7.72 -6.67 -15.93
C PRO A 54 8.63 -5.46 -15.68
N GLU A 55 8.33 -4.36 -16.35
CA GLU A 55 9.13 -3.14 -16.19
C GLU A 55 8.95 -2.55 -14.79
N TYR A 56 7.79 -2.80 -14.19
CA TYR A 56 7.49 -2.29 -12.86
C TYR A 56 7.80 -3.34 -11.79
N LYS A 57 8.09 -4.56 -12.24
CA LYS A 57 8.40 -5.65 -11.33
C LYS A 57 9.45 -5.23 -10.31
N ASP A 58 10.46 -4.49 -10.78
CA ASP A 58 11.54 -4.03 -9.91
C ASP A 58 10.97 -3.21 -8.74
N GLU A 59 10.11 -2.25 -9.05
CA GLU A 59 9.50 -1.42 -8.03
C GLU A 59 8.52 -2.22 -7.18
N LEU A 60 7.79 -3.11 -7.82
CA LEU A 60 6.82 -3.95 -7.12
C LEU A 60 7.51 -4.84 -6.09
N GLU A 61 8.65 -5.40 -6.47
CA GLU A 61 9.40 -6.28 -5.58
C GLU A 61 9.88 -5.52 -4.35
N VAL A 62 10.29 -4.28 -4.55
CA VAL A 62 10.77 -3.45 -3.45
C VAL A 62 9.70 -3.27 -2.38
N ALA A 63 8.49 -2.90 -2.81
CA ALA A 63 7.38 -2.70 -1.89
C ALA A 63 7.07 -3.99 -1.13
N TYR A 64 6.99 -5.10 -1.85
CA TYR A 64 6.70 -6.39 -1.23
C TYR A 64 7.80 -6.80 -0.26
N ASN A 65 9.05 -6.50 -0.64
CA ASN A 65 10.20 -6.83 0.20
C ASN A 65 10.08 -6.17 1.57
N SER A 66 9.55 -4.95 1.59
CA SER A 66 9.39 -4.22 2.84
C SER A 66 8.28 -4.82 3.69
N ALA A 67 7.12 -5.05 3.07
CA ALA A 67 5.99 -5.63 3.77
C ALA A 67 6.30 -7.04 4.27
N LYS A 68 6.99 -7.81 3.44
CA LYS A 68 7.36 -9.18 3.79
C LYS A 68 8.41 -9.19 4.90
N LEU A 69 9.32 -8.22 4.85
CA LEU A 69 10.37 -8.12 5.86
C LEU A 69 9.78 -8.01 7.26
N PHE A 70 8.81 -7.12 7.42
CA PHE A 70 8.16 -6.92 8.71
C PHE A 70 7.26 -8.11 9.06
N LEU A 71 6.55 -8.62 8.06
CA LEU A 71 5.66 -9.75 8.25
C LEU A 71 6.44 -10.97 8.74
N GLU A 72 7.71 -11.04 8.37
CA GLU A 72 8.56 -12.16 8.76
C GLU A 72 8.82 -12.14 10.26
N SER A 73 8.73 -10.96 10.86
CA SER A 73 8.98 -10.79 12.28
C SER A 73 7.68 -10.43 13.02
N PRO A 74 6.83 -11.45 13.24
CA PRO A 74 5.55 -11.26 13.94
C PRO A 74 5.72 -10.95 15.42
N LEU A 75 6.07 -9.70 15.71
CA LEU A 75 6.28 -9.27 17.09
C LEU A 75 6.27 -7.75 17.19
N VAL A 76 6.93 -7.09 16.24
CA VAL A 76 6.99 -5.63 16.22
C VAL A 76 5.62 -5.03 15.91
N GLU A 77 5.00 -4.43 16.92
CA GLU A 77 3.69 -3.81 16.76
C GLU A 77 3.80 -2.29 16.78
N GLY A 78 4.90 -1.77 16.22
CA GLY A 78 5.10 -0.34 16.17
C GLY A 78 4.72 0.26 14.84
N PRO A 79 5.24 1.47 14.55
CA PRO A 79 4.96 2.18 13.31
C PRO A 79 5.60 1.51 12.10
N GLY A 80 6.63 0.70 12.35
CA GLY A 80 7.32 0.01 11.29
C GLY A 80 6.42 -0.96 10.55
N LYS A 81 5.53 -1.63 11.28
CA LYS A 81 4.61 -2.58 10.69
C LYS A 81 3.58 -1.88 9.81
N VAL A 82 2.96 -0.85 10.35
CA VAL A 82 1.96 -0.09 9.61
C VAL A 82 2.57 0.62 8.41
N ARG A 83 3.79 1.12 8.58
CA ARG A 83 4.49 1.82 7.51
C ARG A 83 4.86 0.85 6.39
N ALA A 84 5.16 -0.40 6.76
CA ALA A 84 5.53 -1.42 5.78
C ALA A 84 4.38 -1.69 4.82
N ILE A 85 3.19 -1.90 5.37
CA ILE A 85 2.02 -2.18 4.56
C ILE A 85 1.55 -0.93 3.81
N GLY A 86 1.47 0.19 4.54
CA GLY A 86 1.05 1.43 3.92
C GLY A 86 1.98 1.90 2.82
N ARG A 87 3.27 1.60 2.98
CA ARG A 87 4.27 1.99 1.99
C ARG A 87 3.98 1.34 0.64
N VAL A 88 3.58 0.07 0.67
CA VAL A 88 3.27 -0.67 -0.54
C VAL A 88 2.06 -0.08 -1.26
N LEU A 89 1.01 0.21 -0.49
CA LEU A 89 -0.21 0.79 -1.05
C LEU A 89 0.09 2.12 -1.73
N TRP A 90 0.96 2.92 -1.13
CA TRP A 90 1.33 4.21 -1.68
C TRP A 90 2.17 4.04 -2.95
N THR A 91 3.02 3.02 -2.95
CA THR A 91 3.88 2.75 -4.10
C THR A 91 3.06 2.52 -5.36
N ILE A 92 2.04 1.67 -5.25
CA ILE A 92 1.18 1.38 -6.39
C ILE A 92 0.37 2.59 -6.80
N LYS A 93 -0.05 3.38 -5.81
CA LYS A 93 -0.84 4.57 -6.07
C LYS A 93 -0.12 5.49 -7.05
N ARG A 94 1.16 5.76 -6.78
CA ARG A 94 1.95 6.63 -7.64
C ARG A 94 2.14 6.01 -9.02
N LEU A 95 2.34 4.69 -9.06
CA LEU A 95 2.53 3.98 -10.32
C LEU A 95 1.33 4.20 -11.24
N ASN A 96 0.19 4.55 -10.67
CA ASN A 96 -1.02 4.79 -11.45
C ASN A 96 -1.52 3.49 -12.08
N ILE A 97 -1.85 2.51 -11.24
CA ILE A 97 -2.34 1.23 -11.73
C ILE A 97 -3.59 0.80 -10.96
N ASP A 98 -4.72 0.78 -11.65
CA ASP A 98 -5.98 0.39 -11.04
C ASP A 98 -5.86 -0.95 -10.32
N SER A 99 -5.76 -0.91 -9.00
CA SER A 99 -5.62 -2.12 -8.20
C SER A 99 -6.71 -2.21 -7.13
N PRO A 100 -7.05 -3.43 -6.73
CA PRO A 100 -8.08 -3.68 -5.71
C PRO A 100 -7.65 -3.23 -4.33
N PHE A 101 -7.62 -1.93 -4.11
CA PHE A 101 -7.21 -1.37 -2.82
C PHE A 101 -7.82 0.01 -2.60
N VAL A 102 -7.56 0.92 -3.53
CA VAL A 102 -8.08 2.28 -3.45
C VAL A 102 -9.60 2.27 -3.32
N SER A 1 -46.38 23.35 -7.35
CA SER A 1 -45.21 23.01 -6.54
C SER A 1 -43.95 23.62 -7.12
N MET A 2 -42.88 23.63 -6.32
CA MET A 2 -41.60 24.19 -6.75
C MET A 2 -40.47 23.72 -5.86
N ASP A 3 -39.30 23.53 -6.43
CA ASP A 3 -38.13 23.10 -5.68
C ASP A 3 -36.85 23.73 -6.23
N LYS A 4 -35.73 23.45 -5.57
CA LYS A 4 -34.44 23.99 -6.00
C LYS A 4 -33.43 22.87 -6.18
N GLU A 5 -33.12 22.17 -5.10
CA GLU A 5 -32.15 21.07 -5.14
C GLU A 5 -30.78 21.57 -5.59
N TRP A 6 -29.90 21.81 -4.63
CA TRP A 6 -28.55 22.30 -4.93
C TRP A 6 -27.76 21.24 -5.70
N ILE A 7 -27.76 20.02 -5.19
CA ILE A 7 -27.05 18.92 -5.84
C ILE A 7 -25.54 19.18 -5.82
N SER A 8 -24.77 18.10 -5.77
CA SER A 8 -23.31 18.20 -5.75
C SER A 8 -22.67 16.83 -5.96
N LYS A 9 -21.72 16.76 -6.89
CA LYS A 9 -21.03 15.52 -7.19
C LYS A 9 -19.53 15.74 -7.30
N LEU A 10 -18.88 15.97 -6.15
CA LEU A 10 -17.45 16.20 -6.12
C LEU A 10 -16.68 14.90 -6.29
N PRO A 11 -15.41 15.00 -6.72
CA PRO A 11 -14.55 13.84 -6.94
C PRO A 11 -14.14 13.17 -5.63
N LYS A 12 -13.78 13.98 -4.65
CA LYS A 12 -13.37 13.47 -3.34
C LYS A 12 -13.13 14.61 -2.36
N SER A 13 -12.09 15.39 -2.62
CA SER A 13 -11.75 16.52 -1.76
C SER A 13 -11.98 17.85 -2.47
N PRO A 14 -12.11 18.93 -1.69
CA PRO A 14 -12.33 20.27 -2.22
C PRO A 14 -11.11 20.82 -2.96
N GLU A 15 -9.92 20.45 -2.48
CA GLU A 15 -8.68 20.89 -3.10
C GLU A 15 -8.11 19.83 -4.03
N PRO A 16 -7.23 20.26 -4.94
CA PRO A 16 -6.59 19.35 -5.91
C PRO A 16 -5.60 18.39 -5.25
N TRP A 17 -4.84 18.91 -4.30
CA TRP A 17 -3.85 18.11 -3.58
C TRP A 17 -3.57 18.68 -2.20
N THR A 18 -3.53 17.80 -1.20
CA THR A 18 -3.28 18.22 0.18
C THR A 18 -2.70 17.07 0.99
N PRO A 19 -2.05 17.43 2.11
CA PRO A 19 -1.44 16.43 3.01
C PRO A 19 -2.48 15.61 3.77
N GLU A 20 -3.61 16.24 4.08
CA GLU A 20 -4.68 15.57 4.79
C GLU A 20 -5.16 14.33 4.03
N GLN A 21 -5.18 14.44 2.70
CA GLN A 21 -5.60 13.33 1.86
C GLN A 21 -4.75 12.09 2.08
N GLU A 22 -3.43 12.29 2.07
CA GLU A 22 -2.50 11.19 2.27
C GLU A 22 -2.65 10.60 3.67
N GLU A 23 -2.64 11.48 4.68
CA GLU A 23 -2.77 11.04 6.07
C GLU A 23 -4.07 10.27 6.27
N ALA A 24 -5.12 10.68 5.56
CA ALA A 24 -6.42 10.03 5.68
C ALA A 24 -6.35 8.59 5.15
N PHE A 25 -5.62 8.41 4.05
CA PHE A 25 -5.47 7.08 3.45
C PHE A 25 -4.84 6.10 4.43
N LEU A 26 -3.72 6.50 5.02
CA LEU A 26 -3.02 5.66 5.98
C LEU A 26 -3.79 5.56 7.30
N LYS A 27 -4.44 6.66 7.68
CA LYS A 27 -5.21 6.70 8.91
C LYS A 27 -6.43 5.79 8.82
N ARG A 28 -6.99 5.68 7.62
CA ARG A 28 -8.16 4.84 7.39
C ARG A 28 -7.77 3.36 7.35
N PHE A 29 -6.67 3.06 6.65
CA PHE A 29 -6.19 1.69 6.53
C PHE A 29 -5.62 1.20 7.85
N ALA A 30 -4.82 2.03 8.50
CA ALA A 30 -4.21 1.68 9.78
C ALA A 30 -5.28 1.52 10.86
N GLU A 31 -6.43 2.14 10.65
CA GLU A 31 -7.52 2.07 11.61
C GLU A 31 -7.79 0.62 12.02
N LYS A 32 -7.62 -0.30 11.07
CA LYS A 32 -7.85 -1.72 11.34
C LYS A 32 -7.59 -2.55 10.08
N VAL A 33 -6.41 -3.16 10.01
CA VAL A 33 -6.04 -3.99 8.87
C VAL A 33 -5.32 -5.26 9.32
N ASP A 34 -5.31 -6.26 8.45
CA ASP A 34 -4.65 -7.52 8.76
C ASP A 34 -3.49 -7.77 7.80
N PRO A 35 -2.26 -7.84 8.36
CA PRO A 35 -1.05 -8.08 7.59
C PRO A 35 -0.98 -9.50 7.02
N GLU A 36 -1.49 -10.45 7.79
CA GLU A 36 -1.49 -11.84 7.37
C GLU A 36 -2.28 -12.03 6.08
N GLU A 37 -3.49 -11.47 6.06
CA GLU A 37 -4.36 -11.57 4.89
C GLU A 37 -3.87 -10.67 3.77
N THR A 38 -3.47 -9.45 4.12
CA THR A 38 -2.98 -8.49 3.14
C THR A 38 -1.78 -9.04 2.38
N LEU A 39 -0.98 -9.87 3.06
CA LEU A 39 0.19 -10.46 2.46
C LEU A 39 -0.19 -11.31 1.24
N LYS A 40 -1.29 -12.04 1.36
CA LYS A 40 -1.76 -12.88 0.27
C LYS A 40 -2.25 -12.04 -0.90
N LYS A 41 -3.12 -11.08 -0.61
CA LYS A 41 -3.66 -10.20 -1.65
C LYS A 41 -2.56 -9.36 -2.27
N LEU A 42 -1.62 -8.92 -1.45
CA LEU A 42 -0.50 -8.11 -1.92
C LEU A 42 0.48 -8.94 -2.74
N GLU A 43 0.78 -10.14 -2.24
CA GLU A 43 1.71 -11.03 -2.92
C GLU A 43 1.11 -11.53 -4.24
N GLU A 44 -0.16 -11.90 -4.20
CA GLU A 44 -0.85 -12.39 -5.39
C GLU A 44 -1.03 -11.28 -6.42
N TRP A 45 -1.37 -10.08 -5.93
CA TRP A 45 -1.58 -8.93 -6.79
C TRP A 45 -0.30 -8.58 -7.55
N ILE A 46 0.80 -8.46 -6.82
CA ILE A 46 2.09 -8.13 -7.43
C ILE A 46 2.51 -9.20 -8.43
N LYS A 47 2.29 -10.46 -8.06
CA LYS A 47 2.66 -11.58 -8.91
C LYS A 47 1.96 -11.48 -10.27
N GLU A 48 0.65 -11.23 -10.24
CA GLU A 48 -0.13 -11.11 -11.47
C GLU A 48 0.20 -9.80 -12.19
N ASN A 49 0.23 -8.71 -11.44
CA ASN A 49 0.52 -7.40 -12.01
C ASN A 49 1.88 -7.39 -12.69
N ILE A 50 2.84 -8.09 -12.10
CA ILE A 50 4.19 -8.17 -12.65
C ILE A 50 4.16 -8.72 -14.07
N LYS A 51 3.29 -9.68 -14.31
CA LYS A 51 3.16 -10.29 -15.64
C LYS A 51 2.65 -9.28 -16.65
N LYS A 52 1.80 -8.36 -16.19
CA LYS A 52 1.24 -7.33 -17.06
C LYS A 52 2.22 -6.18 -17.25
N TYR A 53 2.84 -5.75 -16.15
CA TYR A 53 3.80 -4.66 -16.20
C TYR A 53 5.15 -5.09 -15.62
N PRO A 54 5.96 -5.76 -16.45
CA PRO A 54 7.29 -6.24 -16.05
C PRO A 54 8.28 -5.10 -15.84
N GLU A 55 8.01 -3.95 -16.47
CA GLU A 55 8.88 -2.79 -16.34
C GLU A 55 8.88 -2.26 -14.90
N TYR A 56 7.78 -2.52 -14.19
CA TYR A 56 7.65 -2.07 -12.81
C TYR A 56 7.88 -3.22 -11.83
N LYS A 57 8.10 -4.41 -12.38
CA LYS A 57 8.33 -5.59 -11.56
C LYS A 57 9.41 -5.33 -10.50
N ASP A 58 10.40 -4.52 -10.87
CA ASP A 58 11.48 -4.18 -9.95
C ASP A 58 10.96 -3.38 -8.77
N GLU A 59 10.18 -2.34 -9.05
CA GLU A 59 9.62 -1.50 -8.00
C GLU A 59 8.64 -2.29 -7.13
N LEU A 60 7.89 -3.18 -7.77
CA LEU A 60 6.92 -4.00 -7.06
C LEU A 60 7.61 -4.94 -6.06
N GLU A 61 8.70 -5.56 -6.51
CA GLU A 61 9.45 -6.47 -5.65
C GLU A 61 9.97 -5.74 -4.41
N VAL A 62 10.36 -4.49 -4.58
CA VAL A 62 10.87 -3.69 -3.48
C VAL A 62 9.81 -3.48 -2.40
N ALA A 63 8.62 -3.09 -2.83
CA ALA A 63 7.52 -2.87 -1.90
C ALA A 63 7.19 -4.14 -1.12
N TYR A 64 7.07 -5.25 -1.83
CA TYR A 64 6.76 -6.53 -1.20
C TYR A 64 7.86 -6.94 -0.22
N ASN A 65 9.11 -6.66 -0.59
CA ASN A 65 10.24 -7.01 0.26
C ASN A 65 10.12 -6.32 1.62
N SER A 66 9.65 -5.09 1.62
CA SER A 66 9.49 -4.33 2.86
C SER A 66 8.35 -4.88 3.70
N ALA A 67 7.20 -5.07 3.06
CA ALA A 67 6.02 -5.60 3.75
C ALA A 67 6.28 -7.01 4.28
N LYS A 68 6.98 -7.81 3.49
CA LYS A 68 7.30 -9.18 3.88
C LYS A 68 8.31 -9.19 5.02
N LEU A 69 9.25 -8.25 4.99
CA LEU A 69 10.27 -8.16 6.03
C LEU A 69 9.63 -8.01 7.41
N PHE A 70 8.70 -7.09 7.53
CA PHE A 70 8.01 -6.84 8.79
C PHE A 70 7.06 -7.98 9.12
N LEU A 71 6.31 -8.43 8.11
CA LEU A 71 5.36 -9.52 8.29
C LEU A 71 6.06 -10.80 8.72
N GLU A 72 7.34 -10.93 8.35
CA GLU A 72 8.13 -12.10 8.70
C GLU A 72 8.40 -12.14 10.20
N SER A 73 8.40 -10.96 10.82
CA SER A 73 8.66 -10.86 12.25
C SER A 73 7.41 -10.42 13.00
N PRO A 74 6.47 -11.36 13.19
CA PRO A 74 5.21 -11.10 13.89
C PRO A 74 5.41 -10.87 15.38
N LEU A 75 5.87 -9.67 15.74
CA LEU A 75 6.11 -9.31 17.13
C LEU A 75 6.26 -7.81 17.29
N VAL A 76 6.96 -7.18 16.36
CA VAL A 76 7.16 -5.73 16.39
C VAL A 76 5.86 -4.99 16.15
N GLU A 77 5.10 -4.76 17.21
CA GLU A 77 3.82 -4.06 17.12
C GLU A 77 4.04 -2.54 17.21
N GLY A 78 4.65 -1.98 16.17
CA GLY A 78 4.91 -0.55 16.16
C GLY A 78 4.53 0.10 14.84
N PRO A 79 5.03 1.32 14.61
CA PRO A 79 4.75 2.07 13.38
C PRO A 79 5.44 1.45 12.16
N GLY A 80 6.48 0.66 12.41
CA GLY A 80 7.21 0.03 11.33
C GLY A 80 6.36 -0.95 10.55
N LYS A 81 5.45 -1.62 11.25
CA LYS A 81 4.56 -2.60 10.62
C LYS A 81 3.55 -1.90 9.72
N VAL A 82 2.90 -0.87 10.26
CA VAL A 82 1.90 -0.12 9.51
C VAL A 82 2.54 0.62 8.33
N ARG A 83 3.75 1.13 8.56
CA ARG A 83 4.46 1.86 7.51
C ARG A 83 4.89 0.93 6.38
N ALA A 84 5.22 -0.30 6.74
CA ALA A 84 5.64 -1.29 5.75
C ALA A 84 4.52 -1.60 4.76
N ILE A 85 3.32 -1.84 5.29
CA ILE A 85 2.17 -2.13 4.46
C ILE A 85 1.70 -0.90 3.71
N GLY A 86 1.59 0.22 4.42
CA GLY A 86 1.15 1.46 3.81
C GLY A 86 2.10 1.95 2.74
N ARG A 87 3.40 1.70 2.95
CA ARG A 87 4.42 2.12 1.99
C ARG A 87 4.19 1.48 0.63
N VAL A 88 3.83 0.19 0.64
CA VAL A 88 3.59 -0.54 -0.59
C VAL A 88 2.37 0.01 -1.32
N LEU A 89 1.27 0.16 -0.60
CA LEU A 89 0.04 0.69 -1.19
C LEU A 89 0.28 2.04 -1.85
N TRP A 90 1.18 2.83 -1.26
CA TRP A 90 1.50 4.15 -1.80
C TRP A 90 2.26 4.03 -3.11
N THR A 91 3.15 3.04 -3.18
CA THR A 91 3.95 2.82 -4.39
C THR A 91 3.06 2.57 -5.60
N ILE A 92 2.05 1.72 -5.42
CA ILE A 92 1.13 1.39 -6.50
C ILE A 92 0.25 2.59 -6.85
N LYS A 93 -0.09 3.38 -5.84
CA LYS A 93 -0.93 4.56 -6.05
C LYS A 93 -0.29 5.50 -7.06
N ARG A 94 0.99 5.82 -6.85
CA ARG A 94 1.71 6.71 -7.75
C ARG A 94 1.94 6.05 -9.11
N LEU A 95 2.02 4.73 -9.12
CA LEU A 95 2.23 3.98 -10.34
C LEU A 95 1.07 4.18 -11.31
N ASN A 96 -0.08 4.57 -10.77
CA ASN A 96 -1.26 4.80 -11.59
C ASN A 96 -1.78 3.49 -12.18
N ILE A 97 -2.21 2.57 -11.31
CA ILE A 97 -2.72 1.29 -11.75
C ILE A 97 -3.92 0.86 -10.91
N ASP A 98 -5.10 0.88 -11.52
CA ASP A 98 -6.33 0.50 -10.84
C ASP A 98 -6.17 -0.87 -10.17
N SER A 99 -6.09 -0.86 -8.84
CA SER A 99 -5.93 -2.10 -8.08
C SER A 99 -7.03 -2.23 -7.03
N PRO A 100 -7.29 -3.47 -6.60
CA PRO A 100 -8.31 -3.76 -5.58
C PRO A 100 -7.92 -3.27 -4.20
N PHE A 101 -8.03 -1.96 -4.00
CA PHE A 101 -7.68 -1.35 -2.72
C PHE A 101 -8.45 -0.05 -2.51
N VAL A 102 -8.08 0.98 -3.26
CA VAL A 102 -8.74 2.27 -3.16
C VAL A 102 -10.21 2.18 -3.52
N SER A 1 -14.61 1.42 25.78
CA SER A 1 -15.72 1.87 24.96
C SER A 1 -15.30 2.06 23.50
N MET A 2 -15.91 1.28 22.61
CA MET A 2 -15.60 1.36 21.19
C MET A 2 -16.32 2.53 20.54
N ASP A 3 -17.57 2.74 20.93
CA ASP A 3 -18.37 3.83 20.38
C ASP A 3 -17.92 5.17 20.95
N LYS A 4 -17.49 6.07 20.05
CA LYS A 4 -17.02 7.38 20.46
C LYS A 4 -18.21 8.27 20.84
N GLU A 5 -18.97 8.71 19.84
CA GLU A 5 -20.11 9.57 20.08
C GLU A 5 -20.95 9.72 18.81
N TRP A 6 -20.47 10.53 17.87
CA TRP A 6 -21.17 10.76 16.62
C TRP A 6 -20.90 9.62 15.64
N ILE A 7 -19.63 9.28 15.46
CA ILE A 7 -19.25 8.21 14.56
C ILE A 7 -19.79 8.46 13.15
N SER A 8 -19.01 9.14 12.32
CA SER A 8 -19.42 9.44 10.96
C SER A 8 -18.27 10.06 10.16
N LYS A 9 -18.27 9.83 8.86
CA LYS A 9 -17.22 10.36 7.98
C LYS A 9 -17.58 10.14 6.52
N LEU A 10 -18.43 11.00 5.98
CA LEU A 10 -18.85 10.90 4.60
C LEU A 10 -17.75 11.38 3.66
N PRO A 11 -17.80 10.93 2.40
CA PRO A 11 -16.82 11.32 1.38
C PRO A 11 -16.95 12.78 0.96
N LYS A 12 -16.06 13.62 1.51
CA LYS A 12 -16.07 15.04 1.19
C LYS A 12 -14.64 15.58 1.08
N SER A 13 -13.80 14.86 0.35
CA SER A 13 -12.42 15.28 0.16
C SER A 13 -12.22 15.91 -1.22
N PRO A 14 -11.12 16.67 -1.36
CA PRO A 14 -10.79 17.34 -2.61
C PRO A 14 -10.37 16.37 -3.71
N GLU A 15 -9.92 16.91 -4.84
CA GLU A 15 -9.49 16.08 -5.95
C GLU A 15 -8.06 15.56 -5.74
N PRO A 16 -7.70 14.50 -6.46
CA PRO A 16 -6.37 13.88 -6.36
C PRO A 16 -5.28 14.78 -6.94
N TRP A 17 -4.78 15.70 -6.13
CA TRP A 17 -3.73 16.60 -6.57
C TRP A 17 -3.21 17.44 -5.41
N THR A 18 -3.19 16.84 -4.22
CA THR A 18 -2.73 17.54 -3.03
C THR A 18 -2.17 16.55 -2.00
N PRO A 19 -1.34 17.06 -1.07
CA PRO A 19 -0.73 16.24 -0.02
C PRO A 19 -1.75 15.77 1.00
N GLU A 20 -2.76 16.60 1.26
CA GLU A 20 -3.80 16.25 2.22
C GLU A 20 -4.50 14.96 1.84
N GLN A 21 -4.70 14.76 0.54
CA GLN A 21 -5.35 13.56 0.03
C GLN A 21 -4.58 12.31 0.43
N GLU A 22 -3.27 12.34 0.21
CA GLU A 22 -2.40 11.20 0.54
C GLU A 22 -2.45 10.92 2.05
N GLU A 23 -2.54 11.98 2.84
CA GLU A 23 -2.58 11.84 4.29
C GLU A 23 -3.83 11.09 4.73
N ALA A 24 -4.95 11.35 4.06
CA ALA A 24 -6.21 10.69 4.38
C ALA A 24 -6.15 9.20 4.06
N PHE A 25 -5.49 8.87 2.96
CA PHE A 25 -5.36 7.48 2.53
C PHE A 25 -4.64 6.65 3.60
N LEU A 26 -3.50 7.16 4.05
CA LEU A 26 -2.71 6.47 5.08
C LEU A 26 -3.37 6.59 6.44
N LYS A 27 -4.00 7.73 6.70
CA LYS A 27 -4.68 7.97 7.97
C LYS A 27 -5.82 6.99 8.17
N ARG A 28 -6.53 6.67 7.09
CA ARG A 28 -7.65 5.74 7.16
C ARG A 28 -7.15 4.30 7.25
N PHE A 29 -6.13 3.97 6.45
CA PHE A 29 -5.57 2.63 6.44
C PHE A 29 -4.91 2.32 7.78
N ALA A 30 -4.15 3.27 8.30
CA ALA A 30 -3.46 3.09 9.58
C ALA A 30 -4.45 2.85 10.70
N GLU A 31 -5.67 3.36 10.54
CA GLU A 31 -6.71 3.19 11.55
C GLU A 31 -6.83 1.74 11.98
N LYS A 32 -6.74 0.84 11.02
CA LYS A 32 -6.83 -0.59 11.29
C LYS A 32 -6.69 -1.41 10.01
N VAL A 33 -5.55 -2.09 9.88
CA VAL A 33 -5.30 -2.91 8.70
C VAL A 33 -4.81 -4.30 9.10
N ASP A 34 -5.01 -5.27 8.21
CA ASP A 34 -4.60 -6.64 8.47
C ASP A 34 -3.46 -7.05 7.53
N PRO A 35 -2.26 -7.25 8.10
CA PRO A 35 -1.07 -7.64 7.34
C PRO A 35 -1.17 -9.07 6.82
N GLU A 36 -1.77 -9.94 7.61
CA GLU A 36 -1.92 -11.34 7.21
C GLU A 36 -2.79 -11.47 5.97
N GLU A 37 -3.93 -10.79 5.97
CA GLU A 37 -4.84 -10.82 4.83
C GLU A 37 -4.30 -9.99 3.68
N THR A 38 -3.81 -8.79 4.00
CA THR A 38 -3.26 -7.90 2.99
C THR A 38 -2.06 -8.52 2.28
N LEU A 39 -1.30 -9.32 3.03
CA LEU A 39 -0.11 -9.97 2.48
C LEU A 39 -0.49 -10.88 1.31
N LYS A 40 -1.61 -11.57 1.45
CA LYS A 40 -2.09 -12.47 0.41
C LYS A 40 -2.54 -11.69 -0.82
N LYS A 41 -3.38 -10.69 -0.60
CA LYS A 41 -3.88 -9.86 -1.70
C LYS A 41 -2.74 -9.10 -2.37
N LEU A 42 -1.80 -8.62 -1.57
CA LEU A 42 -0.66 -7.88 -2.09
C LEU A 42 0.30 -8.80 -2.82
N GLU A 43 0.57 -9.96 -2.23
CA GLU A 43 1.48 -10.93 -2.84
C GLU A 43 0.91 -11.46 -4.15
N GLU A 44 -0.37 -11.82 -4.14
CA GLU A 44 -1.04 -12.34 -5.33
C GLU A 44 -1.18 -11.26 -6.39
N TRP A 45 -1.44 -10.03 -5.95
CA TRP A 45 -1.60 -8.91 -6.87
C TRP A 45 -0.29 -8.60 -7.58
N ILE A 46 0.78 -8.46 -6.81
CA ILE A 46 2.10 -8.16 -7.37
C ILE A 46 2.56 -9.29 -8.30
N LYS A 47 2.32 -10.52 -7.89
CA LYS A 47 2.71 -11.69 -8.67
C LYS A 47 2.08 -11.64 -10.06
N GLU A 48 0.78 -11.39 -10.11
CA GLU A 48 0.06 -11.31 -11.37
C GLU A 48 0.42 -10.04 -12.14
N ASN A 49 0.43 -8.91 -11.42
CA ASN A 49 0.76 -7.63 -12.02
C ASN A 49 2.15 -7.66 -12.64
N ILE A 50 3.07 -8.37 -12.01
CA ILE A 50 4.44 -8.48 -12.51
C ILE A 50 4.47 -9.18 -13.86
N LYS A 51 3.62 -10.19 -14.03
CA LYS A 51 3.55 -10.93 -15.27
C LYS A 51 3.04 -10.05 -16.41
N LYS A 52 2.15 -9.13 -16.06
CA LYS A 52 1.58 -8.22 -17.04
C LYS A 52 2.50 -7.03 -17.30
N TYR A 53 3.15 -6.57 -16.25
CA TYR A 53 4.08 -5.44 -16.35
C TYR A 53 5.41 -5.76 -15.69
N PRO A 54 6.30 -6.41 -16.44
CA PRO A 54 7.63 -6.79 -15.95
C PRO A 54 8.54 -5.58 -15.76
N GLU A 55 8.24 -4.50 -16.47
CA GLU A 55 9.03 -3.27 -16.37
C GLU A 55 8.89 -2.65 -14.99
N TYR A 56 7.74 -2.87 -14.36
CA TYR A 56 7.47 -2.32 -13.03
C TYR A 56 7.79 -3.34 -11.95
N LYS A 57 8.07 -4.57 -12.36
CA LYS A 57 8.38 -5.64 -11.42
C LYS A 57 9.45 -5.18 -10.43
N ASP A 58 10.39 -4.37 -10.90
CA ASP A 58 11.46 -3.86 -10.05
C ASP A 58 10.90 -3.06 -8.88
N GLU A 59 10.01 -2.12 -9.19
CA GLU A 59 9.40 -1.28 -8.16
C GLU A 59 8.49 -2.11 -7.26
N LEU A 60 7.70 -3.00 -7.87
CA LEU A 60 6.79 -3.85 -7.13
C LEU A 60 7.55 -4.74 -6.15
N GLU A 61 8.68 -5.26 -6.59
CA GLU A 61 9.49 -6.13 -5.75
C GLU A 61 10.00 -5.38 -4.52
N VAL A 62 10.34 -4.11 -4.70
CA VAL A 62 10.82 -3.28 -3.60
C VAL A 62 9.78 -3.15 -2.50
N ALA A 63 8.55 -2.81 -2.89
CA ALA A 63 7.46 -2.65 -1.94
C ALA A 63 7.20 -3.96 -1.19
N TYR A 64 7.12 -5.05 -1.92
CA TYR A 64 6.87 -6.36 -1.33
C TYR A 64 8.01 -6.75 -0.39
N ASN A 65 9.24 -6.42 -0.79
CA ASN A 65 10.41 -6.75 0.01
C ASN A 65 10.31 -6.12 1.40
N SER A 66 9.78 -4.90 1.45
CA SER A 66 9.63 -4.18 2.72
C SER A 66 8.54 -4.82 3.57
N ALA A 67 7.38 -5.03 2.97
CA ALA A 67 6.24 -5.63 3.67
C ALA A 67 6.59 -7.03 4.16
N LYS A 68 7.32 -7.78 3.34
CA LYS A 68 7.72 -9.14 3.69
C LYS A 68 8.72 -9.15 4.84
N LEU A 69 9.61 -8.16 4.84
CA LEU A 69 10.62 -8.04 5.88
C LEU A 69 9.98 -7.94 7.26
N PHE A 70 8.98 -7.07 7.38
CA PHE A 70 8.27 -6.88 8.64
C PHE A 70 7.40 -8.09 8.96
N LEU A 71 6.82 -8.68 7.92
CA LEU A 71 5.96 -9.85 8.10
C LEU A 71 6.77 -11.06 8.54
N GLU A 72 8.06 -11.05 8.23
CA GLU A 72 8.94 -12.15 8.60
C GLU A 72 9.14 -12.21 10.11
N SER A 73 8.86 -11.10 10.78
CA SER A 73 9.02 -11.02 12.23
C SER A 73 7.66 -10.89 12.91
N PRO A 74 6.95 -12.02 13.01
CA PRO A 74 5.62 -12.06 13.65
C PRO A 74 5.69 -11.84 15.15
N LEU A 75 6.04 -10.62 15.55
CA LEU A 75 6.14 -10.29 16.97
C LEU A 75 6.55 -8.83 17.16
N VAL A 76 6.12 -7.97 16.23
CA VAL A 76 6.43 -6.55 16.29
C VAL A 76 5.17 -5.70 16.25
N GLU A 77 4.94 -4.93 17.31
CA GLU A 77 3.77 -4.07 17.39
C GLU A 77 4.17 -2.60 17.44
N GLY A 78 4.07 -1.93 16.30
CA GLY A 78 4.43 -0.53 16.24
C GLY A 78 4.14 0.09 14.89
N PRO A 79 4.71 1.28 14.64
CA PRO A 79 4.52 2.00 13.37
C PRO A 79 5.22 1.32 12.21
N GLY A 80 6.20 0.49 12.53
CA GLY A 80 6.93 -0.22 11.49
C GLY A 80 6.05 -1.17 10.70
N LYS A 81 5.16 -1.87 11.40
CA LYS A 81 4.25 -2.81 10.76
C LYS A 81 3.28 -2.09 9.83
N VAL A 82 2.66 -1.03 10.34
CA VAL A 82 1.71 -0.25 9.55
C VAL A 82 2.41 0.47 8.40
N ARG A 83 3.62 0.96 8.66
CA ARG A 83 4.39 1.67 7.65
C ARG A 83 4.78 0.74 6.50
N ALA A 84 5.04 -0.53 6.84
CA ALA A 84 5.41 -1.51 5.84
C ALA A 84 4.27 -1.78 4.86
N ILE A 85 3.08 -2.00 5.40
CA ILE A 85 1.90 -2.25 4.58
C ILE A 85 1.45 -0.99 3.86
N GLY A 86 1.38 0.12 4.59
CA GLY A 86 0.95 1.37 4.01
C GLY A 86 1.89 1.85 2.91
N ARG A 87 3.18 1.58 3.09
CA ARG A 87 4.18 1.99 2.11
C ARG A 87 3.91 1.33 0.76
N VAL A 88 3.62 0.03 0.79
CA VAL A 88 3.35 -0.71 -0.43
C VAL A 88 2.15 -0.13 -1.17
N LEU A 89 1.09 0.16 -0.43
CA LEU A 89 -0.13 0.71 -1.02
C LEU A 89 0.15 2.05 -1.70
N TRP A 90 1.06 2.83 -1.10
CA TRP A 90 1.42 4.13 -1.66
C TRP A 90 2.24 3.97 -2.94
N THR A 91 3.12 2.97 -2.95
CA THR A 91 3.96 2.71 -4.10
C THR A 91 3.13 2.42 -5.35
N ILE A 92 2.14 1.54 -5.19
CA ILE A 92 1.27 1.18 -6.30
C ILE A 92 0.43 2.38 -6.76
N LYS A 93 0.03 3.21 -5.79
CA LYS A 93 -0.77 4.39 -6.08
C LYS A 93 -0.06 5.31 -7.07
N ARG A 94 1.23 5.54 -6.81
CA ARG A 94 2.03 6.41 -7.67
C ARG A 94 2.19 5.78 -9.06
N LEU A 95 2.35 4.46 -9.09
CA LEU A 95 2.52 3.76 -10.36
C LEU A 95 1.36 4.06 -11.32
N ASN A 96 0.22 4.44 -10.75
CA ASN A 96 -0.96 4.76 -11.55
C ASN A 96 -1.50 3.50 -12.25
N ILE A 97 -1.70 2.44 -11.48
CA ILE A 97 -2.21 1.19 -12.01
C ILE A 97 -3.48 0.75 -11.28
N ASP A 98 -4.55 0.57 -12.03
CA ASP A 98 -5.82 0.14 -11.45
C ASP A 98 -5.63 -1.09 -10.58
N SER A 99 -5.65 -0.88 -9.27
CA SER A 99 -5.47 -1.98 -8.32
C SER A 99 -6.63 -2.02 -7.32
N PRO A 100 -7.05 -3.24 -6.96
CA PRO A 100 -8.16 -3.45 -6.01
C PRO A 100 -7.78 -3.05 -4.59
N PHE A 101 -7.76 -1.74 -4.34
CA PHE A 101 -7.41 -1.23 -3.01
C PHE A 101 -8.00 0.16 -2.80
N VAL A 102 -7.49 1.14 -3.55
CA VAL A 102 -7.97 2.51 -3.44
C VAL A 102 -9.46 2.59 -3.73
N SER A 1 -14.10 -6.43 -37.28
CA SER A 1 -14.24 -5.16 -36.58
C SER A 1 -13.05 -4.91 -35.65
N MET A 2 -12.87 -5.80 -34.68
CA MET A 2 -11.79 -5.69 -33.73
C MET A 2 -12.00 -4.50 -32.80
N ASP A 3 -11.77 -3.30 -33.31
CA ASP A 3 -11.94 -2.08 -32.52
C ASP A 3 -13.42 -1.79 -32.29
N LYS A 4 -13.87 -1.97 -31.06
CA LYS A 4 -15.27 -1.72 -30.70
C LYS A 4 -15.40 -1.48 -29.20
N GLU A 5 -15.69 -0.24 -28.83
CA GLU A 5 -15.86 0.12 -27.42
C GLU A 5 -14.65 -0.32 -26.60
N TRP A 6 -13.46 0.09 -27.03
CA TRP A 6 -12.23 -0.26 -26.34
C TRP A 6 -11.95 0.73 -25.20
N ILE A 7 -12.21 2.00 -25.45
CA ILE A 7 -11.98 3.05 -24.46
C ILE A 7 -13.00 2.96 -23.33
N SER A 8 -12.51 2.94 -22.09
CA SER A 8 -13.38 2.86 -20.92
C SER A 8 -12.80 3.67 -19.76
N LYS A 9 -12.30 4.85 -20.06
CA LYS A 9 -11.71 5.71 -19.04
C LYS A 9 -11.46 7.12 -19.59
N LEU A 10 -12.32 8.05 -19.21
CA LEU A 10 -12.20 9.43 -19.65
C LEU A 10 -10.97 10.10 -19.03
N PRO A 11 -10.49 11.17 -19.68
CA PRO A 11 -9.32 11.92 -19.21
C PRO A 11 -9.62 12.71 -17.94
N LYS A 12 -8.57 13.04 -17.19
CA LYS A 12 -8.71 13.79 -15.95
C LYS A 12 -9.66 13.08 -14.98
N SER A 13 -9.22 11.92 -14.48
CA SER A 13 -10.02 11.14 -13.56
C SER A 13 -9.85 11.67 -12.13
N PRO A 14 -10.81 11.31 -11.25
CA PRO A 14 -10.79 11.73 -9.86
C PRO A 14 -9.69 11.04 -9.06
N GLU A 15 -8.48 11.59 -9.15
CA GLU A 15 -7.34 11.02 -8.44
C GLU A 15 -6.79 12.02 -7.42
N PRO A 16 -6.03 11.51 -6.45
CA PRO A 16 -5.42 12.34 -5.39
C PRO A 16 -4.32 13.23 -5.92
N TRP A 17 -4.40 14.52 -5.62
CA TRP A 17 -3.40 15.48 -6.06
C TRP A 17 -3.11 16.51 -4.99
N THR A 18 -2.96 16.05 -3.75
CA THR A 18 -2.68 16.93 -2.62
C THR A 18 -2.12 16.16 -1.44
N PRO A 19 -1.45 16.88 -0.52
CA PRO A 19 -0.86 16.28 0.67
C PRO A 19 -1.91 15.82 1.67
N GLU A 20 -3.03 16.54 1.73
CA GLU A 20 -4.11 16.19 2.65
C GLU A 20 -4.61 14.79 2.38
N GLN A 21 -4.82 14.47 1.11
CA GLN A 21 -5.32 13.14 0.73
C GLN A 21 -4.35 12.05 1.18
N GLU A 22 -3.06 12.33 1.07
CA GLU A 22 -2.03 11.38 1.47
C GLU A 22 -2.18 10.99 2.93
N GLU A 23 -2.14 11.99 3.80
CA GLU A 23 -2.28 11.76 5.24
C GLU A 23 -3.56 10.98 5.55
N ALA A 24 -4.62 11.29 4.81
CA ALA A 24 -5.90 10.62 5.00
C ALA A 24 -5.82 9.14 4.64
N PHE A 25 -5.06 8.85 3.57
CA PHE A 25 -4.90 7.47 3.11
C PHE A 25 -4.27 6.61 4.20
N LEU A 26 -3.17 7.09 4.78
CA LEU A 26 -2.47 6.37 5.82
C LEU A 26 -3.24 6.45 7.14
N LYS A 27 -3.91 7.57 7.37
CA LYS A 27 -4.68 7.78 8.59
C LYS A 27 -5.84 6.79 8.66
N ARG A 28 -6.49 6.56 7.53
CA ARG A 28 -7.62 5.65 7.46
C ARG A 28 -7.15 4.20 7.48
N PHE A 29 -6.10 3.91 6.71
CA PHE A 29 -5.55 2.56 6.64
C PHE A 29 -4.98 2.14 7.98
N ALA A 30 -4.21 3.03 8.61
CA ALA A 30 -3.60 2.75 9.90
C ALA A 30 -4.67 2.51 10.97
N GLU A 31 -5.84 3.11 10.78
CA GLU A 31 -6.94 2.97 11.72
C GLU A 31 -7.17 1.49 12.06
N LYS A 32 -7.04 0.63 11.06
CA LYS A 32 -7.23 -0.80 11.25
C LYS A 32 -7.02 -1.55 9.94
N VAL A 33 -5.89 -2.24 9.84
CA VAL A 33 -5.57 -3.01 8.63
C VAL A 33 -5.11 -4.42 8.99
N ASP A 34 -5.27 -5.34 8.05
CA ASP A 34 -4.89 -6.73 8.26
C ASP A 34 -3.69 -7.10 7.37
N PRO A 35 -2.51 -7.23 7.99
CA PRO A 35 -1.29 -7.59 7.27
C PRO A 35 -1.30 -9.03 6.78
N GLU A 36 -1.87 -9.93 7.58
CA GLU A 36 -1.94 -11.33 7.21
C GLU A 36 -2.77 -11.53 5.95
N GLU A 37 -3.95 -10.90 5.92
CA GLU A 37 -4.83 -11.01 4.76
C GLU A 37 -4.31 -10.17 3.60
N THR A 38 -3.88 -8.95 3.90
CA THR A 38 -3.35 -8.05 2.87
C THR A 38 -2.11 -8.64 2.22
N LEU A 39 -1.32 -9.37 2.99
CA LEU A 39 -0.10 -9.99 2.48
C LEU A 39 -0.40 -10.93 1.32
N LYS A 40 -1.52 -11.64 1.43
CA LYS A 40 -1.93 -12.58 0.39
C LYS A 40 -2.40 -11.84 -0.86
N LYS A 41 -3.30 -10.87 -0.67
CA LYS A 41 -3.82 -10.09 -1.77
C LYS A 41 -2.70 -9.29 -2.45
N LEU A 42 -1.80 -8.76 -1.65
CA LEU A 42 -0.68 -7.97 -2.17
C LEU A 42 0.32 -8.86 -2.88
N GLU A 43 0.63 -10.00 -2.26
CA GLU A 43 1.59 -10.94 -2.83
C GLU A 43 1.09 -11.48 -4.18
N GLU A 44 -0.18 -11.86 -4.21
CA GLU A 44 -0.78 -12.40 -5.43
C GLU A 44 -0.93 -11.30 -6.48
N TRP A 45 -1.25 -10.09 -6.03
CA TRP A 45 -1.43 -8.96 -6.93
C TRP A 45 -0.13 -8.64 -7.66
N ILE A 46 0.96 -8.50 -6.90
CA ILE A 46 2.25 -8.20 -7.47
C ILE A 46 2.71 -9.30 -8.43
N LYS A 47 2.46 -10.54 -8.05
CA LYS A 47 2.83 -11.68 -8.87
C LYS A 47 2.15 -11.62 -10.24
N GLU A 48 0.84 -11.35 -10.22
CA GLU A 48 0.07 -11.26 -11.45
C GLU A 48 0.42 -9.99 -12.23
N ASN A 49 0.42 -8.87 -11.53
CA ASN A 49 0.74 -7.59 -12.16
C ASN A 49 2.13 -7.62 -12.79
N ILE A 50 3.06 -8.28 -12.12
CA ILE A 50 4.43 -8.39 -12.61
C ILE A 50 4.46 -9.00 -14.00
N LYS A 51 3.59 -9.98 -14.24
CA LYS A 51 3.51 -10.64 -15.54
C LYS A 51 3.03 -9.67 -16.62
N LYS A 52 2.15 -8.76 -16.23
CA LYS A 52 1.62 -7.77 -17.16
C LYS A 52 2.61 -6.63 -17.38
N TYR A 53 3.19 -6.15 -16.29
CA TYR A 53 4.16 -5.05 -16.36
C TYR A 53 5.48 -5.45 -15.71
N PRO A 54 6.33 -6.14 -16.48
CA PRO A 54 7.64 -6.59 -16.00
C PRO A 54 8.61 -5.43 -15.79
N GLU A 55 8.38 -4.33 -16.50
CA GLU A 55 9.23 -3.16 -16.38
C GLU A 55 9.15 -2.56 -14.98
N TYR A 56 8.03 -2.79 -14.31
CA TYR A 56 7.82 -2.27 -12.96
C TYR A 56 8.01 -3.37 -11.92
N LYS A 57 8.25 -4.58 -12.38
CA LYS A 57 8.45 -5.72 -11.50
C LYS A 57 9.47 -5.39 -10.41
N ASP A 58 10.46 -4.57 -10.76
CA ASP A 58 11.49 -4.17 -9.82
C ASP A 58 10.90 -3.37 -8.66
N GLU A 59 10.10 -2.37 -9.00
CA GLU A 59 9.46 -1.52 -7.99
C GLU A 59 8.52 -2.34 -7.12
N LEU A 60 7.74 -3.21 -7.75
CA LEU A 60 6.79 -4.05 -7.02
C LEU A 60 7.52 -4.96 -6.03
N GLU A 61 8.66 -5.50 -6.47
CA GLU A 61 9.44 -6.39 -5.63
C GLU A 61 9.94 -5.67 -4.38
N VAL A 62 10.26 -4.39 -4.54
CA VAL A 62 10.75 -3.57 -3.43
C VAL A 62 9.68 -3.42 -2.34
N ALA A 63 8.46 -3.08 -2.77
CA ALA A 63 7.36 -2.91 -1.84
C ALA A 63 7.09 -4.19 -1.06
N TYR A 64 7.03 -5.31 -1.77
CA TYR A 64 6.77 -6.61 -1.15
C TYR A 64 7.90 -6.98 -0.19
N ASN A 65 9.12 -6.61 -0.56
CA ASN A 65 10.29 -6.91 0.27
C ASN A 65 10.16 -6.24 1.64
N SER A 66 9.64 -5.02 1.65
CA SER A 66 9.47 -4.26 2.88
C SER A 66 8.36 -4.87 3.74
N ALA A 67 7.21 -5.11 3.12
CA ALA A 67 6.07 -5.70 3.83
C ALA A 67 6.40 -7.10 4.35
N LYS A 68 7.11 -7.87 3.53
CA LYS A 68 7.50 -9.22 3.91
C LYS A 68 8.52 -9.21 5.04
N LEU A 69 9.43 -8.24 5.00
CA LEU A 69 10.46 -8.11 6.02
C LEU A 69 9.84 -7.97 7.40
N PHE A 70 8.87 -7.07 7.52
CA PHE A 70 8.19 -6.84 8.80
C PHE A 70 7.29 -8.03 9.16
N LEU A 71 6.62 -8.57 8.15
CA LEU A 71 5.72 -9.71 8.36
C LEU A 71 6.50 -10.94 8.81
N GLU A 72 7.78 -11.01 8.41
CA GLU A 72 8.62 -12.13 8.77
C GLU A 72 8.92 -12.14 10.27
N SER A 73 8.87 -10.95 10.87
CA SER A 73 9.14 -10.81 12.30
C SER A 73 7.88 -10.42 13.06
N PRO A 74 6.98 -11.40 13.27
CA PRO A 74 5.72 -11.18 13.97
C PRO A 74 5.93 -10.92 15.46
N LEU A 75 6.32 -9.70 15.80
CA LEU A 75 6.56 -9.33 17.19
C LEU A 75 6.70 -7.81 17.33
N VAL A 76 7.36 -7.20 16.36
CA VAL A 76 7.56 -5.75 16.38
C VAL A 76 6.23 -5.02 16.19
N GLU A 77 5.53 -4.77 17.29
CA GLU A 77 4.25 -4.07 17.24
C GLU A 77 4.44 -2.56 17.33
N GLY A 78 4.81 -1.95 16.21
CA GLY A 78 5.02 -0.52 16.19
C GLY A 78 4.62 0.11 14.87
N PRO A 79 5.11 1.34 14.62
CA PRO A 79 4.81 2.08 13.40
C PRO A 79 5.47 1.45 12.17
N GLY A 80 6.53 0.68 12.42
CA GLY A 80 7.23 0.03 11.32
C GLY A 80 6.37 -0.97 10.58
N LYS A 81 5.53 -1.68 11.32
CA LYS A 81 4.64 -2.67 10.72
C LYS A 81 3.57 -2.01 9.86
N VAL A 82 2.90 -1.00 10.44
CA VAL A 82 1.85 -0.29 9.72
C VAL A 82 2.41 0.44 8.50
N ARG A 83 3.62 0.99 8.65
CA ARG A 83 4.26 1.72 7.56
C ARG A 83 4.66 0.76 6.44
N ALA A 84 5.03 -0.46 6.81
CA ALA A 84 5.44 -1.46 5.83
C ALA A 84 4.30 -1.79 4.87
N ILE A 85 3.12 -2.03 5.44
CA ILE A 85 1.94 -2.36 4.62
C ILE A 85 1.44 -1.14 3.87
N GLY A 86 1.33 -0.01 4.57
CA GLY A 86 0.87 1.22 3.94
C GLY A 86 1.80 1.69 2.84
N ARG A 87 3.09 1.46 3.02
CA ARG A 87 4.09 1.87 2.04
C ARG A 87 3.84 1.20 0.70
N VAL A 88 3.55 -0.10 0.74
CA VAL A 88 3.29 -0.87 -0.47
C VAL A 88 2.05 -0.35 -1.19
N LEU A 89 1.01 -0.08 -0.43
CA LEU A 89 -0.24 0.42 -1.00
C LEU A 89 -0.02 1.72 -1.75
N TRP A 90 0.90 2.54 -1.25
CA TRP A 90 1.22 3.82 -1.89
C TRP A 90 2.00 3.60 -3.18
N THR A 91 2.91 2.64 -3.17
CA THR A 91 3.72 2.33 -4.33
C THR A 91 2.85 1.95 -5.53
N ILE A 92 1.89 1.05 -5.29
CA ILE A 92 0.99 0.61 -6.35
C ILE A 92 0.09 1.75 -6.82
N LYS A 93 -0.32 2.60 -5.88
CA LYS A 93 -1.18 3.73 -6.19
C LYS A 93 -0.44 4.77 -7.02
N ARG A 94 0.84 4.98 -6.71
CA ARG A 94 1.65 5.94 -7.43
C ARG A 94 1.81 5.52 -8.89
N LEU A 95 1.96 4.22 -9.12
CA LEU A 95 2.13 3.69 -10.48
C LEU A 95 0.95 4.09 -11.36
N ASN A 96 -0.17 4.42 -10.73
CA ASN A 96 -1.37 4.81 -11.46
C ASN A 96 -1.96 3.63 -12.23
N ILE A 97 -1.87 2.44 -11.63
CA ILE A 97 -2.39 1.24 -12.24
C ILE A 97 -3.65 0.75 -11.52
N ASP A 98 -4.70 0.49 -12.30
CA ASP A 98 -5.95 0.01 -11.74
C ASP A 98 -5.73 -1.19 -10.82
N SER A 99 -5.74 -0.93 -9.52
CA SER A 99 -5.53 -1.98 -8.53
C SER A 99 -6.67 -2.03 -7.52
N PRO A 100 -6.82 -3.16 -6.84
CA PRO A 100 -7.86 -3.35 -5.83
C PRO A 100 -7.62 -2.52 -4.57
N PHE A 101 -8.28 -2.90 -3.48
CA PHE A 101 -8.13 -2.19 -2.21
C PHE A 101 -8.82 -0.83 -2.28
N VAL A 102 -8.22 0.10 -3.02
CA VAL A 102 -8.79 1.44 -3.16
C VAL A 102 -8.81 1.87 -4.63
N SER A 1 -14.09 -1.79 -13.95
CA SER A 1 -14.04 -1.14 -15.25
C SER A 1 -14.24 0.37 -15.12
N MET A 2 -13.83 1.10 -16.14
CA MET A 2 -13.96 2.56 -16.14
C MET A 2 -13.67 3.14 -17.52
N ASP A 3 -14.72 3.43 -18.27
CA ASP A 3 -14.58 3.99 -19.61
C ASP A 3 -15.89 4.62 -20.09
N LYS A 4 -16.53 5.35 -19.18
CA LYS A 4 -17.79 6.02 -19.51
C LYS A 4 -17.54 7.40 -20.12
N GLU A 5 -17.56 7.47 -21.45
CA GLU A 5 -17.34 8.72 -22.14
C GLU A 5 -15.95 9.29 -21.82
N TRP A 6 -15.01 9.08 -22.73
CA TRP A 6 -13.64 9.56 -22.54
C TRP A 6 -13.53 11.02 -22.95
N ILE A 7 -14.24 11.39 -24.00
CA ILE A 7 -14.22 12.76 -24.49
C ILE A 7 -14.68 13.74 -23.42
N SER A 8 -15.61 13.30 -22.59
CA SER A 8 -16.15 14.14 -21.52
C SER A 8 -15.16 14.22 -20.36
N LYS A 9 -14.87 15.44 -19.93
CA LYS A 9 -13.94 15.67 -18.83
C LYS A 9 -14.32 16.93 -18.05
N LEU A 10 -15.07 16.74 -16.97
CA LEU A 10 -15.50 17.87 -16.14
C LEU A 10 -14.30 18.55 -15.48
N PRO A 11 -14.46 19.83 -15.12
CA PRO A 11 -13.41 20.62 -14.47
C PRO A 11 -13.13 20.14 -13.04
N LYS A 12 -11.92 19.65 -12.82
CA LYS A 12 -11.52 19.18 -11.50
C LYS A 12 -11.52 20.31 -10.48
N SER A 13 -11.39 19.96 -9.21
CA SER A 13 -11.37 20.95 -8.14
C SER A 13 -10.04 21.69 -8.11
N PRO A 14 -10.04 22.88 -7.47
CA PRO A 14 -8.83 23.71 -7.35
C PRO A 14 -7.79 23.08 -6.42
N GLU A 15 -6.69 22.64 -7.00
CA GLU A 15 -5.61 22.03 -6.22
C GLU A 15 -6.08 20.75 -5.55
N PRO A 16 -6.26 19.69 -6.35
CA PRO A 16 -6.72 18.39 -5.86
C PRO A 16 -5.67 17.69 -5.01
N TRP A 17 -4.42 17.76 -5.44
CA TRP A 17 -3.32 17.14 -4.72
C TRP A 17 -3.05 17.86 -3.40
N THR A 18 -3.47 17.25 -2.30
CA THR A 18 -3.27 17.83 -0.98
C THR A 18 -2.76 16.79 0.01
N PRO A 19 -2.15 17.28 1.11
CA PRO A 19 -1.60 16.40 2.16
C PRO A 19 -2.70 15.69 2.95
N GLU A 20 -3.83 16.37 3.11
CA GLU A 20 -4.95 15.79 3.85
C GLU A 20 -5.40 14.47 3.23
N GLN A 21 -5.51 14.47 1.91
CA GLN A 21 -5.93 13.26 1.19
C GLN A 21 -4.99 12.10 1.46
N GLU A 22 -3.69 12.36 1.37
CA GLU A 22 -2.67 11.34 1.61
C GLU A 22 -2.76 10.81 3.03
N GLU A 23 -2.67 11.72 4.00
CA GLU A 23 -2.73 11.35 5.41
C GLU A 23 -4.01 10.57 5.70
N ALA A 24 -5.10 10.93 5.02
CA ALA A 24 -6.38 10.27 5.21
C ALA A 24 -6.32 8.83 4.72
N PHE A 25 -5.62 8.60 3.62
CA PHE A 25 -5.49 7.27 3.04
C PHE A 25 -4.82 6.32 4.03
N LEU A 26 -3.70 6.75 4.60
CA LEU A 26 -2.97 5.93 5.56
C LEU A 26 -3.69 5.91 6.91
N LYS A 27 -4.32 7.01 7.26
CA LYS A 27 -5.04 7.11 8.52
C LYS A 27 -6.27 6.21 8.52
N ARG A 28 -6.90 6.07 7.36
CA ARG A 28 -8.08 5.23 7.23
C ARG A 28 -7.69 3.76 7.18
N PHE A 29 -6.55 3.47 6.54
CA PHE A 29 -6.08 2.10 6.42
C PHE A 29 -5.48 1.61 7.74
N ALA A 30 -4.67 2.46 8.36
CA ALA A 30 -4.03 2.12 9.63
C ALA A 30 -5.08 1.90 10.73
N GLU A 31 -6.24 2.54 10.56
CA GLU A 31 -7.32 2.41 11.54
C GLU A 31 -7.57 0.95 11.89
N LYS A 32 -7.43 0.08 10.89
CA LYS A 32 -7.66 -1.35 11.09
C LYS A 32 -7.39 -2.12 9.80
N VAL A 33 -6.24 -2.77 9.73
CA VAL A 33 -5.86 -3.55 8.55
C VAL A 33 -5.32 -4.91 8.95
N ASP A 34 -5.39 -5.86 8.02
CA ASP A 34 -4.89 -7.22 8.28
C ASP A 34 -3.70 -7.54 7.39
N PRO A 35 -2.52 -7.68 8.00
CA PRO A 35 -1.29 -7.98 7.28
C PRO A 35 -1.27 -9.40 6.72
N GLU A 36 -1.82 -10.34 7.50
CA GLU A 36 -1.88 -11.74 7.08
C GLU A 36 -2.70 -11.89 5.81
N GLU A 37 -3.88 -11.28 5.79
CA GLU A 37 -4.78 -11.35 4.64
C GLU A 37 -4.25 -10.48 3.51
N THR A 38 -3.83 -9.27 3.84
CA THR A 38 -3.31 -8.34 2.85
C THR A 38 -2.07 -8.89 2.17
N LEU A 39 -1.26 -9.63 2.93
CA LEU A 39 -0.03 -10.22 2.40
C LEU A 39 -0.35 -11.18 1.26
N LYS A 40 -1.40 -11.97 1.42
CA LYS A 40 -1.81 -12.93 0.40
C LYS A 40 -2.28 -12.22 -0.86
N LYS A 41 -3.19 -11.26 -0.69
CA LYS A 41 -3.72 -10.50 -1.81
C LYS A 41 -2.63 -9.66 -2.47
N LEU A 42 -1.72 -9.14 -1.67
CA LEU A 42 -0.62 -8.32 -2.17
C LEU A 42 0.40 -9.18 -2.90
N GLU A 43 0.69 -10.35 -2.35
CA GLU A 43 1.66 -11.27 -2.95
C GLU A 43 1.17 -11.76 -4.31
N GLU A 44 -0.10 -12.18 -4.36
CA GLU A 44 -0.68 -12.67 -5.60
C GLU A 44 -0.88 -11.53 -6.60
N TRP A 45 -1.24 -10.35 -6.09
CA TRP A 45 -1.46 -9.19 -6.93
C TRP A 45 -0.17 -8.79 -7.67
N ILE A 46 0.91 -8.67 -6.91
CA ILE A 46 2.20 -8.30 -7.48
C ILE A 46 2.68 -9.34 -8.49
N LYS A 47 2.46 -10.61 -8.16
CA LYS A 47 2.87 -11.71 -9.03
C LYS A 47 2.21 -11.59 -10.40
N GLU A 48 0.89 -11.38 -10.39
CA GLU A 48 0.13 -11.25 -11.63
C GLU A 48 0.44 -9.92 -12.31
N ASN A 49 0.44 -8.84 -11.53
CA ASN A 49 0.73 -7.51 -12.06
C ASN A 49 2.10 -7.47 -12.74
N ILE A 50 3.06 -8.15 -12.14
CA ILE A 50 4.42 -8.19 -12.67
C ILE A 50 4.42 -8.71 -14.11
N LYS A 51 3.57 -9.71 -14.36
CA LYS A 51 3.47 -10.31 -15.70
C LYS A 51 2.95 -9.29 -16.71
N LYS A 52 2.09 -8.39 -16.25
CA LYS A 52 1.52 -7.37 -17.12
C LYS A 52 2.48 -6.19 -17.27
N TYR A 53 3.08 -5.76 -16.16
CA TYR A 53 4.01 -4.65 -16.18
C TYR A 53 5.36 -5.07 -15.59
N PRO A 54 6.20 -5.70 -16.43
CA PRO A 54 7.53 -6.16 -16.02
C PRO A 54 8.49 -5.01 -15.77
N GLU A 55 8.22 -3.87 -16.39
CA GLU A 55 9.06 -2.69 -16.23
C GLU A 55 9.01 -2.17 -14.80
N TYR A 56 7.90 -2.46 -14.12
CA TYR A 56 7.71 -2.01 -12.75
C TYR A 56 7.96 -3.15 -11.77
N LYS A 57 8.23 -4.34 -12.30
CA LYS A 57 8.48 -5.51 -11.48
C LYS A 57 9.51 -5.21 -10.40
N ASP A 58 10.49 -4.36 -10.73
CA ASP A 58 11.53 -3.99 -9.79
C ASP A 58 10.94 -3.23 -8.60
N GLU A 59 10.12 -2.22 -8.89
CA GLU A 59 9.51 -1.43 -7.84
C GLU A 59 8.57 -2.28 -6.99
N LEU A 60 7.82 -3.16 -7.64
CA LEU A 60 6.89 -4.05 -6.94
C LEU A 60 7.63 -4.96 -5.98
N GLU A 61 8.74 -5.54 -6.45
CA GLU A 61 9.54 -6.44 -5.62
C GLU A 61 10.01 -5.74 -4.36
N VAL A 62 10.33 -4.45 -4.48
CA VAL A 62 10.81 -3.67 -3.34
C VAL A 62 9.74 -3.57 -2.26
N ALA A 63 8.53 -3.22 -2.66
CA ALA A 63 7.41 -3.08 -1.72
C ALA A 63 7.13 -4.41 -1.03
N TYR A 64 7.08 -5.48 -1.80
CA TYR A 64 6.81 -6.81 -1.25
C TYR A 64 7.90 -7.21 -0.25
N ASN A 65 9.14 -6.92 -0.60
CA ASN A 65 10.28 -7.25 0.26
C ASN A 65 10.13 -6.57 1.62
N SER A 66 9.64 -5.34 1.62
CA SER A 66 9.46 -4.58 2.85
C SER A 66 8.39 -5.23 3.73
N ALA A 67 7.26 -5.57 3.11
CA ALA A 67 6.15 -6.19 3.83
C ALA A 67 6.59 -7.50 4.47
N LYS A 68 7.41 -8.26 3.76
CA LYS A 68 7.90 -9.54 4.27
C LYS A 68 8.86 -9.34 5.43
N LEU A 69 9.68 -8.29 5.34
CA LEU A 69 10.64 -7.98 6.39
C LEU A 69 9.94 -7.79 7.74
N PHE A 70 8.87 -7.00 7.73
CA PHE A 70 8.12 -6.74 8.95
C PHE A 70 7.39 -8.00 9.42
N LEU A 71 6.91 -8.79 8.46
CA LEU A 71 6.20 -10.02 8.78
C LEU A 71 7.13 -11.06 9.40
N GLU A 72 8.40 -10.99 9.02
CA GLU A 72 9.40 -11.92 9.54
C GLU A 72 9.86 -11.50 10.94
N SER A 73 9.31 -10.40 11.43
CA SER A 73 9.66 -9.89 12.75
C SER A 73 8.52 -10.09 13.74
N PRO A 74 8.42 -11.29 14.32
CA PRO A 74 7.38 -11.63 15.29
C PRO A 74 7.56 -10.90 16.61
N LEU A 75 7.13 -9.64 16.65
CA LEU A 75 7.25 -8.84 17.86
C LEU A 75 6.59 -7.47 17.67
N VAL A 76 6.69 -6.93 16.46
CA VAL A 76 6.10 -5.64 16.15
C VAL A 76 4.75 -5.80 15.47
N GLU A 77 3.69 -5.89 16.27
CA GLU A 77 2.34 -6.06 15.74
C GLU A 77 1.55 -4.76 15.88
N GLY A 78 1.77 -3.84 14.96
CA GLY A 78 1.08 -2.57 15.00
C GLY A 78 1.68 -1.54 14.06
N PRO A 79 2.70 -0.82 14.53
CA PRO A 79 3.39 0.21 13.75
C PRO A 79 4.21 -0.39 12.62
N GLY A 80 4.74 -1.59 12.84
CA GLY A 80 5.55 -2.24 11.82
C GLY A 80 4.71 -2.80 10.70
N LYS A 81 3.57 -3.40 11.06
CA LYS A 81 2.67 -3.98 10.06
C LYS A 81 1.99 -2.90 9.23
N VAL A 82 1.51 -1.87 9.90
CA VAL A 82 0.83 -0.76 9.23
C VAL A 82 1.78 -0.07 8.25
N ARG A 83 3.04 0.08 8.64
CA ARG A 83 4.03 0.73 7.80
C ARG A 83 4.38 -0.15 6.59
N ALA A 84 4.38 -1.47 6.81
CA ALA A 84 4.69 -2.42 5.75
C ALA A 84 3.59 -2.44 4.69
N ILE A 85 2.34 -2.55 5.14
CA ILE A 85 1.20 -2.59 4.24
C ILE A 85 0.95 -1.22 3.62
N GLY A 86 0.99 -0.18 4.45
CA GLY A 86 0.76 1.17 3.97
C GLY A 86 1.80 1.60 2.95
N ARG A 87 3.05 1.21 3.18
CA ARG A 87 4.14 1.56 2.28
C ARG A 87 3.89 0.99 0.88
N VAL A 88 3.53 -0.29 0.82
CA VAL A 88 3.27 -0.95 -0.45
C VAL A 88 2.10 -0.30 -1.17
N LEU A 89 1.06 0.04 -0.41
CA LEU A 89 -0.13 0.67 -0.98
C LEU A 89 0.21 2.02 -1.60
N TRP A 90 1.15 2.74 -0.99
CA TRP A 90 1.57 4.04 -1.48
C TRP A 90 2.30 3.91 -2.81
N THR A 91 3.19 2.93 -2.90
CA THR A 91 3.96 2.70 -4.12
C THR A 91 3.04 2.42 -5.30
N ILE A 92 2.08 1.53 -5.09
CA ILE A 92 1.13 1.17 -6.14
C ILE A 92 0.23 2.35 -6.50
N LYS A 93 -0.12 3.14 -5.49
CA LYS A 93 -0.97 4.31 -5.70
C LYS A 93 -0.36 5.25 -6.73
N ARG A 94 0.92 5.56 -6.57
CA ARG A 94 1.62 6.44 -7.49
C ARG A 94 1.68 5.84 -8.89
N LEU A 95 1.91 4.53 -8.95
CA LEU A 95 2.00 3.83 -10.22
C LEU A 95 0.76 4.09 -11.08
N ASN A 96 -0.35 4.37 -10.41
CA ASN A 96 -1.61 4.65 -11.11
C ASN A 96 -2.11 3.40 -11.83
N ILE A 97 -2.15 2.28 -11.12
CA ILE A 97 -2.61 1.02 -11.69
C ILE A 97 -3.86 0.52 -10.97
N ASP A 98 -4.96 0.40 -11.72
CA ASP A 98 -6.21 -0.07 -11.15
C ASP A 98 -6.02 -1.38 -10.40
N SER A 99 -6.03 -1.30 -9.08
CA SER A 99 -5.85 -2.47 -8.23
C SER A 99 -7.00 -2.62 -7.24
N PRO A 100 -7.24 -3.86 -6.79
CA PRO A 100 -8.31 -4.16 -5.84
C PRO A 100 -8.03 -3.60 -4.45
N PHE A 101 -8.05 -2.28 -4.34
CA PHE A 101 -7.79 -1.61 -3.06
C PHE A 101 -8.57 -0.30 -2.96
N VAL A 102 -8.08 0.72 -3.65
CA VAL A 102 -8.73 2.03 -3.65
C VAL A 102 -9.35 2.33 -2.28
N SER A 1 -14.44 -1.29 -35.87
CA SER A 1 -13.18 -1.34 -35.13
C SER A 1 -13.34 -2.09 -33.82
N MET A 2 -12.89 -3.34 -33.79
CA MET A 2 -12.99 -4.17 -32.60
C MET A 2 -11.60 -4.56 -32.09
N ASP A 3 -11.03 -3.72 -31.24
CA ASP A 3 -9.71 -3.98 -30.68
C ASP A 3 -9.59 -3.37 -29.28
N LYS A 4 -8.65 -3.90 -28.50
CA LYS A 4 -8.43 -3.42 -27.14
C LYS A 4 -6.95 -3.44 -26.79
N GLU A 5 -6.24 -2.37 -27.20
CA GLU A 5 -4.81 -2.27 -26.93
C GLU A 5 -4.28 -0.91 -27.37
N TRP A 6 -4.64 0.13 -26.63
CA TRP A 6 -4.20 1.48 -26.94
C TRP A 6 -2.69 1.62 -26.78
N ILE A 7 -2.15 0.96 -25.76
CA ILE A 7 -0.72 1.00 -25.50
C ILE A 7 -0.23 2.44 -25.33
N SER A 8 -0.21 2.91 -24.10
CA SER A 8 0.23 4.27 -23.81
C SER A 8 0.57 4.43 -22.32
N LYS A 9 1.54 5.29 -22.03
CA LYS A 9 1.96 5.54 -20.67
C LYS A 9 2.66 6.89 -20.54
N LEU A 10 1.88 7.97 -20.59
CA LEU A 10 2.41 9.31 -20.48
C LEU A 10 3.03 9.55 -19.10
N PRO A 11 3.94 10.53 -19.02
CA PRO A 11 4.61 10.87 -17.77
C PRO A 11 3.67 11.53 -16.76
N LYS A 12 3.70 11.05 -15.52
CA LYS A 12 2.85 11.58 -14.47
C LYS A 12 3.49 12.82 -13.83
N SER A 13 2.75 13.93 -13.85
CA SER A 13 3.24 15.18 -13.29
C SER A 13 2.82 15.32 -11.83
N PRO A 14 3.52 16.19 -11.08
CA PRO A 14 3.23 16.44 -9.67
C PRO A 14 1.92 17.17 -9.45
N GLU A 15 0.83 16.41 -9.34
CA GLU A 15 -0.49 16.98 -9.14
C GLU A 15 -0.58 17.69 -7.79
N PRO A 16 -1.57 18.59 -7.65
CA PRO A 16 -1.78 19.34 -6.42
C PRO A 16 -2.29 18.46 -5.28
N TRP A 17 -1.38 17.72 -4.66
CA TRP A 17 -1.74 16.84 -3.56
C TRP A 17 -1.30 17.44 -2.22
N THR A 18 -1.70 16.78 -1.13
CA THR A 18 -1.35 17.24 0.21
C THR A 18 -1.02 16.08 1.12
N PRO A 19 -0.30 16.37 2.21
CA PRO A 19 0.09 15.36 3.20
C PRO A 19 -1.10 14.84 4.01
N GLU A 20 -2.07 15.70 4.24
CA GLU A 20 -3.26 15.34 5.00
C GLU A 20 -3.98 14.16 4.34
N GLN A 21 -3.99 14.15 3.01
CA GLN A 21 -4.65 13.09 2.26
C GLN A 21 -3.97 11.75 2.52
N GLU A 22 -2.65 11.72 2.41
CA GLU A 22 -1.88 10.51 2.63
C GLU A 22 -1.91 10.09 4.11
N GLU A 23 -1.91 11.08 4.99
CA GLU A 23 -1.95 10.83 6.43
C GLU A 23 -3.31 10.30 6.85
N ALA A 24 -4.36 10.80 6.21
CA ALA A 24 -5.73 10.38 6.52
C ALA A 24 -5.93 8.90 6.19
N PHE A 25 -5.49 8.50 5.01
CA PHE A 25 -5.63 7.10 4.57
C PHE A 25 -4.86 6.18 5.50
N LEU A 26 -3.60 6.51 5.76
CA LEU A 26 -2.76 5.69 6.62
C LEU A 26 -3.29 5.70 8.06
N LYS A 27 -3.83 6.83 8.48
CA LYS A 27 -4.39 6.96 9.83
C LYS A 27 -5.63 6.09 9.99
N ARG A 28 -6.45 6.05 8.94
CA ARG A 28 -7.68 5.25 8.97
C ARG A 28 -7.37 3.77 8.79
N PHE A 29 -6.48 3.47 7.85
CA PHE A 29 -6.09 2.09 7.57
C PHE A 29 -5.40 1.46 8.77
N ALA A 30 -4.49 2.23 9.38
CA ALA A 30 -3.76 1.76 10.55
C ALA A 30 -4.69 1.49 11.72
N GLU A 31 -5.82 2.20 11.74
CA GLU A 31 -6.80 2.03 12.82
C GLU A 31 -7.10 0.56 13.05
N LYS A 32 -7.14 -0.22 11.98
CA LYS A 32 -7.42 -1.65 12.06
C LYS A 32 -7.40 -2.30 10.68
N VAL A 33 -6.36 -3.09 10.42
CA VAL A 33 -6.23 -3.78 9.14
C VAL A 33 -5.69 -5.19 9.32
N ASP A 34 -5.86 -6.02 8.30
CA ASP A 34 -5.39 -7.39 8.35
C ASP A 34 -4.17 -7.58 7.45
N PRO A 35 -2.98 -7.43 8.05
CA PRO A 35 -1.70 -7.59 7.33
C PRO A 35 -1.44 -9.03 6.91
N GLU A 36 -1.90 -9.97 7.73
CA GLU A 36 -1.71 -11.38 7.45
C GLU A 36 -2.38 -11.78 6.14
N GLU A 37 -3.64 -11.38 5.97
CA GLU A 37 -4.39 -11.68 4.77
C GLU A 37 -3.94 -10.80 3.60
N THR A 38 -3.71 -9.52 3.89
CA THR A 38 -3.27 -8.58 2.87
C THR A 38 -2.02 -9.07 2.17
N LEU A 39 -1.16 -9.77 2.90
CA LEU A 39 0.08 -10.30 2.35
C LEU A 39 -0.22 -11.22 1.17
N LYS A 40 -1.30 -11.99 1.26
CA LYS A 40 -1.69 -12.91 0.20
C LYS A 40 -2.23 -12.15 -1.01
N LYS A 41 -3.17 -11.24 -0.76
CA LYS A 41 -3.77 -10.45 -1.83
C LYS A 41 -2.72 -9.57 -2.51
N LEU A 42 -1.81 -9.02 -1.72
CA LEU A 42 -0.76 -8.16 -2.24
C LEU A 42 0.27 -8.98 -3.00
N GLU A 43 0.66 -10.12 -2.43
CA GLU A 43 1.65 -10.99 -3.07
C GLU A 43 1.12 -11.53 -4.40
N GLU A 44 -0.15 -11.93 -4.40
CA GLU A 44 -0.78 -12.47 -5.61
C GLU A 44 -0.95 -11.38 -6.66
N TRP A 45 -1.26 -10.17 -6.22
CA TRP A 45 -1.45 -9.05 -7.12
C TRP A 45 -0.15 -8.68 -7.82
N ILE A 46 0.92 -8.56 -7.04
CA ILE A 46 2.22 -8.22 -7.60
C ILE A 46 2.71 -9.29 -8.56
N LYS A 47 2.47 -10.55 -8.22
CA LYS A 47 2.88 -11.67 -9.06
C LYS A 47 2.16 -11.62 -10.41
N GLU A 48 0.86 -11.36 -10.38
CA GLU A 48 0.06 -11.29 -11.59
C GLU A 48 0.38 -10.02 -12.38
N ASN A 49 0.38 -8.88 -11.69
CA ASN A 49 0.67 -7.61 -12.32
C ASN A 49 2.07 -7.60 -12.92
N ILE A 50 3.00 -8.28 -12.25
CA ILE A 50 4.38 -8.35 -12.71
C ILE A 50 4.46 -8.91 -14.12
N LYS A 51 3.60 -9.89 -14.41
CA LYS A 51 3.57 -10.52 -15.73
C LYS A 51 3.09 -9.53 -16.78
N LYS A 52 2.19 -8.63 -16.39
CA LYS A 52 1.66 -7.64 -17.31
C LYS A 52 2.64 -6.47 -17.46
N TYR A 53 3.19 -6.01 -16.35
CA TYR A 53 4.14 -4.91 -16.37
C TYR A 53 5.46 -5.30 -15.72
N PRO A 54 6.32 -5.96 -16.50
CA PRO A 54 7.63 -6.42 -16.03
C PRO A 54 8.59 -5.26 -15.78
N GLU A 55 8.38 -4.16 -16.47
CA GLU A 55 9.22 -2.98 -16.32
C GLU A 55 9.13 -2.41 -14.91
N TYR A 56 8.01 -2.69 -14.24
CA TYR A 56 7.79 -2.21 -12.88
C TYR A 56 7.97 -3.34 -11.87
N LYS A 57 8.19 -4.54 -12.38
CA LYS A 57 8.38 -5.71 -11.52
C LYS A 57 9.40 -5.43 -10.42
N ASP A 58 10.40 -4.61 -10.75
CA ASP A 58 11.44 -4.26 -9.80
C ASP A 58 10.86 -3.47 -8.62
N GLU A 59 10.07 -2.44 -8.94
CA GLU A 59 9.45 -1.61 -7.92
C GLU A 59 8.47 -2.41 -7.09
N LEU A 60 7.72 -3.28 -7.75
CA LEU A 60 6.73 -4.12 -7.07
C LEU A 60 7.41 -5.06 -6.07
N GLU A 61 8.56 -5.60 -6.46
CA GLU A 61 9.30 -6.51 -5.60
C GLU A 61 9.80 -5.79 -4.35
N VAL A 62 10.18 -4.52 -4.51
CA VAL A 62 10.68 -3.74 -3.39
C VAL A 62 9.60 -3.55 -2.32
N ALA A 63 8.40 -3.19 -2.77
CA ALA A 63 7.28 -2.99 -1.84
C ALA A 63 6.98 -4.27 -1.06
N TYR A 64 6.89 -5.38 -1.76
CA TYR A 64 6.61 -6.66 -1.14
C TYR A 64 7.72 -7.06 -0.18
N ASN A 65 8.96 -6.74 -0.55
CA ASN A 65 10.11 -7.07 0.27
C ASN A 65 10.03 -6.37 1.62
N SER A 66 9.53 -5.14 1.62
CA SER A 66 9.39 -4.37 2.85
C SER A 66 8.28 -4.93 3.74
N ALA A 67 7.13 -5.18 3.14
CA ALA A 67 5.98 -5.72 3.87
C ALA A 67 6.30 -7.11 4.40
N LYS A 68 6.98 -7.92 3.60
CA LYS A 68 7.34 -9.27 4.00
C LYS A 68 8.37 -9.25 5.11
N LEU A 69 9.30 -8.30 5.04
CA LEU A 69 10.35 -8.17 6.05
C LEU A 69 9.74 -8.00 7.44
N PHE A 70 8.79 -7.08 7.56
CA PHE A 70 8.14 -6.82 8.84
C PHE A 70 7.20 -7.97 9.21
N LEU A 71 6.56 -8.55 8.20
CA LEU A 71 5.63 -9.65 8.43
C LEU A 71 6.38 -10.88 8.94
N GLU A 72 7.64 -11.01 8.58
CA GLU A 72 8.46 -12.13 9.01
C GLU A 72 8.72 -12.07 10.51
N SER A 73 8.64 -10.87 11.06
CA SER A 73 8.88 -10.68 12.49
C SER A 73 7.60 -10.24 13.20
N PRO A 74 6.68 -11.20 13.39
CA PRO A 74 5.41 -10.94 14.06
C PRO A 74 5.58 -10.68 15.56
N LEU A 75 5.97 -9.45 15.89
CA LEU A 75 6.17 -9.07 17.28
C LEU A 75 6.40 -7.56 17.40
N VAL A 76 7.12 -7.00 16.45
CA VAL A 76 7.40 -5.57 16.44
C VAL A 76 6.12 -4.76 16.24
N GLU A 77 5.46 -4.42 17.35
CA GLU A 77 4.23 -3.64 17.29
C GLU A 77 4.52 -2.15 17.32
N GLY A 78 4.96 -1.61 16.19
CA GLY A 78 5.27 -0.19 16.11
C GLY A 78 4.88 0.41 14.77
N PRO A 79 5.44 1.60 14.47
CA PRO A 79 5.16 2.31 13.23
C PRO A 79 5.77 1.61 12.01
N GLY A 80 6.77 0.78 12.26
CA GLY A 80 7.43 0.06 11.18
C GLY A 80 6.51 -0.91 10.49
N LYS A 81 5.68 -1.61 11.27
CA LYS A 81 4.74 -2.58 10.73
C LYS A 81 3.68 -1.89 9.88
N VAL A 82 3.08 -0.84 10.43
CA VAL A 82 2.05 -0.10 9.71
C VAL A 82 2.63 0.60 8.47
N ARG A 83 3.86 1.10 8.60
CA ARG A 83 4.52 1.78 7.50
C ARG A 83 4.86 0.80 6.39
N ALA A 84 5.19 -0.43 6.76
CA ALA A 84 5.54 -1.46 5.79
C ALA A 84 4.36 -1.77 4.87
N ILE A 85 3.20 -1.97 5.47
CA ILE A 85 1.99 -2.28 4.70
C ILE A 85 1.51 -1.06 3.92
N GLY A 86 1.46 0.09 4.59
CA GLY A 86 1.02 1.31 3.95
C GLY A 86 1.95 1.74 2.83
N ARG A 87 3.23 1.45 2.98
CA ARG A 87 4.22 1.81 1.97
C ARG A 87 3.91 1.14 0.63
N VAL A 88 3.57 -0.15 0.69
CA VAL A 88 3.25 -0.91 -0.51
C VAL A 88 1.98 -0.38 -1.17
N LEU A 89 0.99 -0.03 -0.35
CA LEU A 89 -0.27 0.48 -0.85
C LEU A 89 -0.06 1.78 -1.64
N TRP A 90 0.84 2.62 -1.14
CA TRP A 90 1.14 3.89 -1.81
C TRP A 90 1.95 3.66 -3.08
N THR A 91 2.83 2.67 -3.05
CA THR A 91 3.66 2.34 -4.19
C THR A 91 2.81 1.94 -5.40
N ILE A 92 1.86 1.03 -5.16
CA ILE A 92 0.98 0.56 -6.22
C ILE A 92 0.07 1.68 -6.72
N LYS A 93 -0.36 2.54 -5.79
CA LYS A 93 -1.24 3.65 -6.13
C LYS A 93 -0.48 4.72 -6.92
N ARG A 94 0.79 4.92 -6.56
CA ARG A 94 1.62 5.91 -7.24
C ARG A 94 1.84 5.54 -8.70
N LEU A 95 1.95 4.24 -8.96
CA LEU A 95 2.16 3.75 -10.32
C LEU A 95 1.03 4.20 -11.25
N ASN A 96 -0.10 4.56 -10.64
CA ASN A 96 -1.26 5.01 -11.41
C ASN A 96 -1.87 3.85 -12.20
N ILE A 97 -1.84 2.66 -11.60
CA ILE A 97 -2.40 1.47 -12.25
C ILE A 97 -3.64 0.99 -11.51
N ASP A 98 -4.68 0.66 -12.29
CA ASP A 98 -5.94 0.18 -11.72
C ASP A 98 -5.70 -1.04 -10.83
N SER A 99 -5.59 -0.80 -9.53
CA SER A 99 -5.36 -1.87 -8.57
C SER A 99 -6.42 -1.86 -7.48
N PRO A 100 -6.56 -3.00 -6.78
CA PRO A 100 -7.53 -3.14 -5.68
C PRO A 100 -7.15 -2.32 -4.46
N PHE A 101 -7.72 -2.67 -3.31
CA PHE A 101 -7.45 -1.96 -2.07
C PHE A 101 -7.99 -0.54 -2.12
N VAL A 102 -8.96 -0.31 -3.00
CA VAL A 102 -9.57 1.01 -3.15
C VAL A 102 -11.00 0.90 -3.65
N SER A 1 11.89 9.06 11.04
CA SER A 1 12.39 8.38 12.23
C SER A 1 11.67 8.86 13.48
N MET A 2 10.71 8.06 13.94
CA MET A 2 9.93 8.41 15.14
C MET A 2 9.01 9.58 14.86
N ASP A 3 9.58 10.79 14.80
CA ASP A 3 8.81 11.99 14.54
C ASP A 3 7.69 12.14 15.56
N LYS A 4 6.87 13.17 15.37
CA LYS A 4 5.75 13.43 16.28
C LYS A 4 4.46 13.65 15.49
N GLU A 5 4.50 14.55 14.52
CA GLU A 5 3.33 14.85 13.70
C GLU A 5 2.21 15.43 14.56
N TRP A 6 2.05 16.76 14.48
CA TRP A 6 1.01 17.43 15.24
C TRP A 6 -0.37 17.10 14.70
N ILE A 7 -0.48 16.95 13.38
CA ILE A 7 -1.74 16.63 12.74
C ILE A 7 -2.75 17.76 12.91
N SER A 8 -3.64 17.91 11.93
CA SER A 8 -4.65 18.95 11.97
C SER A 8 -5.66 18.77 10.85
N LYS A 9 -6.86 19.32 11.05
CA LYS A 9 -7.92 19.22 10.05
C LYS A 9 -9.14 20.05 10.47
N LEU A 10 -8.97 21.35 10.53
CA LEU A 10 -10.05 22.26 10.92
C LEU A 10 -11.02 22.47 9.75
N PRO A 11 -12.26 22.87 10.07
CA PRO A 11 -13.29 23.13 9.07
C PRO A 11 -13.00 24.39 8.24
N LYS A 12 -13.09 24.26 6.93
CA LYS A 12 -12.84 25.37 6.02
C LYS A 12 -13.17 24.99 4.58
N SER A 13 -12.32 24.19 3.96
CA SER A 13 -12.52 23.76 2.60
C SER A 13 -12.81 22.26 2.53
N PRO A 14 -13.41 21.82 1.41
CA PRO A 14 -13.76 20.42 1.19
C PRO A 14 -12.52 19.54 1.00
N GLU A 15 -11.86 19.20 2.10
CA GLU A 15 -10.67 18.37 2.05
C GLU A 15 -9.65 18.93 1.05
N PRO A 16 -9.08 20.09 1.38
CA PRO A 16 -8.09 20.76 0.52
C PRO A 16 -6.77 20.00 0.48
N TRP A 17 -6.01 20.22 -0.60
CA TRP A 17 -4.72 19.56 -0.77
C TRP A 17 -3.82 19.82 0.44
N THR A 18 -3.69 18.81 1.30
CA THR A 18 -2.87 18.93 2.50
C THR A 18 -2.26 17.58 2.88
N PRO A 19 -1.18 17.61 3.68
CA PRO A 19 -0.49 16.40 4.13
C PRO A 19 -1.32 15.61 5.13
N GLU A 20 -2.11 16.31 5.93
CA GLU A 20 -2.95 15.67 6.93
C GLU A 20 -3.91 14.67 6.29
N GLN A 21 -4.37 15.00 5.09
CA GLN A 21 -5.29 14.14 4.37
C GLN A 21 -4.66 12.76 4.12
N GLU A 22 -3.43 12.77 3.62
CA GLU A 22 -2.73 11.52 3.34
C GLU A 22 -2.59 10.67 4.60
N GLU A 23 -2.22 11.32 5.70
CA GLU A 23 -2.05 10.63 6.97
C GLU A 23 -3.36 9.99 7.42
N ALA A 24 -4.47 10.67 7.14
CA ALA A 24 -5.78 10.18 7.52
C ALA A 24 -6.10 8.87 6.81
N PHE A 25 -5.74 8.78 5.53
CA PHE A 25 -5.98 7.59 4.73
C PHE A 25 -5.24 6.39 5.31
N LEU A 26 -3.94 6.57 5.56
CA LEU A 26 -3.12 5.50 6.10
C LEU A 26 -3.53 5.18 7.54
N LYS A 27 -3.84 6.22 8.31
CA LYS A 27 -4.25 6.05 9.70
C LYS A 27 -5.60 5.32 9.78
N ARG A 28 -6.47 5.62 8.83
CA ARG A 28 -7.80 5.00 8.80
C ARG A 28 -7.71 3.56 8.28
N PHE A 29 -6.94 3.37 7.22
CA PHE A 29 -6.77 2.05 6.63
C PHE A 29 -5.99 1.12 7.55
N ALA A 30 -4.95 1.66 8.17
CA ALA A 30 -4.12 0.89 9.09
C ALA A 30 -4.94 0.38 10.26
N GLU A 31 -6.02 1.08 10.59
CA GLU A 31 -6.88 0.70 11.70
C GLU A 31 -8.04 -0.16 11.20
N LYS A 32 -7.79 -0.96 10.17
CA LYS A 32 -8.81 -1.82 9.59
C LYS A 32 -8.22 -2.71 8.50
N VAL A 33 -6.95 -3.08 8.66
CA VAL A 33 -6.28 -3.94 7.70
C VAL A 33 -5.43 -4.99 8.39
N ASP A 34 -5.43 -6.20 7.83
CA ASP A 34 -4.68 -7.31 8.40
C ASP A 34 -3.46 -7.63 7.53
N PRO A 35 -2.30 -7.79 8.18
CA PRO A 35 -1.04 -8.10 7.48
C PRO A 35 -1.03 -9.52 6.92
N GLU A 36 -1.75 -10.42 7.58
CA GLU A 36 -1.82 -11.81 7.15
C GLU A 36 -2.64 -11.93 5.87
N GLU A 37 -3.81 -11.31 5.85
CA GLU A 37 -4.69 -11.35 4.69
C GLU A 37 -4.15 -10.46 3.57
N THR A 38 -3.72 -9.25 3.94
CA THR A 38 -3.19 -8.31 2.97
C THR A 38 -1.98 -8.88 2.25
N LEU A 39 -1.20 -9.69 2.95
CA LEU A 39 -0.01 -10.31 2.37
C LEU A 39 -0.37 -11.17 1.18
N LYS A 40 -1.49 -11.90 1.29
CA LYS A 40 -1.95 -12.76 0.21
C LYS A 40 -2.41 -11.95 -0.98
N LYS A 41 -3.27 -10.97 -0.74
CA LYS A 41 -3.78 -10.11 -1.79
C LYS A 41 -2.67 -9.31 -2.44
N LEU A 42 -1.73 -8.84 -1.62
CA LEU A 42 -0.60 -8.06 -2.11
C LEU A 42 0.38 -8.94 -2.88
N GLU A 43 0.65 -10.12 -2.34
CA GLU A 43 1.57 -11.06 -2.97
C GLU A 43 1.01 -11.57 -4.29
N GLU A 44 -0.28 -11.93 -4.27
CA GLU A 44 -0.95 -12.44 -5.46
C GLU A 44 -1.10 -11.35 -6.51
N TRP A 45 -1.37 -10.13 -6.04
CA TRP A 45 -1.55 -8.99 -6.94
C TRP A 45 -0.24 -8.65 -7.66
N ILE A 46 0.83 -8.50 -6.88
CA ILE A 46 2.13 -8.18 -7.44
C ILE A 46 2.62 -9.29 -8.37
N LYS A 47 2.40 -10.53 -7.97
CA LYS A 47 2.81 -11.68 -8.76
C LYS A 47 2.17 -11.65 -10.14
N GLU A 48 0.86 -11.42 -10.17
CA GLU A 48 0.12 -11.37 -11.43
C GLU A 48 0.46 -10.10 -12.20
N ASN A 49 0.42 -8.97 -11.51
CA ASN A 49 0.72 -7.68 -12.13
C ASN A 49 2.12 -7.69 -12.74
N ILE A 50 3.04 -8.36 -12.07
CA ILE A 50 4.42 -8.44 -12.55
C ILE A 50 4.48 -9.10 -13.93
N LYS A 51 3.65 -10.11 -14.13
CA LYS A 51 3.61 -10.82 -15.41
C LYS A 51 3.12 -9.90 -16.52
N LYS A 52 2.22 -8.98 -16.18
CA LYS A 52 1.68 -8.04 -17.16
C LYS A 52 2.61 -6.84 -17.34
N TYR A 53 3.25 -6.43 -16.26
CA TYR A 53 4.17 -5.30 -16.30
C TYR A 53 5.50 -5.65 -15.63
N PRO A 54 6.39 -6.29 -16.41
CA PRO A 54 7.72 -6.69 -15.92
C PRO A 54 8.63 -5.49 -15.67
N GLU A 55 8.34 -4.38 -16.34
CA GLU A 55 9.14 -3.18 -16.19
C GLU A 55 8.96 -2.57 -14.80
N TYR A 56 7.80 -2.81 -14.20
CA TYR A 56 7.50 -2.30 -12.87
C TYR A 56 7.81 -3.34 -11.80
N LYS A 57 8.10 -4.56 -12.24
CA LYS A 57 8.41 -5.65 -11.32
C LYS A 57 9.46 -5.22 -10.30
N ASP A 58 10.46 -4.48 -10.77
CA ASP A 58 11.53 -4.00 -9.90
C ASP A 58 10.96 -3.20 -8.73
N GLU A 59 10.10 -2.23 -9.04
CA GLU A 59 9.48 -1.39 -8.02
C GLU A 59 8.52 -2.20 -7.17
N LEU A 60 7.78 -3.10 -7.80
CA LEU A 60 6.82 -3.93 -7.09
C LEU A 60 7.51 -4.84 -6.08
N GLU A 61 8.66 -5.38 -6.47
CA GLU A 61 9.42 -6.25 -5.58
C GLU A 61 9.90 -5.50 -4.35
N VAL A 62 10.30 -4.24 -4.54
CA VAL A 62 10.77 -3.41 -3.45
C VAL A 62 9.70 -3.25 -2.38
N ALA A 63 8.49 -2.88 -2.80
CA ALA A 63 7.39 -2.70 -1.88
C ALA A 63 7.08 -3.99 -1.11
N TYR A 64 7.01 -5.09 -1.84
CA TYR A 64 6.71 -6.39 -1.23
C TYR A 64 7.83 -6.79 -0.26
N ASN A 65 9.07 -6.48 -0.63
CA ASN A 65 10.22 -6.81 0.21
C ASN A 65 10.09 -6.16 1.58
N SER A 66 9.57 -4.94 1.61
CA SER A 66 9.40 -4.20 2.86
C SER A 66 8.28 -4.82 3.70
N ALA A 67 7.13 -5.03 3.07
CA ALA A 67 5.98 -5.62 3.76
C ALA A 67 6.30 -7.02 4.26
N LYS A 68 7.01 -7.79 3.44
CA LYS A 68 7.38 -9.15 3.80
C LYS A 68 8.40 -9.17 4.92
N LEU A 69 9.31 -8.20 4.90
CA LEU A 69 10.34 -8.09 5.93
C LEU A 69 9.73 -7.99 7.32
N PHE A 70 8.76 -7.09 7.46
CA PHE A 70 8.08 -6.90 8.74
C PHE A 70 7.17 -8.08 9.06
N LEU A 71 6.52 -8.62 8.04
CA LEU A 71 5.61 -9.75 8.21
C LEU A 71 6.38 -10.98 8.69
N GLU A 72 7.66 -11.06 8.33
CA GLU A 72 8.49 -12.18 8.73
C GLU A 72 8.75 -12.16 10.23
N SER A 73 8.79 -10.97 10.80
CA SER A 73 9.03 -10.81 12.23
C SER A 73 7.79 -10.27 12.94
N PRO A 74 6.79 -11.14 13.13
CA PRO A 74 5.54 -10.79 13.79
C PRO A 74 5.72 -10.52 15.29
N LEU A 75 6.56 -9.55 15.61
CA LEU A 75 6.84 -9.20 17.00
C LEU A 75 6.89 -7.68 17.18
N VAL A 76 7.54 -7.01 16.24
CA VAL A 76 7.67 -5.56 16.29
C VAL A 76 6.32 -4.88 16.05
N GLU A 77 5.55 -4.73 17.13
CA GLU A 77 4.24 -4.09 17.03
C GLU A 77 4.36 -2.58 17.12
N GLY A 78 5.09 -1.99 16.18
CA GLY A 78 5.28 -0.55 16.18
C GLY A 78 4.85 0.08 14.86
N PRO A 79 5.33 1.31 14.60
CA PRO A 79 5.00 2.04 13.39
C PRO A 79 5.64 1.43 12.15
N GLY A 80 6.69 0.63 12.35
CA GLY A 80 7.37 -0.01 11.25
C GLY A 80 6.48 -0.98 10.51
N LYS A 81 5.62 -1.67 11.24
CA LYS A 81 4.70 -2.64 10.66
C LYS A 81 3.64 -1.94 9.82
N VAL A 82 2.99 -0.94 10.40
CA VAL A 82 1.95 -0.19 9.70
C VAL A 82 2.52 0.54 8.49
N ARG A 83 3.73 1.06 8.63
CA ARG A 83 4.39 1.79 7.56
C ARG A 83 4.77 0.83 6.41
N ALA A 84 5.11 -0.40 6.77
CA ALA A 84 5.49 -1.40 5.78
C ALA A 84 4.35 -1.68 4.81
N ILE A 85 3.15 -1.90 5.36
CA ILE A 85 1.98 -2.18 4.54
C ILE A 85 1.51 -0.93 3.81
N GLY A 86 1.42 0.19 4.54
CA GLY A 86 0.98 1.43 3.94
C GLY A 86 1.92 1.91 2.84
N ARG A 87 3.21 1.65 3.01
CA ARG A 87 4.21 2.05 2.04
C ARG A 87 3.94 1.39 0.68
N VAL A 88 3.58 0.11 0.71
CA VAL A 88 3.29 -0.63 -0.51
C VAL A 88 2.09 -0.05 -1.24
N LEU A 89 1.04 0.25 -0.49
CA LEU A 89 -0.18 0.82 -1.07
C LEU A 89 0.12 2.15 -1.75
N TRP A 90 1.00 2.94 -1.15
CA TRP A 90 1.36 4.24 -1.71
C TRP A 90 2.20 4.07 -2.97
N THR A 91 3.05 3.05 -2.98
CA THR A 91 3.91 2.78 -4.13
C THR A 91 3.08 2.55 -5.39
N ILE A 92 2.07 1.70 -5.28
CA ILE A 92 1.20 1.39 -6.40
C ILE A 92 0.38 2.61 -6.82
N LYS A 93 -0.03 3.40 -5.84
CA LYS A 93 -0.81 4.60 -6.10
C LYS A 93 -0.09 5.51 -7.10
N ARG A 94 1.18 5.77 -6.84
CA ARG A 94 1.98 6.62 -7.71
C ARG A 94 2.15 5.98 -9.09
N LEU A 95 2.35 4.67 -9.10
CA LEU A 95 2.53 3.94 -10.35
C LEU A 95 1.33 4.13 -11.27
N ASN A 96 0.19 4.50 -10.69
CA ASN A 96 -1.02 4.70 -11.46
C ASN A 96 -1.48 3.41 -12.13
N ILE A 97 -1.93 2.46 -11.33
CA ILE A 97 -2.40 1.17 -11.85
C ILE A 97 -3.65 0.70 -11.11
N ASP A 98 -4.72 0.50 -11.85
CA ASP A 98 -5.99 0.04 -11.27
C ASP A 98 -5.76 -1.20 -10.41
N SER A 99 -5.76 -1.00 -9.09
CA SER A 99 -5.56 -2.10 -8.15
C SER A 99 -6.70 -2.18 -7.14
N PRO A 100 -7.09 -3.41 -6.80
CA PRO A 100 -8.17 -3.65 -5.84
C PRO A 100 -7.79 -3.26 -4.42
N PHE A 101 -7.80 -1.96 -4.14
CA PHE A 101 -7.44 -1.46 -2.82
C PHE A 101 -8.11 -0.12 -2.55
N VAL A 102 -7.60 0.93 -3.20
CA VAL A 102 -8.15 2.27 -3.04
C VAL A 102 -9.56 2.35 -3.59
N SER A 1 -26.44 -12.62 1.73
CA SER A 1 -25.74 -12.62 0.46
C SER A 1 -25.57 -11.20 -0.07
N MET A 2 -26.67 -10.46 -0.12
CA MET A 2 -26.63 -9.08 -0.60
C MET A 2 -26.10 -8.14 0.47
N ASP A 3 -24.92 -7.58 0.23
CA ASP A 3 -24.30 -6.66 1.17
C ASP A 3 -24.30 -5.24 0.63
N LYS A 4 -24.41 -4.27 1.52
CA LYS A 4 -24.43 -2.86 1.14
C LYS A 4 -23.21 -2.52 0.27
N GLU A 5 -23.44 -2.34 -1.03
CA GLU A 5 -22.36 -2.02 -1.95
C GLU A 5 -22.21 -0.51 -2.10
N TRP A 6 -21.98 0.16 -0.98
CA TRP A 6 -21.81 1.62 -0.98
C TRP A 6 -20.60 2.02 -1.81
N ILE A 7 -19.56 1.21 -1.76
CA ILE A 7 -18.33 1.48 -2.51
C ILE A 7 -18.64 1.75 -3.99
N SER A 8 -19.67 1.09 -4.50
CA SER A 8 -20.07 1.25 -5.89
C SER A 8 -18.95 0.78 -6.83
N LYS A 9 -19.32 0.54 -8.08
CA LYS A 9 -18.35 0.08 -9.08
C LYS A 9 -17.33 1.17 -9.38
N LEU A 10 -17.75 2.18 -10.14
CA LEU A 10 -16.87 3.29 -10.49
C LEU A 10 -16.63 4.20 -9.30
N PRO A 11 -15.50 4.92 -9.32
CA PRO A 11 -15.12 5.85 -8.25
C PRO A 11 -16.02 7.08 -8.21
N LYS A 12 -15.65 8.06 -7.39
CA LYS A 12 -16.42 9.29 -7.27
C LYS A 12 -15.62 10.49 -7.78
N SER A 13 -14.52 10.78 -7.10
CA SER A 13 -13.66 11.90 -7.50
C SER A 13 -12.42 11.42 -8.22
N PRO A 14 -11.77 12.32 -8.97
CA PRO A 14 -10.56 12.01 -9.71
C PRO A 14 -9.35 11.76 -8.81
N GLU A 15 -9.14 12.67 -7.87
CA GLU A 15 -8.02 12.54 -6.93
C GLU A 15 -6.71 12.30 -7.68
N PRO A 16 -6.27 13.32 -8.42
CA PRO A 16 -5.02 13.25 -9.20
C PRO A 16 -3.78 13.21 -8.31
N TRP A 17 -3.71 14.16 -7.38
CA TRP A 17 -2.58 14.24 -6.46
C TRP A 17 -2.74 15.42 -5.50
N THR A 18 -2.54 15.15 -4.21
CA THR A 18 -2.67 16.20 -3.19
C THR A 18 -2.30 15.66 -1.82
N PRO A 19 -1.97 16.58 -0.90
CA PRO A 19 -1.60 16.22 0.48
C PRO A 19 -2.78 15.68 1.28
N GLU A 20 -3.97 16.20 0.98
CA GLU A 20 -5.18 15.77 1.68
C GLU A 20 -5.48 14.31 1.41
N GLN A 21 -5.47 13.94 0.13
CA GLN A 21 -5.75 12.56 -0.26
C GLN A 21 -4.66 11.62 0.25
N GLU A 22 -3.42 12.08 0.23
CA GLU A 22 -2.30 11.28 0.69
C GLU A 22 -2.47 10.91 2.17
N GLU A 23 -2.60 11.93 3.02
CA GLU A 23 -2.77 11.72 4.45
C GLU A 23 -4.01 10.87 4.73
N ALA A 24 -5.09 11.17 4.01
CA ALA A 24 -6.35 10.44 4.18
C ALA A 24 -6.19 8.98 3.79
N PHE A 25 -5.40 8.73 2.74
CA PHE A 25 -5.17 7.37 2.26
C PHE A 25 -4.54 6.52 3.35
N LEU A 26 -3.48 7.03 3.97
CA LEU A 26 -2.78 6.31 5.03
C LEU A 26 -3.59 6.33 6.32
N LYS A 27 -4.30 7.43 6.56
CA LYS A 27 -5.12 7.57 7.75
C LYS A 27 -6.25 6.55 7.76
N ARG A 28 -6.83 6.31 6.58
CA ARG A 28 -7.92 5.35 6.45
C ARG A 28 -7.42 3.92 6.53
N PHE A 29 -6.29 3.67 5.87
CA PHE A 29 -5.70 2.33 5.86
C PHE A 29 -5.17 1.96 7.24
N ALA A 30 -4.43 2.87 7.85
CA ALA A 30 -3.88 2.64 9.18
C ALA A 30 -4.98 2.49 10.22
N GLU A 31 -6.13 3.10 9.94
CA GLU A 31 -7.26 3.04 10.86
C GLU A 31 -7.54 1.60 11.30
N LYS A 32 -7.31 0.67 10.38
CA LYS A 32 -7.53 -0.75 10.67
C LYS A 32 -7.18 -1.61 9.46
N VAL A 33 -6.00 -2.21 9.48
CA VAL A 33 -5.55 -3.06 8.39
C VAL A 33 -4.94 -4.35 8.92
N ASP A 34 -4.93 -5.39 8.08
CA ASP A 34 -4.38 -6.68 8.46
C ASP A 34 -3.25 -7.08 7.51
N PRO A 35 -2.06 -7.33 8.09
CA PRO A 35 -0.88 -7.73 7.31
C PRO A 35 -1.01 -9.14 6.75
N GLU A 36 -1.62 -10.03 7.52
CA GLU A 36 -1.80 -11.41 7.10
C GLU A 36 -2.67 -11.48 5.84
N GLU A 37 -3.80 -10.77 5.87
CA GLU A 37 -4.72 -10.76 4.75
C GLU A 37 -4.15 -9.92 3.59
N THR A 38 -3.60 -8.75 3.94
CA THR A 38 -3.04 -7.85 2.94
C THR A 38 -1.87 -8.51 2.22
N LEU A 39 -1.12 -9.34 2.95
CA LEU A 39 0.04 -10.02 2.38
C LEU A 39 -0.39 -10.92 1.22
N LYS A 40 -1.51 -11.60 1.38
CA LYS A 40 -2.03 -12.50 0.36
C LYS A 40 -2.47 -11.71 -0.88
N LYS A 41 -3.28 -10.68 -0.65
CA LYS A 41 -3.78 -9.85 -1.74
C LYS A 41 -2.64 -9.11 -2.42
N LEU A 42 -1.68 -8.65 -1.63
CA LEU A 42 -0.53 -7.92 -2.16
C LEU A 42 0.41 -8.86 -2.91
N GLU A 43 0.65 -10.04 -2.33
CA GLU A 43 1.53 -11.02 -2.94
C GLU A 43 0.95 -11.52 -4.26
N GLU A 44 -0.34 -11.84 -4.26
CA GLU A 44 -1.02 -12.33 -5.44
C GLU A 44 -1.14 -11.23 -6.49
N TRP A 45 -1.38 -10.01 -6.03
CA TRP A 45 -1.53 -8.86 -6.93
C TRP A 45 -0.22 -8.57 -7.65
N ILE A 46 0.87 -8.47 -6.89
CA ILE A 46 2.18 -8.20 -7.47
C ILE A 46 2.61 -9.31 -8.41
N LYS A 47 2.34 -10.55 -8.01
CA LYS A 47 2.69 -11.71 -8.82
C LYS A 47 2.06 -11.62 -10.21
N GLU A 48 0.77 -11.34 -10.24
CA GLU A 48 0.04 -11.22 -11.50
C GLU A 48 0.42 -9.94 -12.23
N ASN A 49 0.44 -8.84 -11.50
CA ASN A 49 0.79 -7.54 -12.08
C ASN A 49 2.18 -7.58 -12.71
N ILE A 50 3.08 -8.34 -12.08
CA ILE A 50 4.44 -8.46 -12.59
C ILE A 50 4.47 -9.13 -13.96
N LYS A 51 3.61 -10.11 -14.14
CA LYS A 51 3.53 -10.84 -15.41
C LYS A 51 3.01 -9.92 -16.52
N LYS A 52 2.14 -9.00 -16.16
CA LYS A 52 1.57 -8.05 -17.12
C LYS A 52 2.52 -6.87 -17.34
N TYR A 53 3.18 -6.44 -16.27
CA TYR A 53 4.10 -5.32 -16.35
C TYR A 53 5.44 -5.66 -15.69
N PRO A 54 6.34 -6.29 -16.47
CA PRO A 54 7.66 -6.69 -15.99
C PRO A 54 8.57 -5.49 -15.75
N GLU A 55 8.27 -4.37 -16.40
CA GLU A 55 9.06 -3.16 -16.26
C GLU A 55 8.91 -2.58 -14.85
N TYR A 56 7.74 -2.83 -14.24
CA TYR A 56 7.47 -2.32 -12.91
C TYR A 56 7.80 -3.37 -11.84
N LYS A 57 8.08 -4.58 -12.30
CA LYS A 57 8.43 -5.67 -11.39
C LYS A 57 9.50 -5.25 -10.40
N ASP A 58 10.49 -4.51 -10.89
CA ASP A 58 11.59 -4.04 -10.05
C ASP A 58 11.04 -3.24 -8.86
N GLU A 59 10.19 -2.27 -9.16
CA GLU A 59 9.61 -1.42 -8.13
C GLU A 59 8.65 -2.23 -7.25
N LEU A 60 7.89 -3.12 -7.87
CA LEU A 60 6.93 -3.95 -7.16
C LEU A 60 7.65 -4.85 -6.14
N GLU A 61 8.76 -5.43 -6.56
CA GLU A 61 9.54 -6.31 -5.69
C GLU A 61 10.04 -5.55 -4.46
N VAL A 62 10.45 -4.30 -4.67
CA VAL A 62 10.95 -3.47 -3.57
C VAL A 62 9.90 -3.31 -2.48
N ALA A 63 8.68 -2.95 -2.89
CA ALA A 63 7.58 -2.75 -1.94
C ALA A 63 7.30 -4.04 -1.17
N TYR A 64 7.20 -5.15 -1.90
CA TYR A 64 6.93 -6.43 -1.28
C TYR A 64 8.05 -6.85 -0.33
N ASN A 65 9.29 -6.54 -0.74
CA ASN A 65 10.45 -6.88 0.08
C ASN A 65 10.36 -6.22 1.45
N SER A 66 9.85 -5.00 1.49
CA SER A 66 9.71 -4.27 2.74
C SER A 66 8.60 -4.86 3.60
N ALA A 67 7.43 -5.06 3.00
CA ALA A 67 6.29 -5.63 3.70
C ALA A 67 6.60 -7.03 4.21
N LYS A 68 7.27 -7.82 3.39
CA LYS A 68 7.63 -9.18 3.75
C LYS A 68 8.61 -9.19 4.92
N LEU A 69 9.53 -8.24 4.92
CA LEU A 69 10.52 -8.13 5.98
C LEU A 69 9.85 -7.99 7.35
N PHE A 70 8.88 -7.08 7.44
CA PHE A 70 8.16 -6.83 8.68
C PHE A 70 7.24 -8.01 9.00
N LEU A 71 6.56 -8.52 7.97
CA LEU A 71 5.64 -9.65 8.15
C LEU A 71 6.39 -10.89 8.62
N GLU A 72 7.68 -10.95 8.32
CA GLU A 72 8.51 -12.08 8.72
C GLU A 72 8.69 -12.12 10.23
N SER A 73 8.55 -10.97 10.87
CA SER A 73 8.70 -10.87 12.31
C SER A 73 7.37 -10.55 12.99
N PRO A 74 6.52 -11.59 13.12
CA PRO A 74 5.19 -11.45 13.74
C PRO A 74 5.29 -11.20 15.24
N LEU A 75 5.48 -9.94 15.61
CA LEU A 75 5.58 -9.56 17.02
C LEU A 75 5.69 -8.05 17.18
N VAL A 76 6.40 -7.42 16.24
CA VAL A 76 6.58 -5.96 16.27
C VAL A 76 5.27 -5.25 16.01
N GLU A 77 4.72 -4.62 17.05
CA GLU A 77 3.47 -3.89 16.94
C GLU A 77 3.68 -2.39 17.12
N GLY A 78 3.56 -1.65 16.02
CA GLY A 78 3.75 -0.21 16.08
C GLY A 78 3.64 0.45 14.72
N PRO A 79 4.24 1.64 14.58
CA PRO A 79 4.22 2.39 13.32
C PRO A 79 5.06 1.73 12.24
N GLY A 80 5.97 0.86 12.64
CA GLY A 80 6.83 0.17 11.69
C GLY A 80 6.07 -0.86 10.88
N LYS A 81 5.15 -1.56 11.52
CA LYS A 81 4.36 -2.59 10.85
C LYS A 81 3.36 -1.96 9.89
N VAL A 82 2.62 -0.96 10.38
CA VAL A 82 1.63 -0.28 9.56
C VAL A 82 2.28 0.45 8.39
N ARG A 83 3.46 1.01 8.65
CA ARG A 83 4.19 1.74 7.63
C ARG A 83 4.65 0.81 6.51
N ALA A 84 5.02 -0.42 6.88
CA ALA A 84 5.47 -1.40 5.92
C ALA A 84 4.38 -1.74 4.91
N ILE A 85 3.17 -2.00 5.41
CA ILE A 85 2.04 -2.33 4.56
C ILE A 85 1.55 -1.10 3.81
N GLY A 86 1.40 0.01 4.53
CA GLY A 86 0.93 1.23 3.91
C GLY A 86 1.88 1.75 2.84
N ARG A 87 3.17 1.53 3.05
CA ARG A 87 4.18 1.97 2.10
C ARG A 87 3.97 1.30 0.74
N VAL A 88 3.72 -0.01 0.76
CA VAL A 88 3.50 -0.75 -0.48
C VAL A 88 2.30 -0.22 -1.24
N LEU A 89 1.20 0.01 -0.51
CA LEU A 89 -0.02 0.52 -1.12
C LEU A 89 0.21 1.89 -1.74
N TRP A 90 1.05 2.69 -1.11
CA TRP A 90 1.36 4.02 -1.61
C TRP A 90 2.18 3.95 -2.90
N THR A 91 3.09 2.99 -2.96
CA THR A 91 3.93 2.81 -4.14
C THR A 91 3.09 2.55 -5.38
N ILE A 92 2.14 1.63 -5.26
CA ILE A 92 1.26 1.29 -6.37
C ILE A 92 0.39 2.47 -6.77
N LYS A 93 -0.03 3.25 -5.78
CA LYS A 93 -0.86 4.42 -6.02
C LYS A 93 -0.20 5.36 -7.03
N ARG A 94 1.07 5.66 -6.80
CA ARG A 94 1.82 6.55 -7.69
C ARG A 94 1.98 5.92 -9.07
N LEU A 95 2.20 4.61 -9.09
CA LEU A 95 2.38 3.90 -10.35
C LEU A 95 1.17 4.10 -11.28
N ASN A 96 0.04 4.43 -10.68
CA ASN A 96 -1.18 4.65 -11.45
C ASN A 96 -1.67 3.36 -12.09
N ILE A 97 -1.90 2.35 -11.25
CA ILE A 97 -2.37 1.05 -11.73
C ILE A 97 -3.63 0.62 -10.99
N ASP A 98 -4.74 0.52 -11.72
CA ASP A 98 -6.01 0.10 -11.14
C ASP A 98 -5.85 -1.19 -10.34
N SER A 99 -5.83 -1.06 -9.02
CA SER A 99 -5.67 -2.22 -8.15
C SER A 99 -6.81 -2.29 -7.13
N PRO A 100 -7.09 -3.50 -6.63
CA PRO A 100 -8.15 -3.73 -5.65
C PRO A 100 -7.80 -3.14 -4.28
N PHE A 101 -7.75 -1.82 -4.21
CA PHE A 101 -7.43 -1.13 -2.96
C PHE A 101 -8.10 0.24 -2.90
N VAL A 102 -7.55 1.20 -3.64
CA VAL A 102 -8.10 2.55 -3.67
C VAL A 102 -8.68 2.94 -2.32
N SER A 1 -9.62 8.34 30.12
CA SER A 1 -10.00 7.54 28.96
C SER A 1 -9.95 8.39 27.69
N MET A 2 -10.60 9.55 27.73
CA MET A 2 -10.63 10.45 26.58
C MET A 2 -11.19 9.75 25.36
N ASP A 3 -12.51 9.79 25.21
CA ASP A 3 -13.18 9.17 24.08
C ASP A 3 -14.20 10.10 23.45
N LYS A 4 -13.73 11.00 22.59
CA LYS A 4 -14.60 11.96 21.92
C LYS A 4 -14.87 11.54 20.48
N GLU A 5 -13.81 11.50 19.67
CA GLU A 5 -13.94 11.11 18.28
C GLU A 5 -12.67 10.40 17.78
N TRP A 6 -12.64 9.09 17.93
CA TRP A 6 -11.49 8.30 17.50
C TRP A 6 -11.57 7.96 16.02
N ILE A 7 -12.79 7.68 15.55
CA ILE A 7 -13.01 7.34 14.16
C ILE A 7 -12.67 8.52 13.24
N SER A 8 -12.92 9.73 13.74
CA SER A 8 -12.64 10.94 12.97
C SER A 8 -13.42 10.94 11.65
N LYS A 9 -14.61 11.53 11.68
CA LYS A 9 -15.45 11.61 10.49
C LYS A 9 -15.46 13.01 9.92
N LEU A 10 -14.27 13.56 9.66
CA LEU A 10 -14.15 14.90 9.11
C LEU A 10 -14.74 14.97 7.70
N PRO A 11 -15.11 16.18 7.27
CA PRO A 11 -15.69 16.41 5.94
C PRO A 11 -14.68 16.22 4.82
N LYS A 12 -15.08 15.49 3.78
CA LYS A 12 -14.21 15.23 2.65
C LYS A 12 -14.92 15.55 1.34
N SER A 13 -14.52 16.66 0.72
CA SER A 13 -15.13 17.08 -0.54
C SER A 13 -14.28 16.61 -1.73
N PRO A 14 -14.91 16.57 -2.92
CA PRO A 14 -14.23 16.15 -4.15
C PRO A 14 -13.19 17.15 -4.62
N GLU A 15 -11.92 16.77 -4.55
CA GLU A 15 -10.83 17.64 -4.97
C GLU A 15 -9.79 16.87 -5.78
N PRO A 16 -8.97 17.60 -6.56
CA PRO A 16 -7.94 17.00 -7.39
C PRO A 16 -6.79 16.41 -6.57
N TRP A 17 -5.73 15.99 -7.25
CA TRP A 17 -4.57 15.41 -6.58
C TRP A 17 -4.04 16.36 -5.50
N THR A 18 -3.99 15.87 -4.26
CA THR A 18 -3.51 16.66 -3.14
C THR A 18 -2.91 15.78 -2.05
N PRO A 19 -2.07 16.38 -1.20
CA PRO A 19 -1.41 15.66 -0.11
C PRO A 19 -2.39 15.25 0.99
N GLU A 20 -3.42 16.09 1.20
CA GLU A 20 -4.41 15.81 2.22
C GLU A 20 -5.10 14.47 1.97
N GLN A 21 -5.42 14.21 0.70
CA GLN A 21 -6.07 12.96 0.33
C GLN A 21 -5.22 11.76 0.71
N GLU A 22 -3.93 11.84 0.43
CA GLU A 22 -3.01 10.75 0.75
C GLU A 22 -2.93 10.54 2.26
N GLU A 23 -2.77 11.64 2.99
CA GLU A 23 -2.68 11.56 4.44
C GLU A 23 -3.87 10.83 5.04
N ALA A 24 -5.06 11.08 4.48
CA ALA A 24 -6.27 10.44 4.95
C ALA A 24 -6.24 8.94 4.68
N PHE A 25 -5.72 8.56 3.53
CA PHE A 25 -5.63 7.16 3.15
C PHE A 25 -4.79 6.37 4.15
N LEU A 26 -3.61 6.89 4.45
CA LEU A 26 -2.70 6.25 5.40
C LEU A 26 -3.21 6.40 6.83
N LYS A 27 -3.83 7.54 7.12
CA LYS A 27 -4.36 7.80 8.44
C LYS A 27 -5.47 6.80 8.79
N ARG A 28 -6.32 6.52 7.82
CA ARG A 28 -7.42 5.58 8.02
C ARG A 28 -6.92 4.14 8.02
N PHE A 29 -6.03 3.82 7.08
CA PHE A 29 -5.47 2.48 6.98
C PHE A 29 -4.70 2.11 8.24
N ALA A 30 -3.89 3.05 8.72
CA ALA A 30 -3.10 2.82 9.93
C ALA A 30 -3.98 2.53 11.13
N GLU A 31 -5.20 3.08 11.12
CA GLU A 31 -6.14 2.88 12.20
C GLU A 31 -6.27 1.39 12.54
N LYS A 32 -6.30 0.56 11.50
CA LYS A 32 -6.41 -0.89 11.69
C LYS A 32 -6.40 -1.61 10.35
N VAL A 33 -5.31 -2.31 10.07
CA VAL A 33 -5.18 -3.05 8.82
C VAL A 33 -4.80 -4.51 9.08
N ASP A 34 -5.15 -5.38 8.15
CA ASP A 34 -4.85 -6.80 8.28
C ASP A 34 -3.67 -7.19 7.39
N PRO A 35 -2.48 -7.29 7.99
CA PRO A 35 -1.25 -7.65 7.27
C PRO A 35 -1.26 -9.10 6.80
N GLU A 36 -1.82 -9.98 7.62
CA GLU A 36 -1.90 -11.40 7.30
C GLU A 36 -2.72 -11.63 6.04
N GLU A 37 -3.89 -11.01 5.98
CA GLU A 37 -4.78 -11.15 4.83
C GLU A 37 -4.26 -10.33 3.65
N THR A 38 -3.85 -9.10 3.93
CA THR A 38 -3.34 -8.21 2.90
C THR A 38 -2.09 -8.78 2.24
N LEU A 39 -1.30 -9.50 3.03
CA LEU A 39 -0.08 -10.11 2.52
C LEU A 39 -0.37 -11.05 1.37
N LYS A 40 -1.49 -11.74 1.44
CA LYS A 40 -1.89 -12.67 0.39
C LYS A 40 -2.39 -11.92 -0.84
N LYS A 41 -3.30 -10.97 -0.63
CA LYS A 41 -3.84 -10.19 -1.72
C LYS A 41 -2.75 -9.38 -2.42
N LEU A 42 -1.84 -8.83 -1.63
CA LEU A 42 -0.73 -8.05 -2.17
C LEU A 42 0.27 -8.93 -2.89
N GLU A 43 0.60 -10.07 -2.27
CA GLU A 43 1.56 -11.01 -2.86
C GLU A 43 1.05 -11.54 -4.20
N GLU A 44 -0.23 -11.92 -4.22
CA GLU A 44 -0.84 -12.45 -5.43
C GLU A 44 -0.99 -11.36 -6.49
N TRP A 45 -1.30 -10.15 -6.04
CA TRP A 45 -1.47 -9.02 -6.95
C TRP A 45 -0.16 -8.69 -7.67
N ILE A 46 0.91 -8.57 -6.91
CA ILE A 46 2.22 -8.26 -7.47
C ILE A 46 2.68 -9.37 -8.43
N LYS A 47 2.41 -10.61 -8.06
CA LYS A 47 2.78 -11.75 -8.88
C LYS A 47 2.10 -11.69 -10.25
N GLU A 48 0.80 -11.42 -10.23
CA GLU A 48 0.02 -11.33 -11.47
C GLU A 48 0.37 -10.05 -12.24
N ASN A 49 0.37 -8.93 -11.54
CA ASN A 49 0.69 -7.63 -12.15
C ASN A 49 2.07 -7.67 -12.77
N ILE A 50 3.01 -8.33 -12.10
CA ILE A 50 4.38 -8.42 -12.58
C ILE A 50 4.43 -9.03 -13.97
N LYS A 51 3.57 -10.02 -14.20
CA LYS A 51 3.51 -10.70 -15.50
C LYS A 51 3.01 -9.75 -16.59
N LYS A 52 2.11 -8.85 -16.21
CA LYS A 52 1.56 -7.88 -17.15
C LYS A 52 2.51 -6.70 -17.34
N TYR A 53 3.19 -6.32 -16.27
CA TYR A 53 4.14 -5.20 -16.33
C TYR A 53 5.47 -5.59 -15.69
N PRO A 54 6.34 -6.24 -16.48
CA PRO A 54 7.65 -6.68 -16.02
C PRO A 54 8.60 -5.51 -15.78
N GLU A 55 8.36 -4.40 -16.47
CA GLU A 55 9.19 -3.22 -16.33
C GLU A 55 9.05 -2.61 -14.94
N TYR A 56 7.89 -2.84 -14.31
CA TYR A 56 7.63 -2.31 -12.98
C TYR A 56 7.89 -3.36 -11.92
N LYS A 57 8.13 -4.59 -12.37
CA LYS A 57 8.41 -5.71 -11.45
C LYS A 57 9.45 -5.31 -10.42
N ASP A 58 10.41 -4.48 -10.82
CA ASP A 58 11.46 -4.03 -9.93
C ASP A 58 10.89 -3.24 -8.76
N GLU A 59 10.03 -2.27 -9.07
CA GLU A 59 9.41 -1.45 -8.04
C GLU A 59 8.50 -2.29 -7.14
N LEU A 60 7.68 -3.13 -7.76
CA LEU A 60 6.76 -3.99 -7.03
C LEU A 60 7.51 -4.90 -6.06
N GLU A 61 8.64 -5.44 -6.52
CA GLU A 61 9.46 -6.33 -5.71
C GLU A 61 9.96 -5.60 -4.46
N VAL A 62 10.27 -4.32 -4.60
CA VAL A 62 10.76 -3.52 -3.49
C VAL A 62 9.70 -3.39 -2.41
N ALA A 63 8.47 -3.06 -2.81
CA ALA A 63 7.37 -2.91 -1.88
C ALA A 63 7.12 -4.20 -1.10
N TYR A 64 7.07 -5.32 -1.82
CA TYR A 64 6.83 -6.62 -1.21
C TYR A 64 7.97 -6.98 -0.25
N ASN A 65 9.18 -6.60 -0.62
CA ASN A 65 10.35 -6.88 0.22
C ASN A 65 10.22 -6.21 1.58
N SER A 66 9.68 -5.00 1.59
CA SER A 66 9.50 -4.25 2.83
C SER A 66 8.40 -4.87 3.69
N ALA A 67 7.26 -5.16 3.07
CA ALA A 67 6.14 -5.76 3.77
C ALA A 67 6.49 -7.16 4.28
N LYS A 68 7.21 -7.91 3.47
CA LYS A 68 7.61 -9.27 3.83
C LYS A 68 8.64 -9.24 4.96
N LEU A 69 9.53 -8.26 4.91
CA LEU A 69 10.56 -8.12 5.93
C LEU A 69 9.95 -7.99 7.33
N PHE A 70 8.96 -7.11 7.45
CA PHE A 70 8.29 -6.89 8.71
C PHE A 70 7.41 -8.08 9.08
N LEU A 71 6.69 -8.61 8.10
CA LEU A 71 5.82 -9.75 8.31
C LEU A 71 6.61 -10.96 8.79
N GLU A 72 7.86 -11.06 8.34
CA GLU A 72 8.72 -12.16 8.72
C GLU A 72 9.09 -12.10 10.20
N SER A 73 8.93 -10.91 10.79
CA SER A 73 9.24 -10.71 12.19
C SER A 73 7.97 -10.51 13.01
N PRO A 74 7.33 -11.62 13.39
CA PRO A 74 6.10 -11.61 14.18
C PRO A 74 6.34 -11.15 15.62
N LEU A 75 6.49 -9.85 15.80
CA LEU A 75 6.74 -9.28 17.12
C LEU A 75 6.61 -7.76 17.09
N VAL A 76 7.09 -7.15 16.02
CA VAL A 76 7.03 -5.70 15.87
C VAL A 76 5.58 -5.21 15.86
N GLU A 77 5.21 -4.48 16.92
CA GLU A 77 3.85 -3.96 17.03
C GLU A 77 3.87 -2.44 17.17
N GLY A 78 4.49 -1.77 16.20
CA GLY A 78 4.56 -0.32 16.23
C GLY A 78 4.27 0.30 14.87
N PRO A 79 4.79 1.53 14.66
CA PRO A 79 4.59 2.25 13.41
C PRO A 79 5.36 1.63 12.25
N GLY A 80 6.38 0.84 12.57
CA GLY A 80 7.17 0.19 11.55
C GLY A 80 6.37 -0.84 10.76
N LYS A 81 5.53 -1.59 11.45
CA LYS A 81 4.71 -2.60 10.80
C LYS A 81 3.68 -1.97 9.87
N VAL A 82 2.96 -0.97 10.39
CA VAL A 82 1.95 -0.27 9.60
C VAL A 82 2.58 0.44 8.40
N ARG A 83 3.77 1.00 8.61
CA ARG A 83 4.47 1.71 7.55
C ARG A 83 4.85 0.76 6.42
N ALA A 84 5.16 -0.48 6.78
CA ALA A 84 5.54 -1.49 5.78
C ALA A 84 4.38 -1.80 4.85
N ILE A 85 3.21 -2.04 5.42
CA ILE A 85 2.02 -2.35 4.64
C ILE A 85 1.52 -1.12 3.90
N GLY A 86 1.43 0.00 4.60
CA GLY A 86 0.97 1.23 3.99
C GLY A 86 1.87 1.70 2.87
N ARG A 87 3.17 1.44 3.00
CA ARG A 87 4.14 1.84 1.99
C ARG A 87 3.83 1.17 0.66
N VAL A 88 3.59 -0.13 0.70
CA VAL A 88 3.28 -0.89 -0.51
C VAL A 88 2.03 -0.36 -1.20
N LEU A 89 1.01 -0.07 -0.40
CA LEU A 89 -0.25 0.46 -0.93
C LEU A 89 -0.01 1.76 -1.68
N TRP A 90 0.86 2.61 -1.14
CA TRP A 90 1.17 3.89 -1.76
C TRP A 90 2.00 3.70 -3.02
N THR A 91 2.88 2.70 -3.00
CA THR A 91 3.74 2.42 -4.14
C THR A 91 2.93 2.08 -5.38
N ILE A 92 1.95 1.18 -5.20
CA ILE A 92 1.09 0.78 -6.31
C ILE A 92 0.22 1.93 -6.79
N LYS A 93 -0.25 2.74 -5.85
CA LYS A 93 -1.09 3.89 -6.17
C LYS A 93 -0.30 4.95 -6.93
N ARG A 94 0.90 5.24 -6.44
CA ARG A 94 1.76 6.23 -7.07
C ARG A 94 2.09 5.84 -8.51
N LEU A 95 2.19 4.54 -8.75
CA LEU A 95 2.50 4.04 -10.08
C LEU A 95 1.44 4.47 -11.09
N ASN A 96 0.28 4.86 -10.57
CA ASN A 96 -0.83 5.30 -11.43
C ASN A 96 -1.39 4.12 -12.23
N ILE A 97 -1.41 2.95 -11.60
CA ILE A 97 -1.93 1.75 -12.26
C ILE A 97 -3.30 1.36 -11.69
N ASP A 98 -4.17 0.89 -12.57
CA ASP A 98 -5.52 0.48 -12.16
C ASP A 98 -5.46 -0.73 -11.24
N SER A 99 -5.30 -0.48 -9.94
CA SER A 99 -5.21 -1.55 -8.96
C SER A 99 -6.25 -1.34 -7.85
N PRO A 100 -6.54 -2.42 -7.10
CA PRO A 100 -7.51 -2.38 -6.01
C PRO A 100 -7.00 -1.58 -4.81
N PHE A 101 -7.60 -1.82 -3.65
CA PHE A 101 -7.20 -1.13 -2.43
C PHE A 101 -7.55 0.36 -2.52
N VAL A 102 -8.36 0.72 -3.50
CA VAL A 102 -8.77 2.10 -3.69
C VAL A 102 -10.16 2.18 -4.32
N SER A 1 -2.40 11.85 23.81
CA SER A 1 -3.03 10.79 23.03
C SER A 1 -4.00 11.37 22.00
N MET A 2 -3.90 10.88 20.76
CA MET A 2 -4.77 11.35 19.70
C MET A 2 -5.12 10.21 18.74
N ASP A 3 -6.23 10.36 18.03
CA ASP A 3 -6.68 9.34 17.09
C ASP A 3 -7.15 9.98 15.78
N LYS A 4 -6.46 11.05 15.36
CA LYS A 4 -6.81 11.75 14.14
C LYS A 4 -8.29 12.12 14.12
N GLU A 5 -8.67 13.09 14.94
CA GLU A 5 -10.05 13.54 15.01
C GLU A 5 -10.21 14.93 14.43
N TRP A 6 -9.17 15.76 14.58
CA TRP A 6 -9.19 17.12 14.08
C TRP A 6 -9.07 17.13 12.55
N ILE A 7 -8.28 16.21 12.02
CA ILE A 7 -8.08 16.12 10.57
C ILE A 7 -9.41 15.95 9.85
N SER A 8 -10.35 15.25 10.49
CA SER A 8 -11.67 15.02 9.91
C SER A 8 -12.46 16.32 9.83
N LYS A 9 -12.55 16.87 8.62
CA LYS A 9 -13.29 18.11 8.41
C LYS A 9 -13.26 18.52 6.95
N LEU A 10 -12.13 18.29 6.29
CA LEU A 10 -11.96 18.64 4.89
C LEU A 10 -12.89 17.79 4.02
N PRO A 11 -13.18 18.29 2.80
CA PRO A 11 -14.05 17.59 1.85
C PRO A 11 -13.39 16.33 1.29
N LYS A 12 -14.04 15.71 0.30
CA LYS A 12 -13.52 14.51 -0.32
C LYS A 12 -13.36 14.71 -1.83
N SER A 13 -12.10 14.74 -2.28
CA SER A 13 -11.81 14.92 -3.70
C SER A 13 -11.24 13.64 -4.31
N PRO A 14 -11.30 13.55 -5.64
CA PRO A 14 -10.81 12.38 -6.38
C PRO A 14 -9.28 12.29 -6.34
N GLU A 15 -8.62 13.40 -6.64
CA GLU A 15 -7.16 13.44 -6.64
C GLU A 15 -6.65 14.84 -6.35
N PRO A 16 -6.86 15.31 -5.11
CA PRO A 16 -6.43 16.64 -4.67
C PRO A 16 -4.92 16.75 -4.56
N TRP A 17 -4.45 17.89 -4.07
CA TRP A 17 -3.02 18.12 -3.91
C TRP A 17 -2.72 18.74 -2.54
N THR A 18 -3.10 18.03 -1.49
CA THR A 18 -2.87 18.51 -0.13
C THR A 18 -2.27 17.41 0.74
N PRO A 19 -1.64 17.83 1.85
CA PRO A 19 -1.00 16.89 2.79
C PRO A 19 -2.03 16.07 3.57
N GLU A 20 -3.18 16.67 3.82
CA GLU A 20 -4.24 15.99 4.56
C GLU A 20 -4.66 14.71 3.85
N GLN A 21 -4.65 14.74 2.52
CA GLN A 21 -5.03 13.59 1.72
C GLN A 21 -4.11 12.41 2.01
N GLU A 22 -2.82 12.69 2.20
CA GLU A 22 -1.85 11.65 2.47
C GLU A 22 -2.10 11.01 3.83
N GLU A 23 -2.17 11.84 4.87
CA GLU A 23 -2.41 11.35 6.23
C GLU A 23 -3.74 10.61 6.31
N ALA A 24 -4.73 11.08 5.55
CA ALA A 24 -6.05 10.46 5.54
C ALA A 24 -5.98 9.05 4.96
N PHE A 25 -5.19 8.89 3.90
CA PHE A 25 -5.04 7.59 3.26
C PHE A 25 -4.50 6.55 4.23
N LEU A 26 -3.41 6.90 4.91
CA LEU A 26 -2.80 6.00 5.88
C LEU A 26 -3.65 5.87 7.13
N LYS A 27 -4.31 6.96 7.51
CA LYS A 27 -5.17 6.98 8.68
C LYS A 27 -6.40 6.09 8.48
N ARG A 28 -6.88 6.05 7.24
CA ARG A 28 -8.06 5.24 6.92
C ARG A 28 -7.69 3.76 6.81
N PHE A 29 -6.49 3.50 6.29
CA PHE A 29 -6.01 2.13 6.13
C PHE A 29 -5.57 1.55 7.47
N ALA A 30 -4.77 2.32 8.21
CA ALA A 30 -4.28 1.89 9.51
C ALA A 30 -5.43 1.70 10.50
N GLU A 31 -6.56 2.33 10.20
CA GLU A 31 -7.73 2.23 11.08
C GLU A 31 -8.02 0.77 11.44
N LYS A 32 -7.76 -0.13 10.51
CA LYS A 32 -7.99 -1.55 10.73
C LYS A 32 -7.58 -2.36 9.50
N VAL A 33 -6.39 -2.95 9.54
CA VAL A 33 -5.90 -3.75 8.44
C VAL A 33 -5.27 -5.05 8.95
N ASP A 34 -5.23 -6.06 8.07
CA ASP A 34 -4.64 -7.35 8.44
C ASP A 34 -3.46 -7.68 7.53
N PRO A 35 -2.29 -7.91 8.15
CA PRO A 35 -1.05 -8.23 7.43
C PRO A 35 -1.10 -9.62 6.81
N GLU A 36 -1.70 -10.57 7.52
CA GLU A 36 -1.82 -11.95 7.03
C GLU A 36 -2.65 -11.99 5.75
N GLU A 37 -3.80 -11.33 5.77
CA GLU A 37 -4.69 -11.30 4.62
C GLU A 37 -4.14 -10.40 3.53
N THR A 38 -3.63 -9.23 3.92
CA THR A 38 -3.07 -8.28 2.96
C THR A 38 -1.85 -8.86 2.27
N LEU A 39 -1.09 -9.67 3.00
CA LEU A 39 0.11 -10.29 2.44
C LEU A 39 -0.23 -11.21 1.28
N LYS A 40 -1.32 -11.96 1.44
CA LYS A 40 -1.77 -12.89 0.39
C LYS A 40 -2.26 -12.12 -0.83
N LYS A 41 -3.15 -11.16 -0.60
CA LYS A 41 -3.70 -10.35 -1.69
C LYS A 41 -2.61 -9.53 -2.36
N LEU A 42 -1.69 -9.00 -1.57
CA LEU A 42 -0.59 -8.20 -2.09
C LEU A 42 0.42 -9.07 -2.85
N GLU A 43 0.74 -10.22 -2.26
CA GLU A 43 1.68 -11.15 -2.88
C GLU A 43 1.16 -11.66 -4.22
N GLU A 44 -0.11 -12.06 -4.23
CA GLU A 44 -0.74 -12.57 -5.45
C GLU A 44 -0.94 -11.45 -6.47
N TRP A 45 -1.27 -10.26 -5.98
CA TRP A 45 -1.49 -9.12 -6.84
C TRP A 45 -0.21 -8.74 -7.59
N ILE A 46 0.89 -8.61 -6.86
CA ILE A 46 2.17 -8.27 -7.45
C ILE A 46 2.63 -9.34 -8.43
N LYS A 47 2.41 -10.60 -8.08
CA LYS A 47 2.80 -11.71 -8.93
C LYS A 47 2.13 -11.61 -10.30
N GLU A 48 0.82 -11.38 -10.29
CA GLU A 48 0.06 -11.26 -11.53
C GLU A 48 0.37 -9.94 -12.23
N ASN A 49 0.38 -8.85 -11.46
CA ASN A 49 0.67 -7.54 -12.02
C ASN A 49 2.03 -7.52 -12.69
N ILE A 50 3.00 -8.18 -12.08
CA ILE A 50 4.36 -8.24 -12.63
C ILE A 50 4.35 -8.79 -14.05
N LYS A 51 3.49 -9.78 -14.28
CA LYS A 51 3.39 -10.40 -15.60
C LYS A 51 2.88 -9.40 -16.63
N LYS A 52 2.02 -8.49 -16.19
CA LYS A 52 1.46 -7.47 -17.08
C LYS A 52 2.44 -6.30 -17.24
N TYR A 53 3.03 -5.87 -16.14
CA TYR A 53 3.97 -4.76 -16.17
C TYR A 53 5.32 -5.18 -15.58
N PRO A 54 6.15 -5.82 -16.41
CA PRO A 54 7.47 -6.29 -15.99
C PRO A 54 8.45 -5.13 -15.75
N GLU A 55 8.18 -4.00 -16.40
CA GLU A 55 9.03 -2.83 -16.26
C GLU A 55 8.97 -2.28 -14.84
N TYR A 56 7.86 -2.54 -14.15
CA TYR A 56 7.68 -2.07 -12.79
C TYR A 56 7.92 -3.20 -11.79
N LYS A 57 8.19 -4.39 -12.30
CA LYS A 57 8.45 -5.54 -11.46
C LYS A 57 9.48 -5.22 -10.38
N ASP A 58 10.44 -4.37 -10.73
CA ASP A 58 11.49 -3.98 -9.79
C ASP A 58 10.89 -3.22 -8.61
N GLU A 59 10.07 -2.22 -8.91
CA GLU A 59 9.44 -1.42 -7.86
C GLU A 59 8.52 -2.27 -7.00
N LEU A 60 7.75 -3.14 -7.64
CA LEU A 60 6.82 -4.01 -6.93
C LEU A 60 7.57 -4.93 -5.98
N GLU A 61 8.68 -5.49 -6.44
CA GLU A 61 9.49 -6.39 -5.63
C GLU A 61 9.97 -5.69 -4.37
N VAL A 62 10.28 -4.40 -4.49
CA VAL A 62 10.76 -3.62 -3.35
C VAL A 62 9.70 -3.53 -2.27
N ALA A 63 8.48 -3.17 -2.65
CA ALA A 63 7.37 -3.05 -1.71
C ALA A 63 7.12 -4.38 -1.01
N TYR A 64 7.05 -5.45 -1.79
CA TYR A 64 6.80 -6.78 -1.24
C TYR A 64 7.89 -7.18 -0.26
N ASN A 65 9.13 -6.87 -0.61
CA ASN A 65 10.27 -7.20 0.25
C ASN A 65 10.13 -6.54 1.62
N SER A 66 9.63 -5.30 1.63
CA SER A 66 9.45 -4.57 2.88
C SER A 66 8.38 -5.22 3.73
N ALA A 67 7.25 -5.56 3.12
CA ALA A 67 6.15 -6.19 3.83
C ALA A 67 6.58 -7.51 4.46
N LYS A 68 7.40 -8.26 3.74
CA LYS A 68 7.90 -9.54 4.22
C LYS A 68 8.86 -9.34 5.39
N LEU A 69 9.67 -8.30 5.32
CA LEU A 69 10.64 -8.00 6.37
C LEU A 69 9.93 -7.83 7.72
N PHE A 70 8.86 -7.03 7.73
CA PHE A 70 8.10 -6.78 8.94
C PHE A 70 7.40 -8.05 9.41
N LEU A 71 6.95 -8.85 8.46
CA LEU A 71 6.25 -10.09 8.78
C LEU A 71 7.22 -11.13 9.34
N GLU A 72 8.48 -11.06 8.91
CA GLU A 72 9.49 -11.99 9.37
C GLU A 72 10.03 -11.57 10.73
N SER A 73 9.49 -10.49 11.27
CA SER A 73 9.92 -9.98 12.57
C SER A 73 8.84 -10.21 13.62
N PRO A 74 8.83 -11.40 14.21
CA PRO A 74 7.85 -11.77 15.24
C PRO A 74 8.07 -11.02 16.55
N LEU A 75 7.64 -9.76 16.59
CA LEU A 75 7.80 -8.94 17.78
C LEU A 75 7.07 -7.61 17.62
N VAL A 76 7.10 -7.07 16.41
CA VAL A 76 6.44 -5.80 16.12
C VAL A 76 5.08 -6.03 15.46
N GLU A 77 4.05 -6.19 16.27
CA GLU A 77 2.71 -6.42 15.76
C GLU A 77 1.82 -5.19 15.98
N GLY A 78 1.94 -4.22 15.08
CA GLY A 78 1.15 -3.00 15.19
C GLY A 78 1.63 -1.91 14.26
N PRO A 79 2.59 -1.09 14.73
CA PRO A 79 3.15 0.00 13.94
C PRO A 79 4.00 -0.49 12.78
N GLY A 80 4.62 -1.65 12.96
CA GLY A 80 5.46 -2.21 11.91
C GLY A 80 4.65 -2.83 10.79
N LYS A 81 3.56 -3.51 11.15
CA LYS A 81 2.71 -4.14 10.16
C LYS A 81 1.97 -3.10 9.33
N VAL A 82 1.52 -2.03 9.98
CA VAL A 82 0.81 -0.96 9.30
C VAL A 82 1.72 -0.22 8.33
N ARG A 83 2.97 -0.03 8.74
CA ARG A 83 3.94 0.67 7.90
C ARG A 83 4.33 -0.17 6.69
N ALA A 84 4.33 -1.49 6.87
CA ALA A 84 4.69 -2.40 5.79
C ALA A 84 3.61 -2.41 4.70
N ILE A 85 2.35 -2.54 5.12
CA ILE A 85 1.23 -2.56 4.19
C ILE A 85 0.97 -1.18 3.61
N GLY A 86 1.00 -0.16 4.48
CA GLY A 86 0.77 1.20 4.02
C GLY A 86 1.82 1.66 3.03
N ARG A 87 3.06 1.27 3.26
CA ARG A 87 4.16 1.65 2.37
C ARG A 87 3.94 1.12 0.96
N VAL A 88 3.58 -0.17 0.87
CA VAL A 88 3.34 -0.80 -0.42
C VAL A 88 2.15 -0.16 -1.13
N LEU A 89 1.12 0.16 -0.36
CA LEU A 89 -0.09 0.78 -0.93
C LEU A 89 0.25 2.11 -1.57
N TRP A 90 1.20 2.83 -0.98
CA TRP A 90 1.61 4.13 -1.51
C TRP A 90 2.33 3.97 -2.84
N THR A 91 3.22 2.99 -2.92
CA THR A 91 3.98 2.73 -4.14
C THR A 91 3.04 2.45 -5.31
N ILE A 92 2.07 1.57 -5.10
CA ILE A 92 1.13 1.20 -6.14
C ILE A 92 0.24 2.40 -6.51
N LYS A 93 -0.11 3.20 -5.51
CA LYS A 93 -0.95 4.37 -5.71
C LYS A 93 -0.32 5.30 -6.75
N ARG A 94 0.97 5.58 -6.59
CA ARG A 94 1.67 6.46 -7.52
C ARG A 94 1.72 5.86 -8.91
N LEU A 95 1.93 4.55 -8.98
CA LEU A 95 2.00 3.85 -10.26
C LEU A 95 0.76 4.13 -11.10
N ASN A 96 -0.36 4.42 -10.43
CA ASN A 96 -1.60 4.72 -11.12
C ASN A 96 -2.14 3.47 -11.83
N ILE A 97 -2.09 2.34 -11.14
CA ILE A 97 -2.56 1.08 -11.70
C ILE A 97 -3.83 0.60 -10.99
N ASP A 98 -4.92 0.51 -11.74
CA ASP A 98 -6.19 0.05 -11.18
C ASP A 98 -6.01 -1.27 -10.43
N SER A 99 -5.99 -1.19 -9.11
CA SER A 99 -5.83 -2.37 -8.27
C SER A 99 -6.96 -2.50 -7.27
N PRO A 100 -7.24 -3.73 -6.83
CA PRO A 100 -8.30 -4.02 -5.85
C PRO A 100 -7.97 -3.50 -4.47
N PHE A 101 -8.08 -2.19 -4.29
CA PHE A 101 -7.79 -1.56 -3.00
C PHE A 101 -8.56 -0.26 -2.84
N VAL A 102 -8.57 0.55 -3.89
CA VAL A 102 -9.28 1.83 -3.86
C VAL A 102 -10.55 1.77 -4.68
N SER A 1 11.83 11.22 4.95
CA SER A 1 11.16 11.98 5.99
C SER A 1 11.34 11.31 7.35
N MET A 2 11.08 12.07 8.41
CA MET A 2 11.21 11.55 9.77
C MET A 2 10.27 12.28 10.72
N ASP A 3 9.00 12.38 10.34
CA ASP A 3 8.01 13.06 11.15
C ASP A 3 6.71 12.25 11.20
N LYS A 4 5.89 12.52 12.22
CA LYS A 4 4.62 11.83 12.39
C LYS A 4 3.51 12.51 11.60
N GLU A 5 3.05 13.66 12.11
CA GLU A 5 2.00 14.41 11.46
C GLU A 5 0.74 13.56 11.29
N TRP A 6 -0.18 13.67 12.24
CA TRP A 6 -1.43 12.92 12.20
C TRP A 6 -2.37 13.48 11.14
N ILE A 7 -2.60 14.78 11.20
CA ILE A 7 -3.48 15.45 10.25
C ILE A 7 -4.86 14.77 10.20
N SER A 8 -5.77 15.26 11.03
CA SER A 8 -7.12 14.70 11.09
C SER A 8 -8.13 15.77 11.50
N LYS A 9 -8.79 16.37 10.50
CA LYS A 9 -9.78 17.40 10.75
C LYS A 9 -10.64 17.64 9.51
N LEU A 10 -10.01 17.61 8.35
CA LEU A 10 -10.71 17.82 7.09
C LEU A 10 -11.72 16.70 6.84
N PRO A 11 -12.74 17.00 6.02
CA PRO A 11 -13.79 16.02 5.68
C PRO A 11 -13.27 14.91 4.78
N LYS A 12 -14.19 14.09 4.28
CA LYS A 12 -13.83 12.98 3.41
C LYS A 12 -14.04 13.35 1.94
N SER A 13 -12.93 13.42 1.19
CA SER A 13 -12.98 13.76 -0.22
C SER A 13 -12.60 12.57 -1.10
N PRO A 14 -12.98 12.63 -2.38
CA PRO A 14 -12.69 11.56 -3.34
C PRO A 14 -11.20 11.49 -3.68
N GLU A 15 -10.80 12.29 -4.68
CA GLU A 15 -9.41 12.32 -5.11
C GLU A 15 -8.96 13.74 -5.38
N PRO A 16 -8.84 14.55 -4.31
CA PRO A 16 -8.41 15.95 -4.41
C PRO A 16 -6.94 16.08 -4.80
N TRP A 17 -6.43 17.31 -4.73
CA TRP A 17 -5.03 17.57 -5.06
C TRP A 17 -4.30 18.22 -3.90
N THR A 18 -4.40 17.60 -2.73
CA THR A 18 -3.74 18.12 -1.54
C THR A 18 -3.03 17.01 -0.77
N PRO A 19 -2.07 17.40 0.08
CA PRO A 19 -1.29 16.45 0.88
C PRO A 19 -2.13 15.80 1.98
N GLU A 20 -3.15 16.52 2.44
CA GLU A 20 -4.03 16.01 3.49
C GLU A 20 -4.65 14.68 3.07
N GLN A 21 -4.93 14.54 1.78
CA GLN A 21 -5.53 13.32 1.26
C GLN A 21 -4.66 12.11 1.57
N GLU A 22 -3.35 12.31 1.50
CA GLU A 22 -2.40 11.23 1.77
C GLU A 22 -2.38 10.88 3.26
N GLU A 23 -2.21 11.90 4.09
CA GLU A 23 -2.17 11.70 5.53
C GLU A 23 -3.44 11.02 6.04
N ALA A 24 -4.56 11.36 5.41
CA ALA A 24 -5.85 10.78 5.80
C ALA A 24 -5.90 9.30 5.43
N PHE A 25 -5.38 8.96 4.27
CA PHE A 25 -5.36 7.57 3.80
C PHE A 25 -4.59 6.68 4.77
N LEU A 26 -3.37 7.10 5.11
CA LEU A 26 -2.54 6.34 6.02
C LEU A 26 -3.09 6.39 7.44
N LYS A 27 -3.67 7.53 7.80
CA LYS A 27 -4.24 7.70 9.13
C LYS A 27 -5.45 6.79 9.33
N ARG A 28 -6.25 6.63 8.29
CA ARG A 28 -7.44 5.78 8.34
C ARG A 28 -7.05 4.31 8.26
N PHE A 29 -6.01 4.02 7.47
CA PHE A 29 -5.54 2.65 7.30
C PHE A 29 -4.83 2.16 8.56
N ALA A 30 -4.02 3.04 9.15
CA ALA A 30 -3.28 2.70 10.36
C ALA A 30 -4.22 2.35 11.51
N GLU A 31 -5.41 2.95 11.49
CA GLU A 31 -6.40 2.71 12.53
C GLU A 31 -6.60 1.21 12.76
N LYS A 32 -6.57 0.45 11.68
CA LYS A 32 -6.73 -1.00 11.77
C LYS A 32 -6.65 -1.64 10.39
N VAL A 33 -5.57 -2.38 10.14
CA VAL A 33 -5.38 -3.05 8.86
C VAL A 33 -5.07 -4.52 9.05
N ASP A 34 -5.35 -5.32 8.03
CA ASP A 34 -5.10 -6.76 8.08
C ASP A 34 -3.91 -7.14 7.19
N PRO A 35 -2.71 -7.13 7.78
CA PRO A 35 -1.48 -7.47 7.05
C PRO A 35 -1.41 -8.95 6.69
N GLU A 36 -1.95 -9.80 7.57
CA GLU A 36 -1.96 -11.24 7.34
C GLU A 36 -2.72 -11.58 6.07
N GLU A 37 -3.94 -11.05 5.95
CA GLU A 37 -4.78 -11.30 4.79
C GLU A 37 -4.29 -10.50 3.58
N THR A 38 -3.99 -9.22 3.81
CA THR A 38 -3.51 -8.35 2.75
C THR A 38 -2.25 -8.90 2.09
N LEU A 39 -1.43 -9.58 2.88
CA LEU A 39 -0.19 -10.15 2.38
C LEU A 39 -0.47 -11.15 1.26
N LYS A 40 -1.58 -11.89 1.39
CA LYS A 40 -1.96 -12.88 0.39
C LYS A 40 -2.45 -12.20 -0.88
N LYS A 41 -3.37 -11.25 -0.73
CA LYS A 41 -3.93 -10.53 -1.86
C LYS A 41 -2.85 -9.70 -2.56
N LEU A 42 -1.95 -9.11 -1.76
CA LEU A 42 -0.86 -8.30 -2.29
C LEU A 42 0.18 -9.17 -2.98
N GLU A 43 0.53 -10.28 -2.35
CA GLU A 43 1.52 -11.20 -2.90
C GLU A 43 1.06 -11.74 -4.25
N GLU A 44 -0.19 -12.19 -4.30
CA GLU A 44 -0.76 -12.73 -5.53
C GLU A 44 -0.95 -11.64 -6.57
N TRP A 45 -1.33 -10.45 -6.12
CA TRP A 45 -1.55 -9.32 -7.02
C TRP A 45 -0.26 -8.93 -7.73
N ILE A 46 0.80 -8.73 -6.94
CA ILE A 46 2.09 -8.36 -7.49
C ILE A 46 2.62 -9.43 -8.44
N LYS A 47 2.44 -10.69 -8.06
CA LYS A 47 2.91 -11.81 -8.87
C LYS A 47 2.29 -11.76 -10.26
N GLU A 48 0.97 -11.58 -10.31
CA GLU A 48 0.25 -11.51 -11.58
C GLU A 48 0.56 -10.21 -12.30
N ASN A 49 0.52 -9.10 -11.57
CA ASN A 49 0.78 -7.78 -12.14
C ASN A 49 2.16 -7.74 -12.77
N ILE A 50 3.13 -8.39 -12.13
CA ILE A 50 4.50 -8.43 -12.63
C ILE A 50 4.55 -9.00 -14.04
N LYS A 51 3.73 -10.01 -14.30
CA LYS A 51 3.68 -10.64 -15.60
C LYS A 51 3.16 -9.67 -16.66
N LYS A 52 2.27 -8.78 -16.25
CA LYS A 52 1.69 -7.80 -17.17
C LYS A 52 2.64 -6.61 -17.34
N TYR A 53 3.20 -6.14 -16.24
CA TYR A 53 4.13 -5.01 -16.26
C TYR A 53 5.46 -5.39 -15.64
N PRO A 54 6.33 -6.02 -16.43
CA PRO A 54 7.66 -6.43 -15.97
C PRO A 54 8.59 -5.25 -15.72
N GLU A 55 8.31 -4.14 -16.40
CA GLU A 55 9.13 -2.94 -16.25
C GLU A 55 9.04 -2.38 -14.83
N TYR A 56 7.92 -2.68 -14.17
CA TYR A 56 7.71 -2.21 -12.80
C TYR A 56 7.95 -3.32 -11.79
N LYS A 57 8.23 -4.52 -12.30
CA LYS A 57 8.49 -5.67 -11.45
C LYS A 57 9.52 -5.33 -10.38
N ASP A 58 10.49 -4.50 -10.73
CA ASP A 58 11.53 -4.09 -9.79
C ASP A 58 10.94 -3.29 -8.63
N GLU A 59 10.12 -2.30 -8.95
CA GLU A 59 9.51 -1.46 -7.94
C GLU A 59 8.53 -2.27 -7.08
N LEU A 60 7.82 -3.20 -7.73
CA LEU A 60 6.86 -4.05 -7.03
C LEU A 60 7.55 -4.93 -6.01
N GLU A 61 8.69 -5.52 -6.40
CA GLU A 61 9.45 -6.38 -5.51
C GLU A 61 9.92 -5.63 -4.27
N VAL A 62 10.27 -4.35 -4.46
CA VAL A 62 10.73 -3.52 -3.37
C VAL A 62 9.64 -3.35 -2.31
N ALA A 63 8.45 -2.97 -2.75
CA ALA A 63 7.32 -2.79 -1.85
C ALA A 63 7.00 -4.07 -1.09
N TYR A 64 6.91 -5.17 -1.81
CA TYR A 64 6.61 -6.46 -1.21
C TYR A 64 7.72 -6.89 -0.24
N ASN A 65 8.96 -6.59 -0.60
CA ASN A 65 10.11 -6.93 0.23
C ASN A 65 10.00 -6.26 1.60
N SER A 66 9.51 -5.02 1.60
CA SER A 66 9.37 -4.26 2.84
C SER A 66 8.25 -4.83 3.70
N ALA A 67 7.10 -5.06 3.09
CA ALA A 67 5.95 -5.61 3.79
C ALA A 67 6.23 -7.03 4.30
N LYS A 68 6.89 -7.82 3.46
CA LYS A 68 7.23 -9.19 3.82
C LYS A 68 8.28 -9.22 4.93
N LEU A 69 9.23 -8.29 4.87
CA LEU A 69 10.29 -8.21 5.86
C LEU A 69 9.72 -8.05 7.26
N PHE A 70 8.78 -7.11 7.41
CA PHE A 70 8.15 -6.86 8.70
C PHE A 70 7.21 -8.00 9.07
N LEU A 71 6.48 -8.51 8.10
CA LEU A 71 5.55 -9.61 8.33
C LEU A 71 6.28 -10.88 8.77
N GLU A 72 7.53 -11.00 8.33
CA GLU A 72 8.35 -12.16 8.68
C GLU A 72 8.70 -12.15 10.17
N SER A 73 8.67 -10.96 10.77
CA SER A 73 9.00 -10.81 12.19
C SER A 73 7.75 -10.43 12.98
N PRO A 74 6.91 -11.42 13.26
CA PRO A 74 5.67 -11.21 14.03
C PRO A 74 5.94 -10.88 15.49
N LEU A 75 6.34 -9.64 15.76
CA LEU A 75 6.63 -9.20 17.12
C LEU A 75 6.63 -7.68 17.21
N VAL A 76 7.27 -7.04 16.24
CA VAL A 76 7.35 -5.59 16.21
C VAL A 76 5.98 -4.97 15.99
N GLU A 77 5.43 -4.36 17.06
CA GLU A 77 4.12 -3.73 16.98
C GLU A 77 4.25 -2.22 16.98
N GLY A 78 5.26 -1.71 16.27
CA GLY A 78 5.48 -0.27 16.21
C GLY A 78 5.03 0.32 14.88
N PRO A 79 5.53 1.52 14.57
CA PRO A 79 5.20 2.22 13.32
C PRO A 79 5.80 1.54 12.10
N GLY A 80 6.85 0.74 12.33
CA GLY A 80 7.50 0.05 11.23
C GLY A 80 6.57 -0.94 10.53
N LYS A 81 5.71 -1.58 11.31
CA LYS A 81 4.77 -2.55 10.77
C LYS A 81 3.70 -1.86 9.92
N VAL A 82 3.09 -0.82 10.47
CA VAL A 82 2.06 -0.07 9.77
C VAL A 82 2.62 0.63 8.54
N ARG A 83 3.85 1.14 8.67
CA ARG A 83 4.51 1.83 7.56
C ARG A 83 4.84 0.86 6.43
N ALA A 84 5.18 -0.37 6.81
CA ALA A 84 5.52 -1.38 5.82
C ALA A 84 4.34 -1.69 4.91
N ILE A 85 3.18 -1.89 5.51
CA ILE A 85 1.97 -2.19 4.74
C ILE A 85 1.48 -0.96 3.97
N GLY A 86 1.44 0.17 4.67
CA GLY A 86 1.00 1.41 4.04
C GLY A 86 1.91 1.85 2.91
N ARG A 87 3.21 1.56 3.05
CA ARG A 87 4.18 1.93 2.04
C ARG A 87 3.86 1.27 0.70
N VAL A 88 3.58 -0.03 0.75
CA VAL A 88 3.26 -0.77 -0.47
C VAL A 88 1.99 -0.24 -1.11
N LEU A 89 1.00 0.09 -0.29
CA LEU A 89 -0.27 0.61 -0.79
C LEU A 89 -0.06 1.92 -1.55
N TRP A 90 0.89 2.72 -1.09
CA TRP A 90 1.19 4.00 -1.74
C TRP A 90 1.94 3.78 -3.05
N THR A 91 2.88 2.83 -3.03
CA THR A 91 3.67 2.52 -4.22
C THR A 91 2.77 2.12 -5.39
N ILE A 92 1.85 1.21 -5.12
CA ILE A 92 0.92 0.73 -6.14
C ILE A 92 -0.03 1.83 -6.59
N LYS A 93 -0.43 2.67 -5.64
CA LYS A 93 -1.34 3.78 -5.93
C LYS A 93 -0.73 4.73 -6.95
N ARG A 94 0.54 5.08 -6.76
CA ARG A 94 1.23 5.97 -7.66
C ARG A 94 1.33 5.38 -9.07
N LEU A 95 1.64 4.08 -9.13
CA LEU A 95 1.76 3.39 -10.41
C LEU A 95 0.51 3.58 -11.26
N ASN A 96 -0.63 3.80 -10.59
CA ASN A 96 -1.90 4.01 -11.28
C ASN A 96 -2.33 2.73 -12.00
N ILE A 97 -2.43 1.64 -11.25
CA ILE A 97 -2.84 0.37 -11.82
C ILE A 97 -4.01 -0.23 -11.04
N ASP A 98 -4.91 -0.90 -11.75
CA ASP A 98 -6.07 -1.52 -11.12
C ASP A 98 -5.65 -2.40 -9.95
N SER A 99 -5.83 -1.90 -8.73
CA SER A 99 -5.46 -2.65 -7.54
C SER A 99 -6.65 -2.78 -6.59
N PRO A 100 -7.21 -3.99 -6.51
CA PRO A 100 -8.36 -4.28 -5.64
C PRO A 100 -8.00 -4.24 -4.16
N PHE A 101 -7.89 -3.03 -3.62
CA PHE A 101 -7.54 -2.85 -2.21
C PHE A 101 -8.25 -1.63 -1.62
N VAL A 102 -8.29 -0.55 -2.39
CA VAL A 102 -8.93 0.68 -1.95
C VAL A 102 -10.36 0.75 -2.44
N SER A 1 -2.87 19.79 29.24
CA SER A 1 -2.15 21.00 28.85
C SER A 1 -2.57 21.47 27.46
N MET A 2 -2.42 20.59 26.47
CA MET A 2 -2.79 20.92 25.10
C MET A 2 -4.27 20.61 24.85
N ASP A 3 -4.60 19.33 24.80
CA ASP A 3 -5.98 18.91 24.57
C ASP A 3 -6.47 19.39 23.21
N LYS A 4 -7.74 19.10 22.91
CA LYS A 4 -8.33 19.50 21.65
C LYS A 4 -7.60 18.85 20.48
N GLU A 5 -8.03 17.66 20.10
CA GLU A 5 -7.42 16.93 18.98
C GLU A 5 -8.49 16.43 18.01
N TRP A 6 -8.93 17.31 17.13
CA TRP A 6 -9.94 16.95 16.13
C TRP A 6 -9.35 16.08 15.03
N ILE A 7 -8.13 16.41 14.63
CA ILE A 7 -7.45 15.66 13.57
C ILE A 7 -8.15 15.83 12.23
N SER A 8 -9.27 15.13 12.07
CA SER A 8 -10.03 15.20 10.83
C SER A 8 -10.50 16.62 10.55
N LYS A 9 -10.05 17.17 9.42
CA LYS A 9 -10.42 18.53 9.04
C LYS A 9 -10.30 18.72 7.54
N LEU A 10 -11.35 18.36 6.81
CA LEU A 10 -11.36 18.49 5.35
C LEU A 10 -11.29 19.96 4.94
N PRO A 11 -10.80 20.20 3.71
CA PRO A 11 -10.67 21.56 3.17
C PRO A 11 -12.02 22.20 2.87
N LYS A 12 -11.99 23.36 2.21
CA LYS A 12 -13.21 24.07 1.87
C LYS A 12 -13.53 23.92 0.39
N SER A 13 -12.76 24.62 -0.45
CA SER A 13 -12.96 24.56 -1.89
C SER A 13 -11.99 23.59 -2.54
N PRO A 14 -12.31 23.15 -3.77
CA PRO A 14 -11.46 22.22 -4.52
C PRO A 14 -10.16 22.87 -5.00
N GLU A 15 -9.05 22.17 -4.78
CA GLU A 15 -7.75 22.68 -5.19
C GLU A 15 -6.96 21.61 -5.93
N PRO A 16 -5.95 22.05 -6.70
CA PRO A 16 -5.10 21.14 -7.49
C PRO A 16 -4.19 20.30 -6.60
N TRP A 17 -4.68 19.13 -6.21
CA TRP A 17 -3.92 18.23 -5.36
C TRP A 17 -3.64 18.85 -4.00
N THR A 18 -3.38 18.00 -3.00
CA THR A 18 -3.10 18.48 -1.66
C THR A 18 -2.53 17.37 -0.79
N PRO A 19 -1.85 17.74 0.31
CA PRO A 19 -1.26 16.79 1.24
C PRO A 19 -2.31 16.03 2.04
N GLU A 20 -3.42 16.69 2.33
CA GLU A 20 -4.51 16.07 3.09
C GLU A 20 -5.02 14.82 2.40
N GLN A 21 -5.04 14.85 1.06
CA GLN A 21 -5.50 13.72 0.28
C GLN A 21 -4.67 12.48 0.57
N GLU A 22 -3.35 12.63 0.56
CA GLU A 22 -2.45 11.52 0.83
C GLU A 22 -2.63 11.01 2.26
N GLU A 23 -2.52 11.92 3.21
CA GLU A 23 -2.66 11.56 4.62
C GLU A 23 -3.99 10.84 4.87
N ALA A 24 -5.03 11.27 4.16
CA ALA A 24 -6.35 10.67 4.30
C ALA A 24 -6.35 9.22 3.81
N PHE A 25 -5.61 8.97 2.74
CA PHE A 25 -5.53 7.62 2.17
C PHE A 25 -4.96 6.64 3.20
N LEU A 26 -3.83 7.01 3.80
CA LEU A 26 -3.19 6.17 4.79
C LEU A 26 -3.96 6.18 6.11
N LYS A 27 -4.55 7.32 6.43
CA LYS A 27 -5.32 7.47 7.66
C LYS A 27 -6.45 6.43 7.72
N ARG A 28 -7.04 6.13 6.57
CA ARG A 28 -8.12 5.17 6.49
C ARG A 28 -7.59 3.74 6.60
N PHE A 29 -6.47 3.48 5.91
CA PHE A 29 -5.86 2.16 5.92
C PHE A 29 -5.38 1.79 7.32
N ALA A 30 -4.68 2.73 7.95
CA ALA A 30 -4.16 2.51 9.30
C ALA A 30 -5.29 2.33 10.31
N GLU A 31 -6.45 2.91 10.00
CA GLU A 31 -7.61 2.83 10.87
C GLU A 31 -7.86 1.38 11.29
N LYS A 32 -7.60 0.45 10.37
CA LYS A 32 -7.80 -0.97 10.64
C LYS A 32 -7.42 -1.81 9.42
N VAL A 33 -6.23 -2.40 9.47
CA VAL A 33 -5.74 -3.24 8.38
C VAL A 33 -5.17 -4.54 8.89
N ASP A 34 -5.13 -5.55 8.03
CA ASP A 34 -4.60 -6.86 8.40
C ASP A 34 -3.43 -7.25 7.50
N PRO A 35 -2.26 -7.47 8.11
CA PRO A 35 -1.04 -7.85 7.38
C PRO A 35 -1.13 -9.27 6.81
N GLU A 36 -1.83 -10.14 7.52
CA GLU A 36 -1.98 -11.52 7.09
C GLU A 36 -2.85 -11.61 5.83
N GLU A 37 -3.99 -10.91 5.86
CA GLU A 37 -4.90 -10.91 4.73
C GLU A 37 -4.35 -10.07 3.58
N THR A 38 -3.82 -8.89 3.93
CA THR A 38 -3.27 -7.99 2.93
C THR A 38 -2.07 -8.62 2.23
N LEU A 39 -1.32 -9.43 2.96
CA LEU A 39 -0.14 -10.10 2.40
C LEU A 39 -0.53 -10.99 1.23
N LYS A 40 -1.67 -11.67 1.37
CA LYS A 40 -2.16 -12.57 0.33
C LYS A 40 -2.58 -11.78 -0.91
N LYS A 41 -3.41 -10.75 -0.69
CA LYS A 41 -3.90 -9.92 -1.79
C LYS A 41 -2.74 -9.17 -2.45
N LEU A 42 -1.80 -8.71 -1.64
CA LEU A 42 -0.64 -7.98 -2.15
C LEU A 42 0.31 -8.91 -2.88
N GLU A 43 0.55 -10.09 -2.31
CA GLU A 43 1.44 -11.06 -2.92
C GLU A 43 0.88 -11.55 -4.25
N GLU A 44 -0.40 -11.88 -4.27
CA GLU A 44 -1.05 -12.36 -5.48
C GLU A 44 -1.17 -11.24 -6.52
N TRP A 45 -1.42 -10.03 -6.04
CA TRP A 45 -1.56 -8.88 -6.92
C TRP A 45 -0.24 -8.58 -7.63
N ILE A 46 0.84 -8.49 -6.87
CA ILE A 46 2.15 -8.21 -7.43
C ILE A 46 2.59 -9.32 -8.38
N LYS A 47 2.32 -10.56 -7.99
CA LYS A 47 2.68 -11.72 -8.81
C LYS A 47 2.05 -11.62 -10.19
N GLU A 48 0.75 -11.33 -10.24
CA GLU A 48 0.04 -11.21 -11.51
C GLU A 48 0.43 -9.93 -12.23
N ASN A 49 0.45 -8.82 -11.48
CA ASN A 49 0.80 -7.52 -12.05
C ASN A 49 2.19 -7.57 -12.68
N ILE A 50 3.09 -8.31 -12.05
CA ILE A 50 4.47 -8.44 -12.53
C ILE A 50 4.49 -9.11 -13.90
N LYS A 51 3.64 -10.11 -14.09
CA LYS A 51 3.56 -10.83 -15.34
C LYS A 51 3.07 -9.93 -16.46
N LYS A 52 2.20 -8.99 -16.12
CA LYS A 52 1.65 -8.06 -17.10
C LYS A 52 2.59 -6.87 -17.31
N TYR A 53 3.24 -6.44 -16.24
CA TYR A 53 4.16 -5.31 -16.31
C TYR A 53 5.49 -5.66 -15.64
N PRO A 54 6.39 -6.29 -16.41
CA PRO A 54 7.71 -6.70 -15.92
C PRO A 54 8.62 -5.50 -15.67
N GLU A 55 8.33 -4.39 -16.33
CA GLU A 55 9.13 -3.17 -16.20
C GLU A 55 8.95 -2.57 -14.81
N TYR A 56 7.79 -2.81 -14.21
CA TYR A 56 7.49 -2.29 -12.88
C TYR A 56 7.81 -3.32 -11.81
N LYS A 57 8.10 -4.54 -12.23
CA LYS A 57 8.42 -5.62 -11.31
C LYS A 57 9.48 -5.18 -10.30
N ASP A 58 10.45 -4.41 -10.77
CA ASP A 58 11.52 -3.91 -9.91
C ASP A 58 10.95 -3.11 -8.74
N GLU A 59 10.08 -2.16 -9.04
CA GLU A 59 9.46 -1.33 -8.01
C GLU A 59 8.52 -2.15 -7.14
N LEU A 60 7.76 -3.04 -7.77
CA LEU A 60 6.82 -3.89 -7.06
C LEU A 60 7.54 -4.78 -6.06
N GLU A 61 8.67 -5.34 -6.48
CA GLU A 61 9.46 -6.22 -5.62
C GLU A 61 9.93 -5.48 -4.37
N VAL A 62 10.31 -4.22 -4.56
CA VAL A 62 10.78 -3.39 -3.45
C VAL A 62 9.71 -3.26 -2.36
N ALA A 63 8.49 -2.93 -2.78
CA ALA A 63 7.38 -2.78 -1.85
C ALA A 63 7.12 -4.07 -1.09
N TYR A 64 7.07 -5.18 -1.81
CA TYR A 64 6.83 -6.48 -1.20
C TYR A 64 7.95 -6.86 -0.24
N ASN A 65 9.18 -6.51 -0.62
CA ASN A 65 10.34 -6.81 0.21
C ASN A 65 10.22 -6.17 1.59
N SER A 66 9.66 -4.96 1.61
CA SER A 66 9.48 -4.23 2.87
C SER A 66 8.39 -4.87 3.71
N ALA A 67 7.24 -5.11 3.09
CA ALA A 67 6.10 -5.71 3.79
C ALA A 67 6.46 -7.11 4.29
N LYS A 68 7.17 -7.88 3.46
CA LYS A 68 7.57 -9.23 3.81
C LYS A 68 8.57 -9.21 4.96
N LEU A 69 9.46 -8.22 4.95
CA LEU A 69 10.48 -8.10 5.99
C LEU A 69 9.82 -8.00 7.37
N PHE A 70 8.84 -7.12 7.50
CA PHE A 70 8.13 -6.94 8.76
C PHE A 70 7.25 -8.13 9.07
N LEU A 71 6.63 -8.69 8.04
CA LEU A 71 5.75 -9.84 8.20
C LEU A 71 6.53 -11.07 8.66
N GLU A 72 7.81 -11.11 8.31
CA GLU A 72 8.67 -12.22 8.70
C GLU A 72 8.91 -12.23 10.22
N SER A 73 8.86 -11.05 10.82
CA SER A 73 9.07 -10.91 12.25
C SER A 73 7.79 -10.49 12.95
N PRO A 74 6.87 -11.46 13.13
CA PRO A 74 5.58 -11.21 13.79
C PRO A 74 5.73 -10.97 15.29
N LEU A 75 6.48 -9.93 15.63
CA LEU A 75 6.71 -9.58 17.03
C LEU A 75 6.63 -8.07 17.24
N VAL A 76 7.23 -7.32 16.32
CA VAL A 76 7.22 -5.86 16.40
C VAL A 76 5.81 -5.31 16.19
N GLU A 77 5.06 -5.20 17.28
CA GLU A 77 3.70 -4.69 17.21
C GLU A 77 3.69 -3.17 17.29
N GLY A 78 4.45 -2.53 16.41
CA GLY A 78 4.53 -1.08 16.38
C GLY A 78 4.06 -0.50 15.06
N PRO A 79 4.48 0.75 14.79
CA PRO A 79 4.12 1.45 13.55
C PRO A 79 4.80 0.85 12.33
N GLY A 80 5.90 0.13 12.56
CA GLY A 80 6.62 -0.48 11.47
C GLY A 80 5.77 -1.43 10.65
N LYS A 81 4.82 -2.08 11.32
CA LYS A 81 3.93 -3.03 10.65
C LYS A 81 2.95 -2.30 9.74
N VAL A 82 2.30 -1.27 10.27
CA VAL A 82 1.34 -0.49 9.51
C VAL A 82 2.04 0.30 8.41
N ARG A 83 3.23 0.80 8.70
CA ARG A 83 4.00 1.57 7.73
C ARG A 83 4.47 0.68 6.58
N ALA A 84 4.79 -0.57 6.89
CA ALA A 84 5.25 -1.52 5.89
C ALA A 84 4.18 -1.79 4.85
N ILE A 85 2.96 -2.06 5.33
CA ILE A 85 1.85 -2.34 4.43
C ILE A 85 1.39 -1.07 3.71
N GLY A 86 1.23 0.01 4.46
CA GLY A 86 0.81 1.26 3.88
C GLY A 86 1.80 1.80 2.87
N ARG A 87 3.08 1.54 3.10
CA ARG A 87 4.13 2.01 2.19
C ARG A 87 3.95 1.42 0.80
N VAL A 88 3.62 0.13 0.75
CA VAL A 88 3.42 -0.56 -0.51
C VAL A 88 2.22 0.01 -1.26
N LEU A 89 1.13 0.22 -0.55
CA LEU A 89 -0.09 0.77 -1.15
C LEU A 89 0.18 2.12 -1.79
N TRP A 90 1.05 2.91 -1.17
CA TRP A 90 1.40 4.23 -1.69
C TRP A 90 2.21 4.11 -2.97
N THR A 91 3.12 3.14 -3.01
CA THR A 91 3.96 2.91 -4.18
C THR A 91 3.11 2.64 -5.42
N ILE A 92 2.16 1.73 -5.27
CA ILE A 92 1.27 1.36 -6.38
C ILE A 92 0.43 2.55 -6.83
N LYS A 93 0.02 3.38 -5.86
CA LYS A 93 -0.79 4.55 -6.15
C LYS A 93 -0.09 5.45 -7.18
N ARG A 94 1.18 5.74 -6.94
CA ARG A 94 1.96 6.59 -7.84
C ARG A 94 2.08 5.94 -9.22
N LEU A 95 2.33 4.63 -9.24
CA LEU A 95 2.48 3.91 -10.49
C LEU A 95 1.24 4.09 -11.37
N ASN A 96 0.10 4.37 -10.74
CA ASN A 96 -1.15 4.57 -11.45
C ASN A 96 -1.61 3.27 -12.12
N ILE A 97 -1.85 2.26 -11.31
CA ILE A 97 -2.30 0.96 -11.81
C ILE A 97 -3.59 0.52 -11.14
N ASP A 98 -4.64 0.33 -11.94
CA ASP A 98 -5.93 -0.08 -11.42
C ASP A 98 -5.80 -1.35 -10.59
N SER A 99 -5.83 -1.19 -9.27
CA SER A 99 -5.70 -2.32 -8.36
C SER A 99 -6.88 -2.37 -7.39
N PRO A 100 -7.17 -3.58 -6.87
CA PRO A 100 -8.27 -3.78 -5.92
C PRO A 100 -7.99 -3.15 -4.56
N PHE A 101 -7.96 -1.82 -4.53
CA PHE A 101 -7.71 -1.09 -3.28
C PHE A 101 -8.44 0.25 -3.29
N VAL A 102 -7.89 1.21 -4.02
CA VAL A 102 -8.48 2.54 -4.11
C VAL A 102 -9.12 2.94 -2.79
N SER A 1 18.93 4.71 -15.34
CA SER A 1 18.88 5.30 -14.01
C SER A 1 17.97 6.52 -13.97
N MET A 2 16.93 6.46 -13.15
CA MET A 2 15.99 7.56 -13.03
C MET A 2 16.61 8.73 -12.27
N ASP A 3 15.80 9.74 -11.97
CA ASP A 3 16.27 10.92 -11.25
C ASP A 3 15.89 10.82 -9.77
N LYS A 4 16.60 11.58 -8.94
CA LYS A 4 16.34 11.58 -7.51
C LYS A 4 16.17 13.01 -7.00
N GLU A 5 14.95 13.53 -7.11
CA GLU A 5 14.66 14.89 -6.66
C GLU A 5 13.21 14.99 -6.17
N TRP A 6 13.03 14.89 -4.86
CA TRP A 6 11.70 14.97 -4.27
C TRP A 6 11.13 16.39 -4.41
N ILE A 7 12.00 17.39 -4.31
CA ILE A 7 11.57 18.77 -4.44
C ILE A 7 10.63 19.17 -3.30
N SER A 8 10.67 20.44 -2.92
CA SER A 8 9.82 20.95 -1.84
C SER A 8 9.03 22.16 -2.31
N LYS A 9 7.75 22.20 -1.93
CA LYS A 9 6.88 23.30 -2.30
C LYS A 9 5.49 23.12 -1.70
N LEU A 10 5.15 23.98 -0.75
CA LEU A 10 3.85 23.93 -0.10
C LEU A 10 2.72 24.21 -1.09
N PRO A 11 1.52 23.72 -0.77
CA PRO A 11 0.34 23.91 -1.63
C PRO A 11 -0.15 25.36 -1.63
N LYS A 12 0.08 26.05 -2.74
CA LYS A 12 -0.34 27.44 -2.88
C LYS A 12 -1.72 27.54 -3.53
N SER A 13 -1.87 26.90 -4.68
CA SER A 13 -3.13 26.92 -5.40
C SER A 13 -3.90 25.61 -5.20
N PRO A 14 -5.21 25.64 -5.46
CA PRO A 14 -6.08 24.46 -5.31
C PRO A 14 -5.80 23.41 -6.37
N GLU A 15 -5.64 22.16 -5.94
CA GLU A 15 -5.37 21.06 -6.86
C GLU A 15 -5.30 19.73 -6.11
N PRO A 16 -5.52 18.63 -6.83
CA PRO A 16 -5.48 17.28 -6.26
C PRO A 16 -4.07 16.85 -5.86
N TRP A 17 -3.61 17.35 -4.73
CA TRP A 17 -2.27 17.02 -4.24
C TRP A 17 -2.01 17.69 -2.89
N THR A 18 -2.23 16.93 -1.82
CA THR A 18 -2.02 17.44 -0.47
C THR A 18 -1.63 16.32 0.49
N PRO A 19 -1.01 16.69 1.62
CA PRO A 19 -0.59 15.73 2.64
C PRO A 19 -1.76 15.11 3.38
N GLU A 20 -2.83 15.88 3.54
CA GLU A 20 -4.02 15.40 4.23
C GLU A 20 -4.59 14.16 3.55
N GLN A 21 -4.53 14.15 2.22
CA GLN A 21 -5.03 13.02 1.45
C GLN A 21 -4.28 11.73 1.79
N GLU A 22 -2.96 11.82 1.80
CA GLU A 22 -2.12 10.67 2.11
C GLU A 22 -2.28 10.26 3.57
N GLU A 23 -2.31 11.26 4.45
CA GLU A 23 -2.45 11.01 5.89
C GLU A 23 -3.80 10.37 6.19
N ALA A 24 -4.83 10.78 5.46
CA ALA A 24 -6.17 10.25 5.65
C ALA A 24 -6.22 8.76 5.30
N PHE A 25 -5.60 8.39 4.20
CA PHE A 25 -5.58 7.00 3.75
C PHE A 25 -4.92 6.11 4.80
N LEU A 26 -3.72 6.52 5.24
CA LEU A 26 -2.99 5.76 6.24
C LEU A 26 -3.69 5.80 7.59
N LYS A 27 -4.33 6.93 7.88
CA LYS A 27 -5.05 7.09 9.14
C LYS A 27 -6.21 6.11 9.24
N ARG A 28 -6.93 5.94 8.13
CA ARG A 28 -8.08 5.03 8.10
C ARG A 28 -7.61 3.58 8.01
N PHE A 29 -6.62 3.33 7.17
CA PHE A 29 -6.08 1.98 7.00
C PHE A 29 -5.43 1.49 8.28
N ALA A 30 -4.61 2.32 8.89
CA ALA A 30 -3.94 1.97 10.14
C ALA A 30 -4.95 1.75 11.26
N GLU A 31 -6.10 2.40 11.17
CA GLU A 31 -7.14 2.27 12.17
C GLU A 31 -7.41 0.81 12.49
N LYS A 32 -7.32 -0.05 11.47
CA LYS A 32 -7.55 -1.47 11.64
C LYS A 32 -7.37 -2.22 10.33
N VAL A 33 -6.22 -2.88 10.18
CA VAL A 33 -5.92 -3.63 8.97
C VAL A 33 -5.34 -5.00 9.31
N ASP A 34 -5.43 -5.93 8.36
CA ASP A 34 -4.90 -7.28 8.56
C ASP A 34 -3.74 -7.54 7.62
N PRO A 35 -2.52 -7.63 8.18
CA PRO A 35 -1.31 -7.89 7.42
C PRO A 35 -1.25 -9.30 6.87
N GLU A 36 -1.73 -10.26 7.67
CA GLU A 36 -1.74 -11.65 7.27
C GLU A 36 -2.58 -11.86 6.01
N GLU A 37 -3.80 -11.31 6.02
CA GLU A 37 -4.70 -11.43 4.88
C GLU A 37 -4.25 -10.52 3.74
N THR A 38 -3.89 -9.30 4.07
CA THR A 38 -3.45 -8.33 3.07
C THR A 38 -2.20 -8.81 2.36
N LEU A 39 -1.35 -9.54 3.08
CA LEU A 39 -0.12 -10.07 2.52
C LEU A 39 -0.41 -10.97 1.32
N LYS A 40 -1.45 -11.79 1.44
CA LYS A 40 -1.83 -12.70 0.38
C LYS A 40 -2.36 -11.94 -0.83
N LYS A 41 -3.31 -11.04 -0.60
CA LYS A 41 -3.89 -10.23 -1.66
C LYS A 41 -2.84 -9.34 -2.31
N LEU A 42 -1.94 -8.80 -1.49
CA LEU A 42 -0.89 -7.92 -1.98
C LEU A 42 0.17 -8.72 -2.74
N GLU A 43 0.55 -9.87 -2.19
CA GLU A 43 1.55 -10.72 -2.81
C GLU A 43 1.03 -11.29 -4.13
N GLU A 44 -0.25 -11.68 -4.13
CA GLU A 44 -0.86 -12.24 -5.33
C GLU A 44 -1.01 -11.18 -6.43
N TRP A 45 -1.31 -9.95 -6.02
CA TRP A 45 -1.47 -8.85 -6.96
C TRP A 45 -0.17 -8.56 -7.68
N ILE A 46 0.91 -8.43 -6.93
CA ILE A 46 2.22 -8.16 -7.52
C ILE A 46 2.66 -9.28 -8.44
N LYS A 47 2.39 -10.52 -8.03
CA LYS A 47 2.75 -11.69 -8.82
C LYS A 47 2.07 -11.65 -10.19
N GLU A 48 0.77 -11.37 -10.19
CA GLU A 48 0.01 -11.31 -11.43
C GLU A 48 0.37 -10.06 -12.23
N ASN A 49 0.37 -8.91 -11.55
CA ASN A 49 0.70 -7.65 -12.21
C ASN A 49 2.09 -7.69 -12.82
N ILE A 50 3.03 -8.33 -12.11
CA ILE A 50 4.40 -8.45 -12.59
C ILE A 50 4.45 -9.11 -13.97
N LYS A 51 3.58 -10.10 -14.18
CA LYS A 51 3.52 -10.80 -15.45
C LYS A 51 3.08 -9.87 -16.57
N LYS A 52 2.21 -8.92 -16.23
CA LYS A 52 1.72 -7.96 -17.22
C LYS A 52 2.72 -6.83 -17.42
N TYR A 53 3.27 -6.32 -16.32
CA TYR A 53 4.24 -5.24 -16.39
C TYR A 53 5.55 -5.64 -15.73
N PRO A 54 6.42 -6.32 -16.49
CA PRO A 54 7.71 -6.78 -16.01
C PRO A 54 8.69 -5.62 -15.77
N GLU A 55 8.47 -4.51 -16.47
CA GLU A 55 9.32 -3.35 -16.34
C GLU A 55 9.18 -2.72 -14.95
N TYR A 56 8.00 -2.91 -14.35
CA TYR A 56 7.73 -2.36 -13.03
C TYR A 56 7.96 -3.40 -11.95
N LYS A 57 8.19 -4.64 -12.37
CA LYS A 57 8.43 -5.74 -11.44
C LYS A 57 9.47 -5.35 -10.39
N ASP A 58 10.44 -4.53 -10.81
CA ASP A 58 11.49 -4.08 -9.90
C ASP A 58 10.91 -3.28 -8.75
N GLU A 59 10.06 -2.31 -9.07
CA GLU A 59 9.44 -1.47 -8.05
C GLU A 59 8.51 -2.29 -7.16
N LEU A 60 7.69 -3.12 -7.79
CA LEU A 60 6.75 -3.96 -7.06
C LEU A 60 7.49 -4.88 -6.08
N GLU A 61 8.62 -5.41 -6.52
CA GLU A 61 9.42 -6.30 -5.68
C GLU A 61 9.92 -5.57 -4.43
N VAL A 62 10.25 -4.29 -4.60
CA VAL A 62 10.74 -3.48 -3.49
C VAL A 62 9.69 -3.34 -2.40
N ALA A 63 8.47 -2.99 -2.82
CA ALA A 63 7.36 -2.82 -1.88
C ALA A 63 7.10 -4.11 -1.11
N TYR A 64 7.02 -5.22 -1.83
CA TYR A 64 6.76 -6.52 -1.23
C TYR A 64 7.88 -6.90 -0.26
N ASN A 65 9.10 -6.53 -0.60
CA ASN A 65 10.26 -6.83 0.23
C ASN A 65 10.12 -6.16 1.60
N SER A 66 9.61 -4.93 1.61
CA SER A 66 9.43 -4.19 2.85
C SER A 66 8.33 -4.81 3.70
N ALA A 67 7.19 -5.08 3.07
CA ALA A 67 6.06 -5.67 3.77
C ALA A 67 6.40 -7.07 4.28
N LYS A 68 7.09 -7.85 3.45
CA LYS A 68 7.47 -9.21 3.82
C LYS A 68 8.53 -9.19 4.92
N LEU A 69 9.43 -8.22 4.85
CA LEU A 69 10.50 -8.09 5.85
C LEU A 69 9.91 -7.96 7.25
N PHE A 70 8.95 -7.06 7.41
CA PHE A 70 8.30 -6.85 8.69
C PHE A 70 7.42 -8.02 9.07
N LEU A 71 6.70 -8.55 8.09
CA LEU A 71 5.80 -9.68 8.32
C LEU A 71 6.59 -10.91 8.78
N GLU A 72 7.86 -10.96 8.41
CA GLU A 72 8.72 -12.08 8.78
C GLU A 72 8.99 -12.07 10.28
N SER A 73 8.92 -10.88 10.87
CA SER A 73 9.17 -10.73 12.30
C SER A 73 7.89 -10.36 13.05
N PRO A 74 7.02 -11.34 13.25
CA PRO A 74 5.74 -11.14 13.96
C PRO A 74 5.92 -10.86 15.44
N LEU A 75 6.30 -9.63 15.76
CA LEU A 75 6.51 -9.23 17.15
C LEU A 75 6.57 -7.72 17.28
N VAL A 76 7.23 -7.06 16.32
CA VAL A 76 7.34 -5.61 16.33
C VAL A 76 6.00 -4.95 16.06
N GLU A 77 5.22 -4.75 17.12
CA GLU A 77 3.91 -4.12 16.98
C GLU A 77 4.03 -2.60 17.04
N GLY A 78 4.88 -2.06 16.18
CA GLY A 78 5.07 -0.61 16.16
C GLY A 78 4.64 -0.01 14.83
N PRO A 79 5.09 1.23 14.58
CA PRO A 79 4.76 1.95 13.34
C PRO A 79 5.42 1.33 12.11
N GLY A 80 6.49 0.57 12.34
CA GLY A 80 7.19 -0.06 11.24
C GLY A 80 6.33 -1.06 10.49
N LYS A 81 5.50 -1.79 11.23
CA LYS A 81 4.63 -2.78 10.64
C LYS A 81 3.54 -2.12 9.78
N VAL A 82 2.88 -1.12 10.35
CA VAL A 82 1.83 -0.40 9.65
C VAL A 82 2.40 0.37 8.45
N ARG A 83 3.59 0.93 8.64
CA ARG A 83 4.23 1.70 7.57
C ARG A 83 4.67 0.77 6.43
N ALA A 84 5.06 -0.45 6.78
CA ALA A 84 5.50 -1.42 5.79
C ALA A 84 4.38 -1.75 4.81
N ILE A 85 3.20 -2.03 5.34
CA ILE A 85 2.04 -2.35 4.51
C ILE A 85 1.52 -1.13 3.79
N GLY A 86 1.38 -0.02 4.51
CA GLY A 86 0.90 1.21 3.92
C GLY A 86 1.82 1.73 2.84
N ARG A 87 3.12 1.52 3.03
CA ARG A 87 4.11 1.97 2.06
C ARG A 87 3.88 1.34 0.69
N VAL A 88 3.59 0.04 0.70
CA VAL A 88 3.34 -0.69 -0.54
C VAL A 88 2.10 -0.17 -1.26
N LEU A 89 1.03 0.04 -0.49
CA LEU A 89 -0.22 0.55 -1.06
C LEU A 89 0.01 1.84 -1.83
N TRP A 90 0.87 2.69 -1.28
CA TRP A 90 1.18 3.98 -1.92
C TRP A 90 2.02 3.76 -3.18
N THR A 91 2.89 2.76 -3.14
CA THR A 91 3.76 2.46 -4.28
C THR A 91 2.93 2.11 -5.52
N ILE A 92 1.95 1.24 -5.34
CA ILE A 92 1.09 0.83 -6.44
C ILE A 92 0.23 1.99 -6.94
N LYS A 93 -0.23 2.82 -6.00
CA LYS A 93 -1.06 3.97 -6.33
C LYS A 93 -0.26 5.02 -7.09
N ARG A 94 0.94 5.31 -6.60
CA ARG A 94 1.81 6.29 -7.23
C ARG A 94 2.13 5.89 -8.67
N LEU A 95 2.24 4.59 -8.90
CA LEU A 95 2.55 4.07 -10.24
C LEU A 95 1.48 4.49 -11.24
N ASN A 96 0.32 4.89 -10.73
CA ASN A 96 -0.78 5.33 -11.59
C ASN A 96 -1.34 4.15 -12.38
N ILE A 97 -1.37 2.98 -11.76
CA ILE A 97 -1.89 1.78 -12.41
C ILE A 97 -3.24 1.37 -11.84
N ASP A 98 -4.12 0.89 -12.69
CA ASP A 98 -5.45 0.46 -12.26
C ASP A 98 -5.36 -0.73 -11.32
N SER A 99 -5.23 -0.44 -10.02
CA SER A 99 -5.13 -1.50 -9.01
C SER A 99 -6.19 -1.31 -7.93
N PRO A 100 -6.46 -2.39 -7.18
CA PRO A 100 -7.46 -2.38 -6.11
C PRO A 100 -7.01 -1.55 -4.91
N PHE A 101 -7.63 -1.79 -3.75
CA PHE A 101 -7.29 -1.05 -2.54
C PHE A 101 -7.68 0.41 -2.67
N VAL A 102 -8.51 0.72 -3.66
CA VAL A 102 -8.96 2.09 -3.88
C VAL A 102 -10.34 2.11 -4.53
N SER A 1 -35.58 -11.14 -11.01
CA SER A 1 -34.31 -11.60 -11.56
C SER A 1 -34.19 -11.25 -13.03
N MET A 2 -33.14 -10.51 -13.37
CA MET A 2 -32.91 -10.10 -14.76
C MET A 2 -31.42 -10.15 -15.10
N ASP A 3 -30.61 -9.56 -14.24
CA ASP A 3 -29.16 -9.54 -14.45
C ASP A 3 -28.42 -9.52 -13.11
N LYS A 4 -27.31 -10.25 -13.05
CA LYS A 4 -26.50 -10.32 -11.84
C LYS A 4 -25.25 -9.45 -11.96
N GLU A 5 -25.32 -8.25 -11.41
CA GLU A 5 -24.19 -7.33 -11.46
C GLU A 5 -24.20 -6.39 -10.25
N TRP A 6 -24.00 -6.95 -9.07
CA TRP A 6 -23.98 -6.16 -7.85
C TRP A 6 -22.60 -5.59 -7.58
N ILE A 7 -21.56 -6.37 -7.90
CA ILE A 7 -20.19 -5.93 -7.69
C ILE A 7 -19.81 -4.85 -8.70
N SER A 8 -19.78 -3.60 -8.25
CA SER A 8 -19.43 -2.48 -9.11
C SER A 8 -19.26 -1.20 -8.29
N LYS A 9 -18.03 -0.95 -7.86
CA LYS A 9 -17.73 0.24 -7.07
C LYS A 9 -16.23 0.39 -6.87
N LEU A 10 -15.46 0.03 -7.89
CA LEU A 10 -14.00 0.13 -7.83
C LEU A 10 -13.55 1.57 -7.95
N PRO A 11 -12.33 1.85 -7.47
CA PRO A 11 -11.75 3.21 -7.52
C PRO A 11 -11.39 3.63 -8.93
N LYS A 12 -11.34 4.94 -9.15
CA LYS A 12 -11.01 5.49 -10.47
C LYS A 12 -10.77 6.99 -10.40
N SER A 13 -9.51 7.38 -10.23
CA SER A 13 -9.15 8.78 -10.14
C SER A 13 -8.44 9.24 -11.41
N PRO A 14 -9.11 10.12 -12.17
CA PRO A 14 -8.55 10.66 -13.42
C PRO A 14 -7.38 11.61 -13.18
N GLU A 15 -7.49 12.43 -12.14
CA GLU A 15 -6.45 13.39 -11.80
C GLU A 15 -6.33 13.55 -10.29
N PRO A 16 -5.17 14.05 -9.84
CA PRO A 16 -4.90 14.27 -8.42
C PRO A 16 -5.74 15.40 -7.83
N TRP A 17 -5.95 15.35 -6.52
CA TRP A 17 -6.73 16.38 -5.85
C TRP A 17 -5.89 17.09 -4.78
N THR A 18 -5.68 16.41 -3.65
CA THR A 18 -4.90 16.98 -2.56
C THR A 18 -4.08 15.90 -1.85
N PRO A 19 -2.97 16.33 -1.22
CA PRO A 19 -2.09 15.41 -0.49
C PRO A 19 -2.73 14.86 0.78
N GLU A 20 -3.65 15.63 1.35
CA GLU A 20 -4.34 15.24 2.57
C GLU A 20 -5.05 13.89 2.38
N GLN A 21 -5.54 13.67 1.17
CA GLN A 21 -6.25 12.43 0.85
C GLN A 21 -5.35 11.21 1.09
N GLU A 22 -4.07 11.38 0.79
CA GLU A 22 -3.10 10.30 0.97
C GLU A 22 -2.82 10.06 2.45
N GLU A 23 -2.48 11.13 3.16
CA GLU A 23 -2.18 11.03 4.59
C GLU A 23 -3.39 10.53 5.36
N ALA A 24 -4.58 10.95 4.92
CA ALA A 24 -5.82 10.53 5.57
C ALA A 24 -6.05 9.03 5.42
N PHE A 25 -5.75 8.51 4.24
CA PHE A 25 -5.92 7.09 3.96
C PHE A 25 -5.09 6.24 4.90
N LEU A 26 -3.82 6.61 5.04
CA LEU A 26 -2.90 5.88 5.91
C LEU A 26 -3.35 5.95 7.37
N LYS A 27 -3.92 7.09 7.75
CA LYS A 27 -4.41 7.30 9.11
C LYS A 27 -5.60 6.40 9.40
N ARG A 28 -6.48 6.24 8.42
CA ARG A 28 -7.66 5.41 8.56
C ARG A 28 -7.29 3.93 8.47
N PHE A 29 -6.45 3.60 7.49
CA PHE A 29 -6.02 2.22 7.29
C PHE A 29 -5.20 1.72 8.48
N ALA A 30 -4.30 2.57 8.96
CA ALA A 30 -3.46 2.22 10.11
C ALA A 30 -4.30 1.96 11.35
N GLU A 31 -5.46 2.60 11.41
CA GLU A 31 -6.35 2.44 12.55
C GLU A 31 -6.56 0.96 12.89
N LYS A 32 -6.65 0.13 11.86
CA LYS A 32 -6.85 -1.30 12.05
C LYS A 32 -6.93 -2.01 10.70
N VAL A 33 -5.91 -2.80 10.39
CA VAL A 33 -5.87 -3.55 9.13
C VAL A 33 -5.33 -4.96 9.35
N ASP A 34 -5.60 -5.84 8.39
CA ASP A 34 -5.15 -7.22 8.47
C ASP A 34 -3.98 -7.47 7.53
N PRO A 35 -2.75 -7.39 8.07
CA PRO A 35 -1.53 -7.60 7.29
C PRO A 35 -1.36 -9.06 6.86
N GLU A 36 -1.84 -9.98 7.69
CA GLU A 36 -1.74 -11.40 7.40
C GLU A 36 -2.48 -11.75 6.10
N GLU A 37 -3.72 -11.27 6.01
CA GLU A 37 -4.55 -11.53 4.84
C GLU A 37 -4.10 -10.67 3.65
N THR A 38 -3.80 -9.41 3.94
CA THR A 38 -3.35 -8.48 2.90
C THR A 38 -2.15 -9.03 2.15
N LEU A 39 -1.30 -9.78 2.85
CA LEU A 39 -0.11 -10.36 2.25
C LEU A 39 -0.48 -11.30 1.10
N LYS A 40 -1.58 -12.03 1.27
CA LYS A 40 -2.05 -12.95 0.25
C LYS A 40 -2.56 -12.20 -0.98
N LYS A 41 -3.43 -11.23 -0.74
CA LYS A 41 -4.00 -10.42 -1.82
C LYS A 41 -2.92 -9.60 -2.51
N LEU A 42 -1.98 -9.09 -1.72
CA LEU A 42 -0.89 -8.28 -2.25
C LEU A 42 0.11 -9.14 -3.02
N GLU A 43 0.43 -10.30 -2.45
CA GLU A 43 1.38 -11.22 -3.09
C GLU A 43 0.86 -11.68 -4.44
N GLU A 44 -0.42 -12.05 -4.49
CA GLU A 44 -1.04 -12.51 -5.72
C GLU A 44 -1.17 -11.37 -6.73
N TRP A 45 -1.45 -10.18 -6.22
CA TRP A 45 -1.61 -9.01 -7.07
C TRP A 45 -0.29 -8.65 -7.76
N ILE A 46 0.77 -8.56 -6.97
CA ILE A 46 2.09 -8.23 -7.51
C ILE A 46 2.57 -9.31 -8.46
N LYS A 47 2.34 -10.57 -8.11
CA LYS A 47 2.74 -11.69 -8.93
C LYS A 47 2.10 -11.62 -10.31
N GLU A 48 0.81 -11.37 -10.35
CA GLU A 48 0.07 -11.27 -11.61
C GLU A 48 0.43 -9.97 -12.34
N ASN A 49 0.41 -8.86 -11.61
CA ASN A 49 0.74 -7.56 -12.19
C ASN A 49 2.13 -7.56 -12.80
N ILE A 50 3.05 -8.28 -12.14
CA ILE A 50 4.43 -8.36 -12.61
C ILE A 50 4.49 -8.98 -14.01
N LYS A 51 3.65 -10.00 -14.24
CA LYS A 51 3.61 -10.67 -15.53
C LYS A 51 3.13 -9.73 -16.62
N LYS A 52 2.24 -8.81 -16.27
CA LYS A 52 1.70 -7.84 -17.21
C LYS A 52 2.64 -6.66 -17.38
N TYR A 53 3.28 -6.26 -16.29
CA TYR A 53 4.22 -5.14 -16.31
C TYR A 53 5.54 -5.51 -15.65
N PRO A 54 6.43 -6.15 -16.42
CA PRO A 54 7.74 -6.57 -15.93
C PRO A 54 8.67 -5.39 -15.66
N GLU A 55 8.40 -4.27 -16.32
CA GLU A 55 9.22 -3.07 -16.16
C GLU A 55 9.05 -2.49 -14.76
N TYR A 56 7.89 -2.73 -14.16
CA TYR A 56 7.60 -2.23 -12.82
C TYR A 56 7.87 -3.30 -11.77
N LYS A 57 8.14 -4.52 -12.23
CA LYS A 57 8.42 -5.63 -11.33
C LYS A 57 9.47 -5.25 -10.30
N ASP A 58 10.51 -4.55 -10.75
CA ASP A 58 11.59 -4.12 -9.88
C ASP A 58 11.04 -3.32 -8.70
N GLU A 59 10.22 -2.31 -9.01
CA GLU A 59 9.62 -1.47 -7.98
C GLU A 59 8.62 -2.25 -7.15
N LEU A 60 7.87 -3.13 -7.79
CA LEU A 60 6.86 -3.94 -7.11
C LEU A 60 7.52 -4.85 -6.09
N GLU A 61 8.65 -5.44 -6.46
CA GLU A 61 9.37 -6.35 -5.57
C GLU A 61 9.86 -5.61 -4.33
N VAL A 62 10.32 -4.38 -4.52
CA VAL A 62 10.82 -3.56 -3.42
C VAL A 62 9.74 -3.37 -2.36
N ALA A 63 8.54 -2.99 -2.79
CA ALA A 63 7.43 -2.77 -1.88
C ALA A 63 7.10 -4.04 -1.10
N TYR A 64 7.00 -5.16 -1.81
CA TYR A 64 6.69 -6.44 -1.19
C TYR A 64 7.79 -6.86 -0.23
N ASN A 65 9.03 -6.59 -0.61
CA ASN A 65 10.19 -6.94 0.21
C ASN A 65 10.10 -6.27 1.57
N SER A 66 9.61 -5.04 1.59
CA SER A 66 9.47 -4.29 2.84
C SER A 66 8.35 -4.86 3.71
N ALA A 67 7.19 -5.06 3.10
CA ALA A 67 6.04 -5.61 3.81
C ALA A 67 6.33 -7.01 4.33
N LYS A 68 7.01 -7.81 3.51
CA LYS A 68 7.36 -9.17 3.88
C LYS A 68 8.39 -9.19 4.99
N LEU A 69 9.32 -8.24 4.96
CA LEU A 69 10.37 -8.14 5.97
C LEU A 69 9.76 -8.01 7.36
N PHE A 70 8.81 -7.09 7.50
CA PHE A 70 8.15 -6.86 8.79
C PHE A 70 7.21 -8.01 9.13
N LEU A 71 6.48 -8.50 8.13
CA LEU A 71 5.55 -9.60 8.32
C LEU A 71 6.28 -10.86 8.79
N GLU A 72 7.55 -10.97 8.43
CA GLU A 72 8.36 -12.11 8.81
C GLU A 72 8.63 -12.11 10.31
N SER A 73 8.63 -10.93 10.91
CA SER A 73 8.87 -10.78 12.33
C SER A 73 7.61 -10.31 13.06
N PRO A 74 6.67 -11.25 13.26
CA PRO A 74 5.41 -10.96 13.95
C PRO A 74 5.60 -10.69 15.43
N LEU A 75 6.05 -9.49 15.76
CA LEU A 75 6.29 -9.11 17.16
C LEU A 75 6.43 -7.60 17.29
N VAL A 76 7.15 -6.99 16.36
CA VAL A 76 7.38 -5.55 16.36
C VAL A 76 6.08 -4.80 16.08
N GLU A 77 5.30 -4.55 17.12
CA GLU A 77 4.04 -3.84 16.98
C GLU A 77 4.26 -2.32 17.03
N GLY A 78 5.14 -1.83 16.18
CA GLY A 78 5.42 -0.40 16.14
C GLY A 78 5.01 0.23 14.82
N PRO A 79 5.53 1.45 14.57
CA PRO A 79 5.23 2.19 13.35
C PRO A 79 5.85 1.55 12.11
N GLY A 80 6.88 0.74 12.32
CA GLY A 80 7.55 0.08 11.22
C GLY A 80 6.64 -0.90 10.50
N LYS A 81 5.82 -1.62 11.26
CA LYS A 81 4.91 -2.59 10.69
C LYS A 81 3.83 -1.91 9.86
N VAL A 82 3.21 -0.88 10.43
CA VAL A 82 2.16 -0.14 9.74
C VAL A 82 2.71 0.59 8.52
N ARG A 83 3.93 1.11 8.65
CA ARG A 83 4.57 1.83 7.56
C ARG A 83 4.94 0.88 6.43
N ALA A 84 5.30 -0.35 6.78
CA ALA A 84 5.68 -1.35 5.80
C ALA A 84 4.53 -1.67 4.86
N ILE A 85 3.35 -1.90 5.44
CA ILE A 85 2.16 -2.21 4.65
C ILE A 85 1.66 -0.97 3.90
N GLY A 86 1.58 0.15 4.61
CA GLY A 86 1.10 1.38 4.01
C GLY A 86 2.02 1.86 2.90
N ARG A 87 3.31 1.59 3.04
CA ARG A 87 4.29 2.01 2.04
C ARG A 87 4.00 1.35 0.69
N VAL A 88 3.70 0.06 0.73
CA VAL A 88 3.40 -0.68 -0.49
C VAL A 88 2.16 -0.13 -1.18
N LEU A 89 1.12 0.14 -0.40
CA LEU A 89 -0.13 0.67 -0.93
C LEU A 89 0.10 2.00 -1.63
N TRP A 90 0.97 2.82 -1.04
CA TRP A 90 1.28 4.13 -1.61
C TRP A 90 2.10 3.99 -2.89
N THR A 91 3.00 3.00 -2.91
CA THR A 91 3.84 2.76 -4.07
C THR A 91 3.00 2.48 -5.31
N ILE A 92 2.02 1.60 -5.18
CA ILE A 92 1.15 1.24 -6.29
C ILE A 92 0.27 2.42 -6.69
N LYS A 93 -0.15 3.20 -5.70
CA LYS A 93 -1.00 4.36 -5.96
C LYS A 93 -0.33 5.32 -6.94
N ARG A 94 0.93 5.64 -6.68
CA ARG A 94 1.69 6.55 -7.54
C ARG A 94 1.84 5.95 -8.94
N LEU A 95 2.13 4.66 -9.00
CA LEU A 95 2.31 3.97 -10.28
C LEU A 95 1.09 4.18 -11.18
N ASN A 96 -0.06 4.40 -10.56
CA ASN A 96 -1.30 4.61 -11.30
C ASN A 96 -1.72 3.35 -12.04
N ILE A 97 -1.81 2.24 -11.31
CA ILE A 97 -2.20 0.97 -11.90
C ILE A 97 -3.44 0.39 -11.20
N ASP A 98 -4.27 -0.28 -11.97
CA ASP A 98 -5.49 -0.89 -11.43
C ASP A 98 -5.17 -1.78 -10.23
N SER A 99 -5.40 -1.26 -9.03
CA SER A 99 -5.14 -2.00 -7.81
C SER A 99 -6.38 -2.08 -6.94
N PRO A 100 -7.00 -3.26 -6.88
CA PRO A 100 -8.21 -3.50 -6.08
C PRO A 100 -7.94 -3.46 -4.58
N PHE A 101 -7.81 -2.25 -4.04
CA PHE A 101 -7.54 -2.07 -2.62
C PHE A 101 -8.25 -0.83 -2.08
N VAL A 102 -7.76 0.34 -2.47
CA VAL A 102 -8.34 1.60 -2.03
C VAL A 102 -9.83 1.63 -2.29
N SER A 1 -3.57 -6.83 15.95
CA SER A 1 -3.40 -7.07 17.38
C SER A 1 -4.63 -6.61 18.15
N MET A 2 -5.23 -5.52 17.71
CA MET A 2 -6.42 -4.97 18.36
C MET A 2 -7.63 -5.03 17.43
N ASP A 3 -7.70 -6.08 16.63
CA ASP A 3 -8.80 -6.26 15.69
C ASP A 3 -9.95 -7.03 16.34
N LYS A 4 -11.04 -7.19 15.59
CA LYS A 4 -12.21 -7.90 16.09
C LYS A 4 -12.98 -8.54 14.94
N GLU A 5 -12.26 -9.19 14.04
CA GLU A 5 -12.88 -9.84 12.89
C GLU A 5 -14.03 -9.00 12.34
N TRP A 6 -13.80 -7.70 12.26
CA TRP A 6 -14.81 -6.77 11.74
C TRP A 6 -15.15 -7.09 10.29
N ILE A 7 -14.12 -7.19 9.46
CA ILE A 7 -14.31 -7.49 8.04
C ILE A 7 -15.16 -6.42 7.36
N SER A 8 -14.49 -5.52 6.64
CA SER A 8 -15.18 -4.45 5.94
C SER A 8 -14.81 -4.43 4.46
N LYS A 9 -15.72 -3.93 3.63
CA LYS A 9 -15.48 -3.85 2.20
C LYS A 9 -16.36 -2.79 1.55
N LEU A 10 -15.77 -1.64 1.25
CA LEU A 10 -16.50 -0.54 0.64
C LEU A 10 -16.92 -0.90 -0.79
N PRO A 11 -17.95 -0.20 -1.29
CA PRO A 11 -18.47 -0.42 -2.64
C PRO A 11 -17.50 0.04 -3.72
N LYS A 12 -17.00 1.26 -3.57
CA LYS A 12 -16.06 1.83 -4.53
C LYS A 12 -15.62 3.23 -4.10
N SER A 13 -14.40 3.60 -4.47
CA SER A 13 -13.86 4.90 -4.13
C SER A 13 -13.69 5.77 -5.36
N PRO A 14 -13.59 7.09 -5.15
CA PRO A 14 -13.42 8.06 -6.25
C PRO A 14 -12.05 7.97 -6.90
N GLU A 15 -11.03 7.70 -6.09
CA GLU A 15 -9.67 7.58 -6.58
C GLU A 15 -9.19 8.91 -7.18
N PRO A 16 -9.01 9.91 -6.32
CA PRO A 16 -8.56 11.24 -6.74
C PRO A 16 -7.10 11.25 -7.20
N TRP A 17 -6.55 12.43 -7.43
CA TRP A 17 -5.18 12.57 -7.87
C TRP A 17 -4.49 13.74 -7.16
N THR A 18 -4.08 13.53 -5.92
CA THR A 18 -3.41 14.56 -5.14
C THR A 18 -2.73 13.97 -3.91
N PRO A 19 -1.76 14.71 -3.37
CA PRO A 19 -1.01 14.28 -2.18
C PRO A 19 -1.87 14.29 -0.91
N GLU A 20 -2.76 15.27 -0.82
CA GLU A 20 -3.64 15.39 0.34
C GLU A 20 -4.49 14.13 0.51
N GLN A 21 -4.99 13.60 -0.59
CA GLN A 21 -5.81 12.40 -0.56
C GLN A 21 -4.99 11.19 -0.12
N GLU A 22 -3.75 11.13 -0.58
CA GLU A 22 -2.86 10.03 -0.24
C GLU A 22 -2.75 9.87 1.28
N GLU A 23 -2.41 10.95 1.96
CA GLU A 23 -2.28 10.93 3.41
C GLU A 23 -3.59 10.48 4.07
N ALA A 24 -4.70 11.07 3.64
CA ALA A 24 -6.01 10.73 4.19
C ALA A 24 -6.29 9.24 4.05
N PHE A 25 -5.86 8.67 2.92
CA PHE A 25 -6.07 7.25 2.66
C PHE A 25 -5.40 6.39 3.72
N LEU A 26 -4.13 6.70 4.00
CA LEU A 26 -3.37 5.95 5.00
C LEU A 26 -4.05 6.02 6.36
N LYS A 27 -4.68 7.16 6.65
CA LYS A 27 -5.36 7.35 7.92
C LYS A 27 -6.56 6.41 8.04
N ARG A 28 -7.24 6.18 6.92
CA ARG A 28 -8.40 5.31 6.90
C ARG A 28 -7.98 3.84 6.94
N PHE A 29 -6.90 3.53 6.23
CA PHE A 29 -6.39 2.17 6.17
C PHE A 29 -5.76 1.76 7.51
N ALA A 30 -4.98 2.67 8.08
CA ALA A 30 -4.31 2.41 9.35
C ALA A 30 -5.33 2.13 10.45
N GLU A 31 -6.57 2.57 10.22
CA GLU A 31 -7.63 2.36 11.20
C GLU A 31 -7.66 0.92 11.68
N LYS A 32 -7.49 -0.01 10.76
CA LYS A 32 -7.50 -1.44 11.09
C LYS A 32 -7.28 -2.29 9.84
N VAL A 33 -6.09 -2.89 9.73
CA VAL A 33 -5.77 -3.73 8.59
C VAL A 33 -5.12 -5.03 9.04
N ASP A 34 -5.22 -6.05 8.19
CA ASP A 34 -4.63 -7.36 8.50
C ASP A 34 -3.48 -7.67 7.56
N PRO A 35 -2.27 -7.84 8.14
CA PRO A 35 -1.06 -8.14 7.37
C PRO A 35 -1.08 -9.55 6.79
N GLU A 36 -1.65 -10.49 7.55
CA GLU A 36 -1.74 -11.88 7.11
C GLU A 36 -2.60 -12.00 5.85
N GLU A 37 -3.77 -11.37 5.87
CA GLU A 37 -4.68 -11.40 4.75
C GLU A 37 -4.18 -10.52 3.61
N THR A 38 -3.71 -9.32 3.96
CA THR A 38 -3.21 -8.38 2.97
C THR A 38 -1.98 -8.94 2.26
N LEU A 39 -1.17 -9.69 2.99
CA LEU A 39 0.04 -10.30 2.43
C LEU A 39 -0.30 -11.23 1.27
N LYS A 40 -1.42 -11.93 1.41
CA LYS A 40 -1.85 -12.86 0.37
C LYS A 40 -2.36 -12.12 -0.85
N LYS A 41 -3.25 -11.16 -0.62
CA LYS A 41 -3.82 -10.36 -1.71
C LYS A 41 -2.73 -9.53 -2.40
N LEU A 42 -1.81 -9.01 -1.61
CA LEU A 42 -0.73 -8.19 -2.14
C LEU A 42 0.28 -9.05 -2.90
N GLU A 43 0.61 -10.21 -2.33
CA GLU A 43 1.56 -11.13 -2.96
C GLU A 43 1.02 -11.64 -4.29
N GLU A 44 -0.26 -12.03 -4.29
CA GLU A 44 -0.89 -12.55 -5.49
C GLU A 44 -1.07 -11.44 -6.53
N TRP A 45 -1.38 -10.24 -6.06
CA TRP A 45 -1.57 -9.10 -6.94
C TRP A 45 -0.27 -8.74 -7.66
N ILE A 46 0.81 -8.60 -6.90
CA ILE A 46 2.11 -8.27 -7.47
C ILE A 46 2.58 -9.35 -8.43
N LYS A 47 2.36 -10.61 -8.07
CA LYS A 47 2.76 -11.74 -8.88
C LYS A 47 2.11 -11.66 -10.27
N GLU A 48 0.80 -11.43 -10.29
CA GLU A 48 0.07 -11.33 -11.55
C GLU A 48 0.39 -10.02 -12.27
N ASN A 49 0.40 -8.93 -11.52
CA ASN A 49 0.70 -7.62 -12.09
C ASN A 49 2.07 -7.61 -12.75
N ILE A 50 3.04 -8.24 -12.09
CA ILE A 50 4.40 -8.30 -12.61
C ILE A 50 4.42 -8.93 -14.00
N LYS A 51 3.59 -9.95 -14.20
CA LYS A 51 3.51 -10.64 -15.49
C LYS A 51 3.02 -9.70 -16.58
N LYS A 52 2.14 -8.77 -16.20
CA LYS A 52 1.59 -7.81 -17.15
C LYS A 52 2.53 -6.63 -17.32
N TYR A 53 3.20 -6.23 -16.23
CA TYR A 53 4.13 -5.12 -16.26
C TYR A 53 5.46 -5.49 -15.64
N PRO A 54 6.33 -6.11 -16.44
CA PRO A 54 7.66 -6.53 -15.99
C PRO A 54 8.60 -5.36 -15.73
N GLU A 55 8.30 -4.23 -16.37
CA GLU A 55 9.11 -3.03 -16.20
C GLU A 55 8.93 -2.44 -14.80
N TYR A 56 7.77 -2.68 -14.22
CA TYR A 56 7.46 -2.17 -12.88
C TYR A 56 7.79 -3.21 -11.81
N LYS A 57 8.08 -4.42 -12.25
CA LYS A 57 8.41 -5.51 -11.33
C LYS A 57 9.45 -5.07 -10.32
N ASP A 58 10.39 -4.22 -10.75
CA ASP A 58 11.43 -3.72 -9.88
C ASP A 58 10.84 -2.97 -8.68
N GLU A 59 9.93 -2.04 -8.98
CA GLU A 59 9.29 -1.25 -7.92
C GLU A 59 8.39 -2.13 -7.06
N LEU A 60 7.60 -2.98 -7.72
CA LEU A 60 6.69 -3.87 -7.01
C LEU A 60 7.45 -4.80 -6.07
N GLU A 61 8.60 -5.29 -6.53
CA GLU A 61 9.42 -6.18 -5.72
C GLU A 61 9.89 -5.49 -4.44
N VAL A 62 10.21 -4.21 -4.56
CA VAL A 62 10.67 -3.42 -3.42
C VAL A 62 9.61 -3.38 -2.33
N ALA A 63 8.38 -3.02 -2.70
CA ALA A 63 7.28 -2.94 -1.76
C ALA A 63 7.03 -4.28 -1.08
N TYR A 64 6.98 -5.34 -1.89
CA TYR A 64 6.75 -6.68 -1.37
C TYR A 64 7.83 -7.08 -0.38
N ASN A 65 9.08 -6.74 -0.70
CA ASN A 65 10.20 -7.06 0.17
C ASN A 65 10.04 -6.42 1.54
N SER A 66 9.55 -5.19 1.56
CA SER A 66 9.33 -4.47 2.81
C SER A 66 8.27 -5.16 3.66
N ALA A 67 7.17 -5.54 3.03
CA ALA A 67 6.08 -6.21 3.73
C ALA A 67 6.56 -7.51 4.38
N LYS A 68 7.38 -8.25 3.65
CA LYS A 68 7.92 -9.51 4.17
C LYS A 68 8.86 -9.27 5.34
N LEU A 69 9.65 -8.22 5.25
CA LEU A 69 10.60 -7.88 6.30
C LEU A 69 9.88 -7.57 7.61
N PHE A 70 8.83 -6.75 7.52
CA PHE A 70 8.05 -6.39 8.69
C PHE A 70 7.32 -7.60 9.27
N LEU A 71 6.79 -8.45 8.38
CA LEU A 71 6.07 -9.64 8.80
C LEU A 71 6.96 -10.54 9.65
N GLU A 72 8.25 -10.53 9.36
CA GLU A 72 9.21 -11.35 10.09
C GLU A 72 9.77 -10.58 11.30
N SER A 73 9.75 -9.25 11.20
CA SER A 73 10.26 -8.41 12.27
C SER A 73 9.65 -8.80 13.61
N PRO A 74 10.48 -9.43 14.47
CA PRO A 74 10.04 -9.88 15.80
C PRO A 74 9.78 -8.70 16.75
N LEU A 75 8.70 -7.98 16.50
CA LEU A 75 8.33 -6.84 17.34
C LEU A 75 7.05 -6.18 16.83
N VAL A 76 6.91 -6.12 15.50
CA VAL A 76 5.74 -5.51 14.89
C VAL A 76 4.46 -6.07 15.50
N GLU A 77 3.67 -5.20 16.12
CA GLU A 77 2.42 -5.60 16.75
C GLU A 77 1.34 -4.55 16.53
N GLY A 78 1.34 -3.94 15.35
CA GLY A 78 0.36 -2.92 15.05
C GLY A 78 0.91 -1.83 14.13
N PRO A 79 1.85 -1.04 14.66
CA PRO A 79 2.49 0.05 13.90
C PRO A 79 3.39 -0.47 12.79
N GLY A 80 3.96 -1.65 13.00
CA GLY A 80 4.86 -2.23 12.02
C GLY A 80 4.11 -2.76 10.80
N LYS A 81 2.98 -3.42 11.05
CA LYS A 81 2.17 -3.99 9.97
C LYS A 81 1.53 -2.88 9.14
N VAL A 82 0.95 -1.89 9.81
CA VAL A 82 0.31 -0.76 9.14
C VAL A 82 1.29 -0.03 8.25
N ARG A 83 2.53 0.12 8.73
CA ARG A 83 3.56 0.81 7.97
C ARG A 83 4.01 -0.01 6.77
N ALA A 84 4.10 -1.33 6.96
CA ALA A 84 4.51 -2.23 5.90
C ALA A 84 3.43 -2.33 4.82
N ILE A 85 2.19 -2.53 5.24
CA ILE A 85 1.08 -2.63 4.31
C ILE A 85 0.76 -1.29 3.67
N GLY A 86 0.69 -0.25 4.51
CA GLY A 86 0.40 1.08 4.00
C GLY A 86 1.45 1.59 3.04
N ARG A 87 2.70 1.19 3.27
CA ARG A 87 3.80 1.60 2.41
C ARG A 87 3.64 1.06 1.00
N VAL A 88 3.33 -0.23 0.90
CA VAL A 88 3.15 -0.88 -0.39
C VAL A 88 2.00 -0.24 -1.16
N LEU A 89 0.84 -0.13 -0.52
CA LEU A 89 -0.34 0.46 -1.13
C LEU A 89 -0.01 1.84 -1.71
N TRP A 90 0.86 2.57 -1.01
CA TRP A 90 1.25 3.91 -1.46
C TRP A 90 2.08 3.84 -2.74
N THR A 91 3.00 2.88 -2.79
CA THR A 91 3.85 2.71 -3.96
C THR A 91 3.02 2.45 -5.22
N ILE A 92 2.07 1.52 -5.11
CA ILE A 92 1.21 1.17 -6.23
C ILE A 92 0.39 2.38 -6.68
N LYS A 93 -0.03 3.20 -5.72
CA LYS A 93 -0.82 4.39 -6.01
C LYS A 93 -0.09 5.30 -6.99
N ARG A 94 1.19 5.55 -6.72
CA ARG A 94 2.01 6.41 -7.57
C ARG A 94 2.16 5.79 -8.96
N LEU A 95 2.30 4.47 -9.00
CA LEU A 95 2.47 3.77 -10.27
C LEU A 95 1.29 4.05 -11.21
N ASN A 96 0.15 4.44 -10.63
CA ASN A 96 -1.03 4.76 -11.41
C ASN A 96 -1.59 3.50 -12.07
N ILE A 97 -1.73 2.43 -11.30
CA ILE A 97 -2.24 1.16 -11.81
C ILE A 97 -3.51 0.75 -11.06
N ASP A 98 -4.62 0.72 -11.77
CA ASP A 98 -5.90 0.34 -11.18
C ASP A 98 -5.78 -1.01 -10.46
N SER A 99 -5.75 -0.98 -9.13
CA SER A 99 -5.63 -2.19 -8.34
C SER A 99 -6.76 -2.27 -7.32
N PRO A 100 -7.11 -3.51 -6.93
CA PRO A 100 -8.18 -3.77 -5.97
C PRO A 100 -7.80 -3.34 -4.55
N PHE A 101 -7.81 -2.02 -4.32
CA PHE A 101 -7.46 -1.48 -3.01
C PHE A 101 -8.10 -0.11 -2.81
N VAL A 102 -7.58 0.90 -3.50
CA VAL A 102 -8.10 2.25 -3.39
C VAL A 102 -9.54 2.32 -3.88
N SER A 1 12.38 22.23 24.56
CA SER A 1 12.26 21.76 23.18
C SER A 1 11.54 20.42 23.14
N MET A 2 10.45 20.36 22.37
CA MET A 2 9.68 19.13 22.25
C MET A 2 8.67 19.24 21.10
N ASP A 3 8.06 20.43 20.97
CA ASP A 3 7.08 20.67 19.92
C ASP A 3 5.86 19.76 20.11
N LYS A 4 4.81 20.32 20.72
CA LYS A 4 3.59 19.57 20.96
C LYS A 4 2.37 20.39 20.57
N GLU A 5 1.68 19.97 19.51
CA GLU A 5 0.50 20.67 19.03
C GLU A 5 -0.35 19.76 18.14
N TRP A 6 -1.44 19.25 18.71
CA TRP A 6 -2.33 18.37 17.96
C TRP A 6 -3.22 19.17 17.02
N ILE A 7 -3.78 20.26 17.52
CA ILE A 7 -4.65 21.11 16.70
C ILE A 7 -5.92 20.36 16.30
N SER A 8 -7.01 21.11 16.15
CA SER A 8 -8.29 20.52 15.76
C SER A 8 -8.96 21.35 14.67
N LYS A 9 -9.26 20.70 13.55
CA LYS A 9 -9.91 21.38 12.42
C LYS A 9 -10.26 20.38 11.32
N LEU A 10 -11.54 20.09 11.18
CA LEU A 10 -12.01 19.15 10.16
C LEU A 10 -11.73 19.69 8.77
N PRO A 11 -11.64 18.77 7.79
CA PRO A 11 -11.38 19.13 6.38
C PRO A 11 -12.56 19.85 5.74
N LYS A 12 -12.26 20.90 4.98
CA LYS A 12 -13.30 21.67 4.31
C LYS A 12 -13.25 21.45 2.80
N SER A 13 -12.04 21.30 2.27
CA SER A 13 -11.85 21.08 0.84
C SER A 13 -11.65 19.60 0.54
N PRO A 14 -11.87 19.21 -0.73
CA PRO A 14 -11.70 17.83 -1.18
C PRO A 14 -10.25 17.39 -1.19
N GLU A 15 -9.36 18.30 -1.57
CA GLU A 15 -7.94 18.00 -1.63
C GLU A 15 -7.66 16.82 -2.54
N PRO A 16 -7.79 17.05 -3.86
CA PRO A 16 -7.56 16.02 -4.87
C PRO A 16 -6.09 15.62 -4.98
N TRP A 17 -5.22 16.62 -5.05
CA TRP A 17 -3.78 16.38 -5.15
C TRP A 17 -3.03 17.08 -4.04
N THR A 18 -2.77 16.37 -2.95
CA THR A 18 -2.06 16.92 -1.81
C THR A 18 -1.61 15.83 -0.85
N PRO A 19 -0.61 16.15 -0.01
CA PRO A 19 -0.06 15.20 0.97
C PRO A 19 -1.05 14.91 2.10
N GLU A 20 -1.86 15.90 2.45
CA GLU A 20 -2.85 15.76 3.51
C GLU A 20 -3.81 14.61 3.20
N GLN A 21 -4.13 14.45 1.91
CA GLN A 21 -5.04 13.40 1.49
C GLN A 21 -4.41 12.02 1.67
N GLU A 22 -3.12 11.93 1.35
CA GLU A 22 -2.40 10.66 1.48
C GLU A 22 -2.41 10.17 2.92
N GLU A 23 -1.98 11.04 3.84
CA GLU A 23 -1.94 10.69 5.25
C GLU A 23 -3.31 10.23 5.74
N ALA A 24 -4.36 10.92 5.28
CA ALA A 24 -5.72 10.59 5.68
C ALA A 24 -6.05 9.14 5.32
N PHE A 25 -5.63 8.71 4.14
CA PHE A 25 -5.88 7.36 3.68
C PHE A 25 -5.25 6.34 4.62
N LEU A 26 -3.97 6.53 4.92
CA LEU A 26 -3.24 5.63 5.81
C LEU A 26 -3.91 5.55 7.17
N LYS A 27 -4.48 6.67 7.61
CA LYS A 27 -5.15 6.73 8.90
C LYS A 27 -6.41 5.87 8.89
N ARG A 28 -7.07 5.80 7.74
CA ARG A 28 -8.29 5.02 7.60
C ARG A 28 -7.97 3.53 7.51
N PHE A 29 -6.95 3.20 6.71
CA PHE A 29 -6.54 1.81 6.54
C PHE A 29 -6.01 1.22 7.84
N ALA A 30 -5.16 2.00 8.52
CA ALA A 30 -4.57 1.56 9.78
C ALA A 30 -5.65 1.40 10.86
N GLU A 31 -6.80 2.01 10.63
CA GLU A 31 -7.90 1.93 11.59
C GLU A 31 -8.16 0.50 12.01
N LYS A 32 -7.98 -0.43 11.07
CA LYS A 32 -8.19 -1.84 11.34
C LYS A 32 -7.92 -2.69 10.10
N VAL A 33 -6.72 -3.25 10.03
CA VAL A 33 -6.34 -4.09 8.89
C VAL A 33 -5.53 -5.30 9.34
N ASP A 34 -5.53 -6.35 8.53
CA ASP A 34 -4.81 -7.57 8.85
C ASP A 34 -3.67 -7.80 7.86
N PRO A 35 -2.44 -7.87 8.38
CA PRO A 35 -1.25 -8.09 7.56
C PRO A 35 -1.18 -9.49 6.97
N GLU A 36 -1.69 -10.47 7.72
CA GLU A 36 -1.70 -11.85 7.27
C GLU A 36 -2.52 -12.01 5.99
N GLU A 37 -3.72 -11.44 6.00
CA GLU A 37 -4.61 -11.51 4.85
C GLU A 37 -4.13 -10.59 3.73
N THR A 38 -3.73 -9.38 4.10
CA THR A 38 -3.25 -8.40 3.13
C THR A 38 -2.01 -8.91 2.40
N LEU A 39 -1.19 -9.70 3.11
CA LEU A 39 0.02 -10.24 2.52
C LEU A 39 -0.30 -11.13 1.32
N LYS A 40 -1.39 -11.89 1.43
CA LYS A 40 -1.80 -12.76 0.34
C LYS A 40 -2.29 -11.96 -0.86
N LYS A 41 -3.20 -11.01 -0.60
CA LYS A 41 -3.74 -10.17 -1.66
C LYS A 41 -2.64 -9.32 -2.29
N LEU A 42 -1.74 -8.82 -1.46
CA LEU A 42 -0.64 -7.99 -1.93
C LEU A 42 0.39 -8.82 -2.71
N GLU A 43 0.71 -9.99 -2.18
CA GLU A 43 1.67 -10.89 -2.81
C GLU A 43 1.12 -11.43 -4.13
N GLU A 44 -0.16 -11.81 -4.11
CA GLU A 44 -0.81 -12.35 -5.31
C GLU A 44 -0.97 -11.26 -6.37
N TRP A 45 -1.37 -10.08 -5.94
CA TRP A 45 -1.57 -8.96 -6.85
C TRP A 45 -0.28 -8.63 -7.60
N ILE A 46 0.81 -8.49 -6.85
CA ILE A 46 2.11 -8.17 -7.45
C ILE A 46 2.56 -9.29 -8.39
N LYS A 47 2.33 -10.53 -7.98
CA LYS A 47 2.71 -11.69 -8.79
C LYS A 47 2.05 -11.62 -10.17
N GLU A 48 0.74 -11.39 -10.18
CA GLU A 48 -0.01 -11.31 -11.42
C GLU A 48 0.32 -10.02 -12.18
N ASN A 49 0.35 -8.91 -11.46
CA ASN A 49 0.65 -7.61 -12.06
C ASN A 49 2.02 -7.63 -12.74
N ILE A 50 2.98 -8.27 -12.08
CA ILE A 50 4.33 -8.37 -12.62
C ILE A 50 4.34 -9.01 -14.00
N LYS A 51 3.48 -10.02 -14.18
CA LYS A 51 3.38 -10.72 -15.46
C LYS A 51 2.90 -9.77 -16.55
N LYS A 52 2.04 -8.83 -16.18
CA LYS A 52 1.50 -7.86 -17.12
C LYS A 52 2.46 -6.69 -17.31
N TYR A 53 3.14 -6.30 -16.23
CA TYR A 53 4.09 -5.20 -16.29
C TYR A 53 5.42 -5.60 -15.67
N PRO A 54 6.28 -6.23 -16.48
CA PRO A 54 7.60 -6.68 -16.02
C PRO A 54 8.55 -5.51 -15.78
N GLU A 55 8.28 -4.38 -16.42
CA GLU A 55 9.11 -3.19 -16.27
C GLU A 55 8.94 -2.59 -14.86
N TYR A 56 7.78 -2.82 -14.27
CA TYR A 56 7.49 -2.29 -12.94
C TYR A 56 7.81 -3.34 -11.87
N LYS A 57 8.08 -4.55 -12.31
CA LYS A 57 8.41 -5.64 -11.38
C LYS A 57 9.47 -5.20 -10.38
N ASP A 58 10.41 -4.38 -10.84
CA ASP A 58 11.48 -3.89 -9.98
C ASP A 58 10.92 -3.12 -8.79
N GLU A 59 10.03 -2.18 -9.08
CA GLU A 59 9.41 -1.36 -8.04
C GLU A 59 8.49 -2.20 -7.17
N LEU A 60 7.70 -3.06 -7.80
CA LEU A 60 6.77 -3.92 -7.09
C LEU A 60 7.51 -4.84 -6.12
N GLU A 61 8.64 -5.37 -6.57
CA GLU A 61 9.44 -6.26 -5.74
C GLU A 61 9.93 -5.55 -4.48
N VAL A 62 10.30 -4.28 -4.63
CA VAL A 62 10.78 -3.49 -3.51
C VAL A 62 9.72 -3.39 -2.41
N ALA A 63 8.51 -3.02 -2.80
CA ALA A 63 7.41 -2.89 -1.85
C ALA A 63 7.14 -4.22 -1.15
N TYR A 64 7.05 -5.29 -1.93
CA TYR A 64 6.78 -6.62 -1.38
C TYR A 64 7.87 -7.02 -0.39
N ASN A 65 9.12 -6.71 -0.72
CA ASN A 65 10.25 -7.04 0.12
C ASN A 65 10.09 -6.41 1.51
N SER A 66 9.61 -5.17 1.54
CA SER A 66 9.41 -4.46 2.79
C SER A 66 8.33 -5.14 3.65
N ALA A 67 7.21 -5.45 3.02
CA ALA A 67 6.11 -6.10 3.71
C ALA A 67 6.54 -7.45 4.29
N LYS A 68 7.33 -8.20 3.52
CA LYS A 68 7.82 -9.50 3.95
C LYS A 68 8.83 -9.36 5.07
N LEU A 69 9.66 -8.32 4.98
CA LEU A 69 10.68 -8.07 5.99
C LEU A 69 10.05 -7.90 7.37
N PHE A 70 9.00 -7.09 7.45
CA PHE A 70 8.31 -6.83 8.70
C PHE A 70 7.61 -8.10 9.20
N LEU A 71 6.99 -8.83 8.26
CA LEU A 71 6.29 -10.06 8.61
C LEU A 71 7.24 -11.08 9.21
N GLU A 72 8.51 -11.00 8.83
CA GLU A 72 9.52 -11.92 9.34
C GLU A 72 9.98 -11.50 10.74
N SER A 73 9.41 -10.42 11.25
CA SER A 73 9.76 -9.91 12.57
C SER A 73 8.62 -10.14 13.56
N PRO A 74 8.58 -11.35 14.14
CA PRO A 74 7.55 -11.72 15.11
C PRO A 74 7.70 -10.98 16.44
N LEU A 75 7.27 -9.72 16.46
CA LEU A 75 7.35 -8.90 17.67
C LEU A 75 6.60 -7.59 17.49
N VAL A 76 6.68 -7.03 16.28
CA VAL A 76 6.00 -5.77 15.98
C VAL A 76 4.65 -6.02 15.32
N GLU A 77 3.58 -5.62 16.00
CA GLU A 77 2.23 -5.80 15.47
C GLU A 77 1.41 -4.52 15.63
N GLY A 78 1.53 -3.63 14.65
CA GLY A 78 0.79 -2.38 14.70
C GLY A 78 1.42 -1.31 13.83
N PRO A 79 2.40 -0.59 14.39
CA PRO A 79 3.10 0.49 13.68
C PRO A 79 4.01 -0.04 12.57
N GLY A 80 4.55 -1.24 12.78
CA GLY A 80 5.42 -1.84 11.78
C GLY A 80 4.66 -2.39 10.61
N LYS A 81 3.52 -3.02 10.87
CA LYS A 81 2.70 -3.59 9.82
C LYS A 81 2.02 -2.50 9.00
N VAL A 82 1.49 -1.48 9.68
CA VAL A 82 0.83 -0.37 9.01
C VAL A 82 1.80 0.39 8.12
N ARG A 83 3.03 0.54 8.59
CA ARG A 83 4.05 1.25 7.83
C ARG A 83 4.49 0.44 6.61
N ALA A 84 4.65 -0.86 6.81
CA ALA A 84 5.07 -1.75 5.73
C ALA A 84 3.97 -1.90 4.69
N ILE A 85 2.75 -2.16 5.15
CA ILE A 85 1.61 -2.31 4.26
C ILE A 85 1.23 -1.00 3.60
N GLY A 86 1.19 0.07 4.41
CA GLY A 86 0.83 1.38 3.89
C GLY A 86 1.86 1.89 2.88
N ARG A 87 3.12 1.58 3.13
CA ARG A 87 4.20 2.03 2.25
C ARG A 87 4.01 1.46 0.84
N VAL A 88 3.74 0.16 0.76
CA VAL A 88 3.53 -0.50 -0.52
C VAL A 88 2.37 0.12 -1.29
N LEU A 89 1.24 0.28 -0.61
CA LEU A 89 0.05 0.86 -1.22
C LEU A 89 0.38 2.21 -1.85
N TRP A 90 1.26 2.95 -1.22
CA TRP A 90 1.66 4.26 -1.73
C TRP A 90 2.43 4.13 -3.03
N THR A 91 3.36 3.19 -3.07
CA THR A 91 4.17 2.96 -4.26
C THR A 91 3.29 2.62 -5.46
N ILE A 92 2.37 1.69 -5.28
CA ILE A 92 1.46 1.27 -6.35
C ILE A 92 0.65 2.46 -6.87
N LYS A 93 0.26 3.34 -5.96
CA LYS A 93 -0.51 4.52 -6.33
C LYS A 93 0.24 5.38 -7.33
N ARG A 94 1.54 5.57 -7.08
CA ARG A 94 2.37 6.37 -7.97
C ARG A 94 2.43 5.76 -9.37
N LEU A 95 2.57 4.44 -9.42
CA LEU A 95 2.63 3.74 -10.70
C LEU A 95 1.41 4.04 -11.56
N ASN A 96 0.32 4.42 -10.90
CA ASN A 96 -0.92 4.75 -11.60
C ASN A 96 -1.53 3.50 -12.25
N ILE A 97 -1.67 2.44 -11.46
CA ILE A 97 -2.24 1.20 -11.95
C ILE A 97 -3.49 0.82 -11.17
N ASP A 98 -4.62 0.76 -11.87
CA ASP A 98 -5.89 0.40 -11.24
C ASP A 98 -5.77 -0.91 -10.49
N SER A 99 -5.68 -0.82 -9.16
CA SER A 99 -5.56 -2.01 -8.33
C SER A 99 -6.65 -2.02 -7.25
N PRO A 100 -7.02 -3.23 -6.81
CA PRO A 100 -8.04 -3.42 -5.78
C PRO A 100 -7.58 -2.93 -4.40
N PHE A 101 -7.54 -1.62 -4.23
CA PHE A 101 -7.12 -1.03 -2.96
C PHE A 101 -7.72 0.37 -2.79
N VAL A 102 -7.38 1.26 -3.70
CA VAL A 102 -7.88 2.63 -3.66
C VAL A 102 -9.40 2.66 -3.61
N SER A 1 -31.54 -2.28 19.83
CA SER A 1 -31.23 -1.82 18.47
C SER A 1 -30.33 -2.81 17.75
N MET A 2 -30.94 -3.73 17.01
CA MET A 2 -30.19 -4.73 16.27
C MET A 2 -29.74 -4.19 14.91
N ASP A 3 -28.78 -3.27 14.94
CA ASP A 3 -28.26 -2.66 13.71
C ASP A 3 -27.15 -1.66 14.03
N LYS A 4 -26.33 -1.37 13.02
CA LYS A 4 -25.23 -0.42 13.19
C LYS A 4 -25.41 0.78 12.26
N GLU A 5 -25.94 0.53 11.06
CA GLU A 5 -26.15 1.59 10.09
C GLU A 5 -24.88 2.38 9.86
N TRP A 6 -24.05 1.92 8.92
CA TRP A 6 -22.80 2.59 8.60
C TRP A 6 -23.03 3.74 7.61
N ILE A 7 -23.71 3.43 6.51
CA ILE A 7 -24.00 4.44 5.49
C ILE A 7 -22.70 4.94 4.84
N SER A 8 -22.81 5.32 3.57
CA SER A 8 -21.66 5.82 2.83
C SER A 8 -20.52 4.79 2.86
N LYS A 9 -20.48 3.94 1.84
CA LYS A 9 -19.44 2.92 1.74
C LYS A 9 -18.27 3.41 0.90
N LEU A 10 -18.47 3.46 -0.41
CA LEU A 10 -17.42 3.92 -1.32
C LEU A 10 -17.27 5.43 -1.26
N PRO A 11 -16.08 5.92 -1.62
CA PRO A 11 -15.77 7.36 -1.62
C PRO A 11 -16.52 8.11 -2.71
N LYS A 12 -16.48 7.59 -3.92
CA LYS A 12 -17.17 8.21 -5.05
C LYS A 12 -16.75 9.67 -5.20
N SER A 13 -15.43 9.91 -5.19
CA SER A 13 -14.91 11.28 -5.32
C SER A 13 -14.17 11.44 -6.64
N PRO A 14 -14.01 12.70 -7.06
CA PRO A 14 -13.31 13.04 -8.31
C PRO A 14 -11.82 12.75 -8.24
N GLU A 15 -11.08 13.20 -9.25
CA GLU A 15 -9.64 13.00 -9.30
C GLU A 15 -8.90 14.33 -9.20
N PRO A 16 -8.90 14.91 -7.99
CA PRO A 16 -8.23 16.19 -7.73
C PRO A 16 -6.71 16.07 -7.79
N TRP A 17 -6.19 14.90 -7.40
CA TRP A 17 -4.75 14.66 -7.42
C TRP A 17 -4.04 15.59 -6.44
N THR A 18 -4.03 15.22 -5.17
CA THR A 18 -3.38 16.01 -4.13
C THR A 18 -2.84 15.13 -3.02
N PRO A 19 -1.88 15.67 -2.25
CA PRO A 19 -1.27 14.94 -1.13
C PRO A 19 -2.23 14.75 0.03
N GLU A 20 -3.21 15.65 0.16
CA GLU A 20 -4.19 15.58 1.22
C GLU A 20 -4.91 14.24 1.21
N GLN A 21 -5.41 13.87 0.03
CA GLN A 21 -6.12 12.60 -0.13
C GLN A 21 -5.25 11.42 0.29
N GLU A 22 -3.96 11.53 0.00
CA GLU A 22 -3.01 10.46 0.34
C GLU A 22 -3.03 10.18 1.84
N GLU A 23 -2.84 11.23 2.64
CA GLU A 23 -2.83 11.09 4.08
C GLU A 23 -4.12 10.43 4.58
N ALA A 24 -5.24 10.87 4.02
CA ALA A 24 -6.54 10.32 4.40
C ALA A 24 -6.68 8.86 3.95
N PHE A 25 -6.09 8.55 2.80
CA PHE A 25 -6.16 7.19 2.26
C PHE A 25 -5.52 6.20 3.23
N LEU A 26 -4.34 6.54 3.73
CA LEU A 26 -3.62 5.68 4.66
C LEU A 26 -4.29 5.67 6.03
N LYS A 27 -4.84 6.83 6.41
CA LYS A 27 -5.52 6.97 7.69
C LYS A 27 -6.67 5.98 7.82
N ARG A 28 -7.35 5.72 6.70
CA ARG A 28 -8.47 4.79 6.68
C ARG A 28 -7.97 3.34 6.71
N PHE A 29 -6.85 3.09 6.06
CA PHE A 29 -6.28 1.76 6.01
C PHE A 29 -5.73 1.35 7.37
N ALA A 30 -5.00 2.25 8.01
CA ALA A 30 -4.41 1.99 9.32
C ALA A 30 -5.50 1.78 10.36
N GLU A 31 -6.69 2.31 10.09
CA GLU A 31 -7.82 2.17 11.01
C GLU A 31 -7.98 0.72 11.45
N LYS A 32 -7.71 -0.21 10.54
CA LYS A 32 -7.84 -1.63 10.83
C LYS A 32 -7.45 -2.47 9.61
N VAL A 33 -6.24 -3.00 9.63
CA VAL A 33 -5.76 -3.83 8.52
C VAL A 33 -5.09 -5.09 9.04
N ASP A 34 -5.05 -6.12 8.20
CA ASP A 34 -4.44 -7.39 8.56
C ASP A 34 -3.29 -7.75 7.62
N PRO A 35 -2.11 -7.99 8.19
CA PRO A 35 -0.91 -8.34 7.41
C PRO A 35 -1.00 -9.72 6.79
N GLU A 36 -1.59 -10.66 7.53
CA GLU A 36 -1.74 -12.03 7.05
C GLU A 36 -2.64 -12.08 5.81
N GLU A 37 -3.77 -11.39 5.90
CA GLU A 37 -4.72 -11.36 4.78
C GLU A 37 -4.20 -10.47 3.66
N THR A 38 -3.67 -9.31 4.02
CA THR A 38 -3.15 -8.37 3.04
C THR A 38 -1.96 -8.97 2.29
N LEU A 39 -1.18 -9.79 2.98
CA LEU A 39 -0.01 -10.42 2.39
C LEU A 39 -0.41 -11.30 1.21
N LYS A 40 -1.54 -11.99 1.34
CA LYS A 40 -2.04 -12.85 0.28
C LYS A 40 -2.49 -12.04 -0.92
N LYS A 41 -3.33 -11.03 -0.66
CA LYS A 41 -3.84 -10.17 -1.72
C LYS A 41 -2.70 -9.40 -2.38
N LEU A 42 -1.75 -8.95 -1.58
CA LEU A 42 -0.62 -8.19 -2.08
C LEU A 42 0.34 -9.10 -2.88
N GLU A 43 0.59 -10.29 -2.32
CA GLU A 43 1.49 -11.24 -2.98
C GLU A 43 0.91 -11.69 -4.31
N GLU A 44 -0.38 -12.03 -4.32
CA GLU A 44 -1.04 -12.48 -5.54
C GLU A 44 -1.18 -11.33 -6.53
N TRP A 45 -1.44 -10.14 -6.02
CA TRP A 45 -1.60 -8.97 -6.88
C TRP A 45 -0.30 -8.64 -7.60
N ILE A 46 0.79 -8.57 -6.85
CA ILE A 46 2.10 -8.26 -7.43
C ILE A 46 2.52 -9.34 -8.41
N LYS A 47 2.27 -10.60 -8.05
CA LYS A 47 2.62 -11.73 -8.91
C LYS A 47 1.97 -11.60 -10.27
N GLU A 48 0.67 -11.33 -10.28
CA GLU A 48 -0.08 -11.18 -11.53
C GLU A 48 0.29 -9.88 -12.23
N ASN A 49 0.34 -8.79 -11.47
CA ASN A 49 0.67 -7.48 -12.02
C ASN A 49 2.05 -7.51 -12.68
N ILE A 50 2.98 -8.24 -12.06
CA ILE A 50 4.33 -8.34 -12.59
C ILE A 50 4.33 -8.97 -13.98
N LYS A 51 3.47 -9.95 -14.18
CA LYS A 51 3.36 -10.64 -15.46
C LYS A 51 2.84 -9.69 -16.54
N LYS A 52 1.98 -8.77 -16.14
CA LYS A 52 1.41 -7.80 -17.07
C LYS A 52 2.36 -6.63 -17.29
N TYR A 53 3.05 -6.22 -16.23
CA TYR A 53 4.00 -5.11 -16.31
C TYR A 53 5.33 -5.48 -15.67
N PRO A 54 6.19 -6.15 -16.46
CA PRO A 54 7.52 -6.58 -16.01
C PRO A 54 8.47 -5.40 -15.78
N GLU A 55 8.17 -4.28 -16.44
CA GLU A 55 9.00 -3.08 -16.31
C GLU A 55 8.89 -2.49 -14.92
N TYR A 56 7.74 -2.71 -14.28
CA TYR A 56 7.51 -2.18 -12.93
C TYR A 56 7.78 -3.26 -11.88
N LYS A 57 8.06 -4.47 -12.34
CA LYS A 57 8.34 -5.58 -11.45
C LYS A 57 9.38 -5.19 -10.39
N ASP A 58 10.33 -4.36 -10.80
CA ASP A 58 11.39 -3.91 -9.89
C ASP A 58 10.79 -3.14 -8.72
N GLU A 59 9.93 -2.17 -9.03
CA GLU A 59 9.29 -1.35 -7.99
C GLU A 59 8.40 -2.22 -7.10
N LEU A 60 7.60 -3.08 -7.72
CA LEU A 60 6.69 -3.94 -6.99
C LEU A 60 7.47 -4.86 -6.04
N GLU A 61 8.59 -5.39 -6.52
CA GLU A 61 9.42 -6.27 -5.71
C GLU A 61 9.91 -5.56 -4.45
N VAL A 62 10.20 -4.27 -4.58
CA VAL A 62 10.67 -3.48 -3.45
C VAL A 62 9.61 -3.39 -2.36
N ALA A 63 8.38 -3.08 -2.74
CA ALA A 63 7.29 -2.97 -1.80
C ALA A 63 7.06 -4.28 -1.06
N TYR A 64 7.02 -5.37 -1.82
CA TYR A 64 6.81 -6.70 -1.24
C TYR A 64 7.93 -7.06 -0.28
N ASN A 65 9.15 -6.68 -0.63
CA ASN A 65 10.31 -6.96 0.20
C ASN A 65 10.18 -6.30 1.56
N SER A 66 9.65 -5.08 1.57
CA SER A 66 9.47 -4.32 2.81
C SER A 66 8.42 -4.99 3.69
N ALA A 67 7.29 -5.34 3.09
CA ALA A 67 6.20 -5.97 3.81
C ALA A 67 6.66 -7.28 4.44
N LYS A 68 7.48 -8.02 3.72
CA LYS A 68 7.99 -9.30 4.21
C LYS A 68 8.96 -9.09 5.38
N LEU A 69 9.75 -8.03 5.30
CA LEU A 69 10.72 -7.72 6.34
C LEU A 69 10.03 -7.55 7.70
N PHE A 70 8.95 -6.78 7.70
CA PHE A 70 8.19 -6.53 8.93
C PHE A 70 7.51 -7.82 9.41
N LEU A 71 7.07 -8.64 8.46
CA LEU A 71 6.41 -9.89 8.80
C LEU A 71 7.39 -10.88 9.42
N GLU A 72 8.66 -10.76 9.05
CA GLU A 72 9.70 -11.64 9.58
C GLU A 72 10.13 -11.19 10.98
N SER A 73 9.51 -10.12 11.47
CA SER A 73 9.83 -9.60 12.79
C SER A 73 8.68 -9.84 13.77
N PRO A 74 8.64 -11.05 14.34
CA PRO A 74 7.60 -11.44 15.30
C PRO A 74 7.73 -10.72 16.63
N LEU A 75 7.31 -9.47 16.66
CA LEU A 75 7.38 -8.65 17.88
C LEU A 75 6.59 -7.36 17.72
N VAL A 76 6.65 -6.77 16.53
CA VAL A 76 5.93 -5.54 16.26
C VAL A 76 4.56 -5.82 15.66
N GLU A 77 3.51 -5.47 16.39
CA GLU A 77 2.14 -5.69 15.92
C GLU A 77 1.33 -4.39 15.97
N GLY A 78 1.34 -3.66 14.87
CA GLY A 78 0.61 -2.41 14.80
C GLY A 78 1.28 -1.39 13.90
N PRO A 79 2.27 -0.67 14.44
CA PRO A 79 3.01 0.34 13.70
C PRO A 79 3.90 -0.26 12.62
N GLY A 80 4.42 -1.46 12.89
CA GLY A 80 5.29 -2.12 11.93
C GLY A 80 4.51 -2.70 10.76
N LYS A 81 3.38 -3.34 11.05
CA LYS A 81 2.56 -3.94 10.01
C LYS A 81 1.87 -2.87 9.17
N VAL A 82 1.33 -1.86 9.84
CA VAL A 82 0.65 -0.76 9.15
C VAL A 82 1.60 -0.02 8.21
N ARG A 83 2.84 0.14 8.65
CA ARG A 83 3.85 0.83 7.85
C ARG A 83 4.26 -0.02 6.65
N ALA A 84 4.29 -1.33 6.84
CA ALA A 84 4.67 -2.25 5.78
C ALA A 84 3.60 -2.29 4.69
N ILE A 85 2.35 -2.45 5.09
CA ILE A 85 1.24 -2.51 4.15
C ILE A 85 0.96 -1.13 3.55
N GLY A 86 0.93 -0.11 4.40
CA GLY A 86 0.67 1.23 3.94
C GLY A 86 1.73 1.72 2.97
N ARG A 87 2.98 1.35 3.22
CA ARG A 87 4.08 1.76 2.36
C ARG A 87 3.90 1.23 0.94
N VAL A 88 3.57 -0.06 0.83
CA VAL A 88 3.35 -0.68 -0.48
C VAL A 88 2.16 -0.07 -1.19
N LEU A 89 1.10 0.22 -0.44
CA LEU A 89 -0.11 0.82 -1.01
C LEU A 89 0.21 2.15 -1.67
N TRP A 90 1.15 2.89 -1.09
CA TRP A 90 1.55 4.18 -1.63
C TRP A 90 2.29 4.02 -2.94
N THR A 91 3.22 3.07 -2.98
CA THR A 91 4.00 2.81 -4.19
C THR A 91 3.10 2.47 -5.36
N ILE A 92 2.09 1.64 -5.11
CA ILE A 92 1.16 1.24 -6.16
C ILE A 92 0.29 2.42 -6.60
N LYS A 93 -0.07 3.28 -5.65
CA LYS A 93 -0.90 4.44 -5.94
C LYS A 93 -0.17 5.40 -6.88
N ARG A 94 1.08 5.72 -6.54
CA ARG A 94 1.88 6.63 -7.35
C ARG A 94 2.15 6.04 -8.73
N LEU A 95 2.32 4.72 -8.78
CA LEU A 95 2.59 4.03 -10.03
C LEU A 95 1.41 4.16 -10.98
N ASN A 96 0.22 4.34 -10.43
CA ASN A 96 -0.99 4.49 -11.23
C ASN A 96 -1.31 3.19 -11.96
N ILE A 97 -1.60 2.14 -11.19
CA ILE A 97 -1.93 0.84 -11.77
C ILE A 97 -3.19 0.26 -11.14
N ASP A 98 -3.95 -0.50 -11.93
CA ASP A 98 -5.19 -1.10 -11.45
C ASP A 98 -4.94 -1.87 -10.16
N SER A 99 -5.34 -1.28 -9.04
CA SER A 99 -5.16 -1.90 -7.73
C SER A 99 -6.49 -2.01 -6.99
N PRO A 100 -7.02 -3.23 -6.89
CA PRO A 100 -8.30 -3.50 -6.22
C PRO A 100 -8.19 -3.31 -4.70
N PHE A 101 -8.20 -2.06 -4.26
CA PHE A 101 -8.10 -1.76 -2.84
C PHE A 101 -8.89 -0.49 -2.51
N VAL A 102 -8.59 0.59 -3.22
CA VAL A 102 -9.27 1.86 -3.00
C VAL A 102 -10.79 1.69 -3.03
N SER A 1 10.11 2.23 -24.47
CA SER A 1 10.71 1.84 -23.19
C SER A 1 11.59 0.60 -23.37
N MET A 2 12.82 0.82 -23.81
CA MET A 2 13.76 -0.27 -24.02
C MET A 2 15.12 0.25 -24.50
N ASP A 3 16.19 -0.44 -24.10
CA ASP A 3 17.53 -0.04 -24.49
C ASP A 3 17.85 1.37 -23.98
N LYS A 4 18.38 1.43 -22.77
CA LYS A 4 18.74 2.71 -22.16
C LYS A 4 17.54 3.65 -22.12
N GLU A 5 16.75 3.57 -21.06
CA GLU A 5 15.57 4.41 -20.91
C GLU A 5 14.97 4.25 -19.52
N TRP A 6 15.12 5.29 -18.70
CA TRP A 6 14.58 5.27 -17.34
C TRP A 6 13.08 5.53 -17.34
N ILE A 7 12.64 6.43 -18.22
CA ILE A 7 11.23 6.77 -18.33
C ILE A 7 10.69 7.26 -16.99
N SER A 8 10.71 8.58 -16.80
CA SER A 8 10.21 9.18 -15.56
C SER A 8 9.86 10.65 -15.78
N LYS A 9 9.52 11.33 -14.69
CA LYS A 9 9.15 12.74 -14.76
C LYS A 9 7.98 12.96 -15.70
N LEU A 10 6.78 12.64 -15.23
CA LEU A 10 5.57 12.80 -16.04
C LEU A 10 5.13 14.25 -16.07
N PRO A 11 4.36 14.62 -17.11
CA PRO A 11 3.85 15.98 -17.28
C PRO A 11 2.80 16.35 -16.23
N LYS A 12 1.83 15.47 -16.04
CA LYS A 12 0.77 15.69 -15.06
C LYS A 12 1.34 15.77 -13.65
N SER A 13 0.44 15.92 -12.67
CA SER A 13 0.86 16.00 -11.27
C SER A 13 0.94 14.62 -10.63
N PRO A 14 1.67 14.53 -9.52
CA PRO A 14 1.85 13.27 -8.78
C PRO A 14 0.56 12.83 -8.10
N GLU A 15 0.57 11.60 -7.59
CA GLU A 15 -0.60 11.05 -6.90
C GLU A 15 -1.00 11.92 -5.72
N PRO A 16 -0.08 12.07 -4.76
CA PRO A 16 -0.31 12.89 -3.56
C PRO A 16 -0.37 14.37 -3.87
N TRP A 17 -1.58 14.88 -4.10
CA TRP A 17 -1.78 16.28 -4.41
C TRP A 17 -1.79 17.13 -3.15
N THR A 18 -2.33 16.56 -2.07
CA THR A 18 -2.40 17.26 -0.79
C THR A 18 -2.24 16.29 0.38
N PRO A 19 -1.87 16.82 1.55
CA PRO A 19 -1.67 16.03 2.76
C PRO A 19 -2.98 15.48 3.32
N GLU A 20 -4.05 16.24 3.12
CA GLU A 20 -5.37 15.83 3.61
C GLU A 20 -5.78 14.49 3.00
N GLN A 21 -5.67 14.39 1.68
CA GLN A 21 -6.03 13.16 0.97
C GLN A 21 -5.06 12.04 1.32
N GLU A 22 -3.78 12.38 1.43
CA GLU A 22 -2.75 11.40 1.74
C GLU A 22 -2.97 10.80 3.12
N GLU A 23 -2.96 11.66 4.14
CA GLU A 23 -3.16 11.22 5.52
C GLU A 23 -4.46 10.43 5.65
N ALA A 24 -5.47 10.84 4.90
CA ALA A 24 -6.76 10.16 4.94
C ALA A 24 -6.65 8.71 4.46
N PHE A 25 -5.86 8.50 3.41
CA PHE A 25 -5.65 7.17 2.86
C PHE A 25 -5.04 6.24 3.91
N LEU A 26 -3.96 6.69 4.52
CA LEU A 26 -3.28 5.90 5.54
C LEU A 26 -4.13 5.79 6.81
N LYS A 27 -4.87 6.84 7.11
CA LYS A 27 -5.72 6.87 8.28
C LYS A 27 -6.86 5.87 8.15
N ARG A 28 -7.37 5.70 6.93
CA ARG A 28 -8.46 4.78 6.67
C ARG A 28 -7.95 3.33 6.66
N PHE A 29 -6.74 3.14 6.16
CA PHE A 29 -6.14 1.82 6.09
C PHE A 29 -5.67 1.36 7.47
N ALA A 30 -4.95 2.23 8.16
CA ALA A 30 -4.44 1.93 9.49
C ALA A 30 -5.58 1.73 10.48
N GLU A 31 -6.74 2.32 10.18
CA GLU A 31 -7.90 2.21 11.05
C GLU A 31 -8.15 0.76 11.43
N LYS A 32 -7.87 -0.16 10.50
CA LYS A 32 -8.07 -1.58 10.75
C LYS A 32 -7.64 -2.40 9.54
N VAL A 33 -6.42 -2.94 9.61
CA VAL A 33 -5.89 -3.76 8.52
C VAL A 33 -5.22 -5.02 9.06
N ASP A 34 -5.14 -6.04 8.19
CA ASP A 34 -4.52 -7.30 8.59
C ASP A 34 -3.37 -7.65 7.64
N PRO A 35 -2.18 -7.88 8.23
CA PRO A 35 -0.97 -8.23 7.47
C PRO A 35 -1.07 -9.62 6.85
N GLU A 36 -1.66 -10.56 7.60
CA GLU A 36 -1.81 -11.93 7.12
C GLU A 36 -2.65 -11.98 5.85
N GLU A 37 -3.79 -11.30 5.88
CA GLU A 37 -4.68 -11.27 4.73
C GLU A 37 -4.14 -10.37 3.62
N THR A 38 -3.64 -9.20 4.02
CA THR A 38 -3.08 -8.25 3.07
C THR A 38 -1.87 -8.84 2.35
N LEU A 39 -1.12 -9.68 3.06
CA LEU A 39 0.06 -10.30 2.48
C LEU A 39 -0.30 -11.17 1.28
N LYS A 40 -1.41 -11.89 1.40
CA LYS A 40 -1.88 -12.75 0.32
C LYS A 40 -2.35 -11.93 -0.88
N LYS A 41 -3.21 -10.95 -0.61
CA LYS A 41 -3.74 -10.09 -1.68
C LYS A 41 -2.61 -9.27 -2.31
N LEU A 42 -1.68 -8.81 -1.47
CA LEU A 42 -0.56 -8.01 -1.95
C LEU A 42 0.43 -8.88 -2.74
N GLU A 43 0.72 -10.06 -2.21
CA GLU A 43 1.65 -10.98 -2.86
C GLU A 43 1.06 -11.51 -4.16
N GLU A 44 -0.22 -11.87 -4.13
CA GLU A 44 -0.89 -12.39 -5.31
C GLU A 44 -1.06 -11.31 -6.37
N TRP A 45 -1.36 -10.10 -5.92
CA TRP A 45 -1.55 -8.97 -6.82
C TRP A 45 -0.26 -8.65 -7.57
N ILE A 46 0.83 -8.51 -6.83
CA ILE A 46 2.13 -8.20 -7.42
C ILE A 46 2.59 -9.32 -8.35
N LYS A 47 2.34 -10.56 -7.95
CA LYS A 47 2.72 -11.71 -8.75
C LYS A 47 2.06 -11.66 -10.12
N GLU A 48 0.75 -11.42 -10.15
CA GLU A 48 0.00 -11.34 -11.38
C GLU A 48 0.34 -10.06 -12.15
N ASN A 49 0.33 -8.93 -11.44
CA ASN A 49 0.64 -7.65 -12.04
C ASN A 49 2.02 -7.66 -12.68
N ILE A 50 2.98 -8.28 -12.01
CA ILE A 50 4.34 -8.37 -12.51
C ILE A 50 4.38 -9.02 -13.89
N LYS A 51 3.54 -10.03 -14.08
CA LYS A 51 3.47 -10.74 -15.35
C LYS A 51 2.97 -9.81 -16.46
N LYS A 52 2.09 -8.89 -16.10
CA LYS A 52 1.54 -7.94 -17.07
C LYS A 52 2.48 -6.76 -17.27
N TYR A 53 3.15 -6.36 -16.19
CA TYR A 53 4.09 -5.24 -16.25
C TYR A 53 5.42 -5.60 -15.61
N PRO A 54 6.29 -6.24 -16.41
CA PRO A 54 7.61 -6.67 -15.94
C PRO A 54 8.56 -5.49 -15.71
N GLU A 55 8.28 -4.37 -16.37
CA GLU A 55 9.09 -3.18 -16.23
C GLU A 55 8.92 -2.56 -14.84
N TYR A 56 7.75 -2.80 -14.25
CA TYR A 56 7.46 -2.26 -12.92
C TYR A 56 7.77 -3.29 -11.83
N LYS A 57 8.06 -4.52 -12.26
CA LYS A 57 8.37 -5.60 -11.33
C LYS A 57 9.42 -5.15 -10.31
N ASP A 58 10.36 -4.33 -10.76
CA ASP A 58 11.42 -3.83 -9.89
C ASP A 58 10.83 -3.05 -8.72
N GLU A 59 9.92 -2.13 -9.03
CA GLU A 59 9.30 -1.31 -8.00
C GLU A 59 8.40 -2.16 -7.10
N LEU A 60 7.59 -3.01 -7.73
CA LEU A 60 6.68 -3.87 -6.99
C LEU A 60 7.45 -4.78 -6.03
N GLU A 61 8.59 -5.28 -6.48
CA GLU A 61 9.42 -6.15 -5.65
C GLU A 61 9.91 -5.42 -4.41
N VAL A 62 10.23 -4.15 -4.56
CA VAL A 62 10.70 -3.34 -3.44
C VAL A 62 9.66 -3.24 -2.34
N ALA A 63 8.44 -2.88 -2.72
CA ALA A 63 7.35 -2.77 -1.77
C ALA A 63 7.09 -4.10 -1.05
N TYR A 64 7.02 -5.18 -1.82
CA TYR A 64 6.78 -6.50 -1.26
C TYR A 64 7.89 -6.88 -0.28
N ASN A 65 9.12 -6.55 -0.64
CA ASN A 65 10.28 -6.86 0.21
C ASN A 65 10.10 -6.24 1.59
N SER A 66 9.60 -5.01 1.63
CA SER A 66 9.39 -4.31 2.89
C SER A 66 8.31 -4.98 3.72
N ALA A 67 7.17 -5.26 3.08
CA ALA A 67 6.06 -5.91 3.77
C ALA A 67 6.46 -7.29 4.28
N LYS A 68 7.22 -8.02 3.49
CA LYS A 68 7.68 -9.35 3.86
C LYS A 68 8.68 -9.28 5.00
N LEU A 69 9.53 -8.26 4.98
CA LEU A 69 10.54 -8.08 6.02
C LEU A 69 9.89 -8.00 7.40
N PHE A 70 8.87 -7.17 7.51
CA PHE A 70 8.16 -7.00 8.79
C PHE A 70 7.33 -8.24 9.12
N LEU A 71 6.68 -8.79 8.10
CA LEU A 71 5.85 -9.99 8.28
C LEU A 71 6.70 -11.18 8.70
N GLU A 72 7.98 -11.16 8.35
CA GLU A 72 8.90 -12.23 8.69
C GLU A 72 9.16 -12.26 10.19
N SER A 73 8.97 -11.12 10.84
CA SER A 73 9.19 -11.01 12.28
C SER A 73 7.86 -10.79 13.02
N PRO A 74 7.09 -11.87 13.17
CA PRO A 74 5.79 -11.82 13.85
C PRO A 74 5.93 -11.60 15.36
N LEU A 75 6.18 -10.35 15.73
CA LEU A 75 6.34 -9.99 17.14
C LEU A 75 6.35 -8.48 17.34
N VAL A 76 6.97 -7.78 16.40
CA VAL A 76 7.05 -6.33 16.46
C VAL A 76 5.68 -5.69 16.32
N GLU A 77 5.02 -5.48 17.45
CA GLU A 77 3.68 -4.89 17.46
C GLU A 77 3.77 -3.37 17.58
N GLY A 78 3.92 -2.69 16.45
CA GLY A 78 4.01 -1.24 16.45
C GLY A 78 3.62 -0.63 15.13
N PRO A 79 4.05 0.62 14.89
CA PRO A 79 3.75 1.34 13.65
C PRO A 79 4.48 0.76 12.45
N GLY A 80 5.56 0.03 12.72
CA GLY A 80 6.33 -0.58 11.65
C GLY A 80 5.51 -1.53 10.81
N LYS A 81 4.58 -2.24 11.45
CA LYS A 81 3.73 -3.20 10.76
C LYS A 81 2.74 -2.47 9.85
N VAL A 82 2.04 -1.48 10.40
CA VAL A 82 1.07 -0.72 9.64
C VAL A 82 1.74 0.10 8.55
N ARG A 83 2.91 0.63 8.85
CA ARG A 83 3.66 1.44 7.89
C ARG A 83 4.19 0.57 6.74
N ALA A 84 4.54 -0.66 7.06
CA ALA A 84 5.06 -1.59 6.06
C ALA A 84 4.01 -1.87 4.98
N ILE A 85 2.80 -2.17 5.41
CA ILE A 85 1.71 -2.46 4.48
C ILE A 85 1.24 -1.19 3.78
N GLY A 86 1.03 -0.13 4.56
CA GLY A 86 0.59 1.13 4.00
C GLY A 86 1.58 1.71 3.01
N ARG A 87 2.86 1.48 3.27
CA ARG A 87 3.93 1.99 2.39
C ARG A 87 3.78 1.43 0.98
N VAL A 88 3.56 0.12 0.89
CA VAL A 88 3.40 -0.54 -0.40
C VAL A 88 2.20 0.03 -1.16
N LEU A 89 1.08 0.17 -0.47
CA LEU A 89 -0.13 0.70 -1.08
C LEU A 89 0.14 2.03 -1.76
N TRP A 90 0.95 2.87 -1.12
CA TRP A 90 1.29 4.18 -1.67
C TRP A 90 2.12 4.03 -2.94
N THR A 91 3.01 3.05 -2.95
CA THR A 91 3.87 2.80 -4.11
C THR A 91 3.04 2.53 -5.36
N ILE A 92 2.06 1.64 -5.24
CA ILE A 92 1.20 1.29 -6.35
C ILE A 92 0.41 2.50 -6.83
N LYS A 93 0.00 3.34 -5.88
CA LYS A 93 -0.77 4.54 -6.20
C LYS A 93 -0.02 5.42 -7.18
N ARG A 94 1.28 5.61 -6.92
CA ARG A 94 2.11 6.45 -7.78
C ARG A 94 2.25 5.83 -9.17
N LEU A 95 2.38 4.51 -9.22
CA LEU A 95 2.52 3.80 -10.49
C LEU A 95 1.33 4.09 -11.40
N ASN A 96 0.21 4.47 -10.80
CA ASN A 96 -0.99 4.78 -11.56
C ASN A 96 -1.57 3.52 -12.20
N ILE A 97 -1.75 2.49 -11.39
CA ILE A 97 -2.29 1.22 -11.88
C ILE A 97 -3.52 0.81 -11.08
N ASP A 98 -4.67 0.78 -11.75
CA ASP A 98 -5.92 0.40 -11.11
C ASP A 98 -5.78 -0.94 -10.39
N SER A 99 -5.84 -0.89 -9.06
CA SER A 99 -5.71 -2.09 -8.25
C SER A 99 -6.90 -2.26 -7.31
N PRO A 100 -7.20 -3.51 -6.94
CA PRO A 100 -8.32 -3.83 -6.05
C PRO A 100 -8.07 -3.35 -4.62
N PHE A 101 -8.15 -2.04 -4.42
CA PHE A 101 -7.94 -1.45 -3.10
C PHE A 101 -8.70 -0.13 -2.97
N VAL A 102 -8.41 0.79 -3.89
CA VAL A 102 -9.06 2.10 -3.87
C VAL A 102 -10.53 1.98 -4.20
#